data_4Z1R
# 
_entry.id   4Z1R 
# 
_audit_conform.dict_name       mmcif_pdbx.dic 
_audit_conform.dict_version    5.383 
_audit_conform.dict_location   http://mmcif.pdb.org/dictionaries/ascii/mmcif_pdbx.dic 
# 
loop_
_database_2.database_id 
_database_2.database_code 
_database_2.pdbx_database_accession 
_database_2.pdbx_DOI 
PDB   4Z1R         pdb_00004z1r 10.2210/pdb4z1r/pdb 
WWPDB D_1000208457 ?            ?                   
# 
loop_
_pdbx_audit_revision_history.ordinal 
_pdbx_audit_revision_history.data_content_type 
_pdbx_audit_revision_history.major_revision 
_pdbx_audit_revision_history.minor_revision 
_pdbx_audit_revision_history.revision_date 
1 'Structure model' 1 0 2015-11-18 
2 'Structure model' 1 1 2020-03-25 
3 'Structure model' 1 2 2020-04-22 
4 'Structure model' 1 3 2024-01-10 
# 
_pdbx_audit_revision_details.ordinal             1 
_pdbx_audit_revision_details.revision_ordinal    1 
_pdbx_audit_revision_details.data_content_type   'Structure model' 
_pdbx_audit_revision_details.provider            repository 
_pdbx_audit_revision_details.type                'Initial release' 
_pdbx_audit_revision_details.description         ? 
_pdbx_audit_revision_details.details             ? 
# 
loop_
_pdbx_audit_revision_group.ordinal 
_pdbx_audit_revision_group.revision_ordinal 
_pdbx_audit_revision_group.data_content_type 
_pdbx_audit_revision_group.group 
1 2 'Structure model' 'Database references'    
2 3 'Structure model' 'Database references'    
3 4 'Structure model' 'Data collection'        
4 4 'Structure model' 'Database references'    
5 4 'Structure model' 'Refinement description' 
# 
loop_
_pdbx_audit_revision_category.ordinal 
_pdbx_audit_revision_category.revision_ordinal 
_pdbx_audit_revision_category.data_content_type 
_pdbx_audit_revision_category.category 
1 2 'Structure model' pdbx_related_exp_data_set     
2 3 'Structure model' pdbx_related_exp_data_set     
3 4 'Structure model' chem_comp_atom                
4 4 'Structure model' chem_comp_bond                
5 4 'Structure model' database_2                    
6 4 'Structure model' pdbx_initial_refinement_model 
# 
loop_
_pdbx_audit_revision_item.ordinal 
_pdbx_audit_revision_item.revision_ordinal 
_pdbx_audit_revision_item.data_content_type 
_pdbx_audit_revision_item.item 
1 4 'Structure model' '_database_2.pdbx_DOI'                
2 4 'Structure model' '_database_2.pdbx_database_accession' 
# 
_pdbx_database_status.status_code                     REL 
_pdbx_database_status.status_code_sf                  REL 
_pdbx_database_status.status_code_mr                  ? 
_pdbx_database_status.entry_id                        4Z1R 
_pdbx_database_status.recvd_initial_deposition_date   2015-03-27 
_pdbx_database_status.SG_entry                        N 
_pdbx_database_status.deposit_site                    RCSB 
_pdbx_database_status.process_site                    PDBE 
_pdbx_database_status.status_code_cs                  ? 
_pdbx_database_status.methods_development_category    ? 
_pdbx_database_status.pdb_format_compatible           Y 
_pdbx_database_status.status_code_nmr_data            ? 
# 
loop_
_audit_author.name 
_audit_author.pdbx_ordinal 
'Plonska-Brzezinska, M.E.' 1 
'Czyrko, J.'               2 
'Brus, D.M.'               3 
'Imierska, M.'             4 
'Brzezinski, K.'           5 
# 
_citation.abstract                  ? 
_citation.abstract_id_CAS           ? 
_citation.book_id_ISBN              ? 
_citation.book_publisher            ? 
_citation.book_publisher_city       ? 
_citation.book_title                ? 
_citation.coordinate_linkage        ? 
_citation.country                   UK 
_citation.database_id_Medline       ? 
_citation.details                   ? 
_citation.id                        primary 
_citation.journal_abbrev            'Rsc Adv' 
_citation.journal_id_ASTM           ? 
_citation.journal_id_CSD            ? 
_citation.journal_id_ISSN           2046-2069 
_citation.journal_full              ? 
_citation.journal_issue             ? 
_citation.journal_volume            5 
_citation.language                  ? 
_citation.page_first                95443 
_citation.page_last                 95453 
_citation.title                     'Triple helical collagen-like peptide interactions with selected polyphenolic compounds.' 
_citation.year                      2015 
_citation.database_id_CSD           ? 
_citation.pdbx_database_id_DOI      10.1039/c5ra15469c 
_citation.pdbx_database_id_PubMed   ? 
_citation.unpublished_flag          ? 
# 
loop_
_citation_author.citation_id 
_citation_author.name 
_citation_author.ordinal 
_citation_author.identifier_ORCID 
primary 'Plonska-Brzezinska, M.E.' 1 ? 
primary 'Bobrowska, D.M.'          2 ? 
primary 'Sharma, A.'               3 ? 
primary 'Rodziewicz, P.'           4 ? 
primary 'Tomczyk, M.'              5 ? 
primary 'Czyrko, J.'               6 ? 
primary 'Brzezinski, K.'           7 ? 
# 
loop_
_entity.id 
_entity.type 
_entity.src_method 
_entity.pdbx_description 
_entity.formula_weight 
_entity.pdbx_number_of_molecules 
_entity.pdbx_ec 
_entity.pdbx_mutation 
_entity.pdbx_fragment 
_entity.details 
1 polymer syn 'Collagen-like peptide' 2704.854 3   ? ? ? ? 
2 water   nat water                   18.015   188 ? ? ? ? 
# 
_entity_poly.entity_id                      1 
_entity_poly.type                           'polypeptide(L)' 
_entity_poly.nstd_linkage                   no 
_entity_poly.nstd_monomer                   yes 
_entity_poly.pdbx_seq_one_letter_code       'P(HYP)GP(HYP)GP(HYP)GP(HYP)GP(HYP)AP(HYP)GP(HYP)GP(HYP)GP(HYP)GP(HYP)G' 
_entity_poly.pdbx_seq_one_letter_code_can   PPGPPGPPGPPGPPAPPGPPGPPGPPGPPG 
_entity_poly.pdbx_strand_id                 A,B,C 
_entity_poly.pdbx_target_identifier         ? 
# 
_pdbx_entity_nonpoly.entity_id   2 
_pdbx_entity_nonpoly.name        water 
_pdbx_entity_nonpoly.comp_id     HOH 
# 
loop_
_entity_poly_seq.entity_id 
_entity_poly_seq.num 
_entity_poly_seq.mon_id 
_entity_poly_seq.hetero 
1 1  PRO n 
1 2  HYP n 
1 3  GLY n 
1 4  PRO n 
1 5  HYP n 
1 6  GLY n 
1 7  PRO n 
1 8  HYP n 
1 9  GLY n 
1 10 PRO n 
1 11 HYP n 
1 12 GLY n 
1 13 PRO n 
1 14 HYP n 
1 15 ALA n 
1 16 PRO n 
1 17 HYP n 
1 18 GLY n 
1 19 PRO n 
1 20 HYP n 
1 21 GLY n 
1 22 PRO n 
1 23 HYP n 
1 24 GLY n 
1 25 PRO n 
1 26 HYP n 
1 27 GLY n 
1 28 PRO n 
1 29 HYP n 
1 30 GLY n 
# 
_pdbx_entity_src_syn.entity_id              1 
_pdbx_entity_src_syn.pdbx_src_id            1 
_pdbx_entity_src_syn.pdbx_alt_source_flag   sample 
_pdbx_entity_src_syn.pdbx_beg_seq_num       1 
_pdbx_entity_src_syn.pdbx_end_seq_num       30 
_pdbx_entity_src_syn.organism_scientific    'synthetic construct' 
_pdbx_entity_src_syn.organism_common_name   ? 
_pdbx_entity_src_syn.ncbi_taxonomy_id       32630 
_pdbx_entity_src_syn.details                ? 
# 
loop_
_chem_comp.id 
_chem_comp.type 
_chem_comp.mon_nstd_flag 
_chem_comp.name 
_chem_comp.pdbx_synonyms 
_chem_comp.formula 
_chem_comp.formula_weight 
ALA 'L-peptide linking' y ALANINE          ?              'C3 H7 N O2' 89.093  
GLY 'peptide linking'   y GLYCINE          ?              'C2 H5 N O2' 75.067  
HOH non-polymer         . WATER            ?              'H2 O'       18.015  
HYP 'L-peptide linking' n 4-HYDROXYPROLINE HYDROXYPROLINE 'C5 H9 N O3' 131.130 
PRO 'L-peptide linking' y PROLINE          ?              'C5 H9 N O2' 115.130 
# 
loop_
_pdbx_poly_seq_scheme.asym_id 
_pdbx_poly_seq_scheme.entity_id 
_pdbx_poly_seq_scheme.seq_id 
_pdbx_poly_seq_scheme.mon_id 
_pdbx_poly_seq_scheme.ndb_seq_num 
_pdbx_poly_seq_scheme.pdb_seq_num 
_pdbx_poly_seq_scheme.auth_seq_num 
_pdbx_poly_seq_scheme.pdb_mon_id 
_pdbx_poly_seq_scheme.auth_mon_id 
_pdbx_poly_seq_scheme.pdb_strand_id 
_pdbx_poly_seq_scheme.pdb_ins_code 
_pdbx_poly_seq_scheme.hetero 
A 1 1  PRO 1  1  1  PRO PRO A . n 
A 1 2  HYP 2  2  2  HYP HYP A . n 
A 1 3  GLY 3  3  3  GLY GLY A . n 
A 1 4  PRO 4  4  4  PRO PRO A . n 
A 1 5  HYP 5  5  5  HYP HYP A . n 
A 1 6  GLY 6  6  6  GLY GLY A . n 
A 1 7  PRO 7  7  7  PRO PRO A . n 
A 1 8  HYP 8  8  8  HYP HYP A . n 
A 1 9  GLY 9  9  9  GLY GLY A . n 
A 1 10 PRO 10 10 10 PRO PRO A . n 
A 1 11 HYP 11 11 11 HYP HYP A . n 
A 1 12 GLY 12 12 12 GLY GLY A . n 
A 1 13 PRO 13 13 13 PRO PRO A . n 
A 1 14 HYP 14 14 14 HYP HYP A . n 
A 1 15 ALA 15 15 15 ALA ALA A . n 
A 1 16 PRO 16 16 16 PRO PRO A . n 
A 1 17 HYP 17 17 17 HYP HYP A . n 
A 1 18 GLY 18 18 18 GLY GLY A . n 
A 1 19 PRO 19 19 19 PRO PRO A . n 
A 1 20 HYP 20 20 20 HYP HYP A . n 
A 1 21 GLY 21 21 21 GLY GLY A . n 
A 1 22 PRO 22 22 22 PRO PRO A . n 
A 1 23 HYP 23 23 23 HYP HYP A . n 
A 1 24 GLY 24 24 24 GLY GLY A . n 
A 1 25 PRO 25 25 25 PRO PRO A . n 
A 1 26 HYP 26 26 26 HYP HYP A . n 
A 1 27 GLY 27 27 27 GLY GLY A . n 
A 1 28 PRO 28 28 ?  ?   ?   A . n 
A 1 29 HYP 29 29 ?  ?   ?   A . n 
A 1 30 GLY 30 30 ?  ?   ?   A . n 
B 1 1  PRO 1  31 ?  ?   ?   B . n 
B 1 2  HYP 2  32 ?  ?   ?   B . n 
B 1 3  GLY 3  33 33 GLY GLY B . n 
B 1 4  PRO 4  34 34 PRO PRO B . n 
B 1 5  HYP 5  35 35 HYP HYP B . n 
B 1 6  GLY 6  36 36 GLY GLY B . n 
B 1 7  PRO 7  37 37 PRO PRO B . n 
B 1 8  HYP 8  38 38 HYP HYP B . n 
B 1 9  GLY 9  39 39 GLY GLY B . n 
B 1 10 PRO 10 40 40 PRO PRO B . n 
B 1 11 HYP 11 41 41 HYP HYP B . n 
B 1 12 GLY 12 42 42 GLY GLY B . n 
B 1 13 PRO 13 43 43 PRO PRO B . n 
B 1 14 HYP 14 44 44 HYP HYP B . n 
B 1 15 ALA 15 45 45 ALA ALA B . n 
B 1 16 PRO 16 46 46 PRO PRO B . n 
B 1 17 HYP 17 47 47 HYP HYP B . n 
B 1 18 GLY 18 48 48 GLY GLY B . n 
B 1 19 PRO 19 49 49 PRO PRO B . n 
B 1 20 HYP 20 50 50 HYP HYP B . n 
B 1 21 GLY 21 51 51 GLY GLY B . n 
B 1 22 PRO 22 52 52 PRO PRO B . n 
B 1 23 HYP 23 53 53 HYP HYP B . n 
B 1 24 GLY 24 54 54 GLY GLY B . n 
B 1 25 PRO 25 55 55 PRO PRO B . n 
B 1 26 HYP 26 56 56 HYP HYP B . n 
B 1 27 GLY 27 57 57 GLY GLY B . n 
B 1 28 PRO 28 58 58 PRO PRO B . n 
B 1 29 HYP 29 59 ?  ?   ?   B . n 
B 1 30 GLY 30 60 ?  ?   ?   B . n 
C 1 1  PRO 1  61 ?  ?   ?   C . n 
C 1 2  HYP 2  62 ?  ?   ?   C . n 
C 1 3  GLY 3  63 63 GLY GLY C . n 
C 1 4  PRO 4  64 64 PRO PRO C . n 
C 1 5  HYP 5  65 65 HYP HYP C . n 
C 1 6  GLY 6  66 66 GLY GLY C . n 
C 1 7  PRO 7  67 67 PRO PRO C . n 
C 1 8  HYP 8  68 68 HYP HYP C . n 
C 1 9  GLY 9  69 69 GLY GLY C . n 
C 1 10 PRO 10 70 70 PRO PRO C . n 
C 1 11 HYP 11 71 71 HYP HYP C . n 
C 1 12 GLY 12 72 72 GLY GLY C . n 
C 1 13 PRO 13 73 73 PRO PRO C . n 
C 1 14 HYP 14 74 74 HYP HYP C . n 
C 1 15 ALA 15 75 75 ALA ALA C . n 
C 1 16 PRO 16 76 76 PRO PRO C . n 
C 1 17 HYP 17 77 77 HYP HYP C . n 
C 1 18 GLY 18 78 78 GLY GLY C . n 
C 1 19 PRO 19 79 79 PRO PRO C . n 
C 1 20 HYP 20 80 80 HYP HYP C . n 
C 1 21 GLY 21 81 81 GLY GLY C . n 
C 1 22 PRO 22 82 82 PRO PRO C . n 
C 1 23 HYP 23 83 83 HYP HYP C . n 
C 1 24 GLY 24 84 84 GLY GLY C . n 
C 1 25 PRO 25 85 85 PRO PRO C . n 
C 1 26 HYP 26 86 86 HYP HYP C . n 
C 1 27 GLY 27 87 87 GLY GLY C . n 
C 1 28 PRO 28 88 ?  ?   ?   C . n 
C 1 29 HYP 29 89 ?  ?   ?   C . n 
C 1 30 GLY 30 90 ?  ?   ?   C . n 
# 
loop_
_pdbx_nonpoly_scheme.asym_id 
_pdbx_nonpoly_scheme.entity_id 
_pdbx_nonpoly_scheme.mon_id 
_pdbx_nonpoly_scheme.ndb_seq_num 
_pdbx_nonpoly_scheme.pdb_seq_num 
_pdbx_nonpoly_scheme.auth_seq_num 
_pdbx_nonpoly_scheme.pdb_mon_id 
_pdbx_nonpoly_scheme.auth_mon_id 
_pdbx_nonpoly_scheme.pdb_strand_id 
_pdbx_nonpoly_scheme.pdb_ins_code 
D 2 HOH 1  101 164 HOH HOH A . 
D 2 HOH 2  102 125 HOH HOH A . 
D 2 HOH 3  103 159 HOH HOH A . 
D 2 HOH 4  104 39  HOH HOH A . 
D 2 HOH 5  105 174 HOH HOH A . 
D 2 HOH 6  106 79  HOH HOH A . 
D 2 HOH 7  107 24  HOH HOH A . 
D 2 HOH 8  108 84  HOH HOH A . 
D 2 HOH 9  109 36  HOH HOH A . 
D 2 HOH 10 110 17  HOH HOH A . 
D 2 HOH 11 111 78  HOH HOH A . 
D 2 HOH 12 112 163 HOH HOH A . 
D 2 HOH 13 113 16  HOH HOH A . 
D 2 HOH 14 114 15  HOH HOH A . 
D 2 HOH 15 115 57  HOH HOH A . 
D 2 HOH 16 116 25  HOH HOH A . 
D 2 HOH 17 117 10  HOH HOH A . 
D 2 HOH 18 118 14  HOH HOH A . 
D 2 HOH 19 119 149 HOH HOH A . 
D 2 HOH 20 120 55  HOH HOH A . 
D 2 HOH 21 121 80  HOH HOH A . 
D 2 HOH 22 122 160 HOH HOH A . 
D 2 HOH 23 123 185 HOH HOH A . 
D 2 HOH 24 124 82  HOH HOH A . 
D 2 HOH 25 125 63  HOH HOH A . 
D 2 HOH 26 126 186 HOH HOH A . 
D 2 HOH 27 127 42  HOH HOH A . 
D 2 HOH 28 128 38  HOH HOH A . 
D 2 HOH 29 129 47  HOH HOH A . 
D 2 HOH 30 130 32  HOH HOH A . 
D 2 HOH 31 131 140 HOH HOH A . 
D 2 HOH 32 132 158 HOH HOH A . 
D 2 HOH 33 133 167 HOH HOH A . 
D 2 HOH 34 134 147 HOH HOH A . 
D 2 HOH 35 135 143 HOH HOH A . 
D 2 HOH 36 136 152 HOH HOH A . 
D 2 HOH 37 137 61  HOH HOH A . 
D 2 HOH 38 138 19  HOH HOH A . 
D 2 HOH 39 139 83  HOH HOH A . 
D 2 HOH 40 140 155 HOH HOH A . 
D 2 HOH 41 141 142 HOH HOH A . 
D 2 HOH 42 142 119 HOH HOH A . 
D 2 HOH 43 143 107 HOH HOH A . 
D 2 HOH 44 144 85  HOH HOH A . 
D 2 HOH 45 145 74  HOH HOH A . 
D 2 HOH 46 146 114 HOH HOH A . 
D 2 HOH 47 147 54  HOH HOH A . 
D 2 HOH 48 148 21  HOH HOH A . 
D 2 HOH 49 149 76  HOH HOH A . 
D 2 HOH 50 150 134 HOH HOH A . 
D 2 HOH 51 151 184 HOH HOH A . 
D 2 HOH 52 152 136 HOH HOH A . 
D 2 HOH 53 153 124 HOH HOH A . 
D 2 HOH 54 154 66  HOH HOH A . 
D 2 HOH 55 155 27  HOH HOH A . 
D 2 HOH 56 156 31  HOH HOH A . 
D 2 HOH 57 157 102 HOH HOH A . 
D 2 HOH 58 158 108 HOH HOH A . 
D 2 HOH 59 159 178 HOH HOH A . 
D 2 HOH 60 160 141 HOH HOH A . 
D 2 HOH 61 161 137 HOH HOH A . 
D 2 HOH 62 162 123 HOH HOH A . 
D 2 HOH 63 163 115 HOH HOH A . 
D 2 HOH 64 164 109 HOH HOH A . 
D 2 HOH 65 165 132 HOH HOH A . 
D 2 HOH 66 166 148 HOH HOH A . 
E 2 HOH 1  101 89  HOH HOH B . 
E 2 HOH 2  102 153 HOH HOH B . 
E 2 HOH 3  103 37  HOH HOH B . 
E 2 HOH 4  104 157 HOH HOH B . 
E 2 HOH 5  105 146 HOH HOH B . 
E 2 HOH 6  106 156 HOH HOH B . 
E 2 HOH 7  107 88  HOH HOH B . 
E 2 HOH 8  108 60  HOH HOH B . 
E 2 HOH 9  109 7   HOH HOH B . 
E 2 HOH 10 110 81  HOH HOH B . 
E 2 HOH 11 111 12  HOH HOH B . 
E 2 HOH 12 112 9   HOH HOH B . 
E 2 HOH 13 113 20  HOH HOH B . 
E 2 HOH 14 114 168 HOH HOH B . 
E 2 HOH 15 115 64  HOH HOH B . 
E 2 HOH 16 116 166 HOH HOH B . 
E 2 HOH 17 117 130 HOH HOH B . 
E 2 HOH 18 118 58  HOH HOH B . 
E 2 HOH 19 119 28  HOH HOH B . 
E 2 HOH 20 120 188 HOH HOH B . 
E 2 HOH 21 121 51  HOH HOH B . 
E 2 HOH 22 122 179 HOH HOH B . 
E 2 HOH 23 123 2   HOH HOH B . 
E 2 HOH 24 124 48  HOH HOH B . 
E 2 HOH 25 125 171 HOH HOH B . 
E 2 HOH 26 126 75  HOH HOH B . 
E 2 HOH 27 127 172 HOH HOH B . 
E 2 HOH 28 128 92  HOH HOH B . 
E 2 HOH 29 129 181 HOH HOH B . 
E 2 HOH 30 130 91  HOH HOH B . 
E 2 HOH 31 131 22  HOH HOH B . 
E 2 HOH 32 132 23  HOH HOH B . 
E 2 HOH 33 133 96  HOH HOH B . 
E 2 HOH 34 134 180 HOH HOH B . 
E 2 HOH 35 135 34  HOH HOH B . 
E 2 HOH 36 136 43  HOH HOH B . 
E 2 HOH 37 137 72  HOH HOH B . 
E 2 HOH 38 138 41  HOH HOH B . 
E 2 HOH 39 139 73  HOH HOH B . 
E 2 HOH 40 140 182 HOH HOH B . 
E 2 HOH 41 141 169 HOH HOH B . 
E 2 HOH 42 142 95  HOH HOH B . 
E 2 HOH 43 143 135 HOH HOH B . 
E 2 HOH 44 144 103 HOH HOH B . 
E 2 HOH 45 145 138 HOH HOH B . 
E 2 HOH 46 146 118 HOH HOH B . 
E 2 HOH 47 147 129 HOH HOH B . 
E 2 HOH 48 148 52  HOH HOH B . 
E 2 HOH 49 149 67  HOH HOH B . 
E 2 HOH 50 150 126 HOH HOH B . 
E 2 HOH 51 151 131 HOH HOH B . 
E 2 HOH 52 152 59  HOH HOH B . 
E 2 HOH 53 153 65  HOH HOH B . 
E 2 HOH 54 154 46  HOH HOH B . 
E 2 HOH 55 155 150 HOH HOH B . 
E 2 HOH 56 156 87  HOH HOH B . 
E 2 HOH 57 157 111 HOH HOH B . 
E 2 HOH 58 158 175 HOH HOH B . 
E 2 HOH 59 159 110 HOH HOH B . 
E 2 HOH 60 160 106 HOH HOH B . 
E 2 HOH 61 161 113 HOH HOH B . 
E 2 HOH 62 162 173 HOH HOH B . 
E 2 HOH 63 163 139 HOH HOH B . 
E 2 HOH 64 164 112 HOH HOH B . 
E 2 HOH 65 165 183 HOH HOH B . 
F 2 HOH 1  101 93  HOH HOH C . 
F 2 HOH 2  102 90  HOH HOH C . 
F 2 HOH 3  103 151 HOH HOH C . 
F 2 HOH 4  104 11  HOH HOH C . 
F 2 HOH 5  105 29  HOH HOH C . 
F 2 HOH 6  106 44  HOH HOH C . 
F 2 HOH 7  107 71  HOH HOH C . 
F 2 HOH 8  108 161 HOH HOH C . 
F 2 HOH 9  109 8   HOH HOH C . 
F 2 HOH 10 110 53  HOH HOH C . 
F 2 HOH 11 111 56  HOH HOH C . 
F 2 HOH 12 112 50  HOH HOH C . 
F 2 HOH 13 113 49  HOH HOH C . 
F 2 HOH 14 114 1   HOH HOH C . 
F 2 HOH 15 115 18  HOH HOH C . 
F 2 HOH 16 116 3   HOH HOH C . 
F 2 HOH 17 117 30  HOH HOH C . 
F 2 HOH 18 118 70  HOH HOH C . 
F 2 HOH 19 119 62  HOH HOH C . 
F 2 HOH 20 120 4   HOH HOH C . 
F 2 HOH 21 121 165 HOH HOH C . 
F 2 HOH 22 122 33  HOH HOH C . 
F 2 HOH 23 123 40  HOH HOH C . 
F 2 HOH 24 124 6   HOH HOH C . 
F 2 HOH 25 125 162 HOH HOH C . 
F 2 HOH 26 126 13  HOH HOH C . 
F 2 HOH 27 127 100 HOH HOH C . 
F 2 HOH 28 128 5   HOH HOH C . 
F 2 HOH 29 129 26  HOH HOH C . 
F 2 HOH 30 130 35  HOH HOH C . 
F 2 HOH 31 131 99  HOH HOH C . 
F 2 HOH 32 132 94  HOH HOH C . 
F 2 HOH 33 133 154 HOH HOH C . 
F 2 HOH 34 134 45  HOH HOH C . 
F 2 HOH 35 135 97  HOH HOH C . 
F 2 HOH 36 136 101 HOH HOH C . 
F 2 HOH 37 137 77  HOH HOH C . 
F 2 HOH 38 138 133 HOH HOH C . 
F 2 HOH 39 139 68  HOH HOH C . 
F 2 HOH 40 140 187 HOH HOH C . 
F 2 HOH 41 141 144 HOH HOH C . 
F 2 HOH 42 142 177 HOH HOH C . 
F 2 HOH 43 143 69  HOH HOH C . 
F 2 HOH 44 144 170 HOH HOH C . 
F 2 HOH 45 145 127 HOH HOH C . 
F 2 HOH 46 146 86  HOH HOH C . 
F 2 HOH 47 147 105 HOH HOH C . 
F 2 HOH 48 148 117 HOH HOH C . 
F 2 HOH 49 149 98  HOH HOH C . 
F 2 HOH 50 150 104 HOH HOH C . 
F 2 HOH 51 151 128 HOH HOH C . 
F 2 HOH 52 152 116 HOH HOH C . 
F 2 HOH 53 153 120 HOH HOH C . 
F 2 HOH 54 154 176 HOH HOH C . 
F 2 HOH 55 155 145 HOH HOH C . 
F 2 HOH 56 156 122 HOH HOH C . 
F 2 HOH 57 157 121 HOH HOH C . 
# 
loop_
_pdbx_unobs_or_zero_occ_atoms.id 
_pdbx_unobs_or_zero_occ_atoms.PDB_model_num 
_pdbx_unobs_or_zero_occ_atoms.polymer_flag 
_pdbx_unobs_or_zero_occ_atoms.occupancy_flag 
_pdbx_unobs_or_zero_occ_atoms.auth_asym_id 
_pdbx_unobs_or_zero_occ_atoms.auth_comp_id 
_pdbx_unobs_or_zero_occ_atoms.auth_seq_id 
_pdbx_unobs_or_zero_occ_atoms.PDB_ins_code 
_pdbx_unobs_or_zero_occ_atoms.auth_atom_id 
_pdbx_unobs_or_zero_occ_atoms.label_alt_id 
_pdbx_unobs_or_zero_occ_atoms.label_asym_id 
_pdbx_unobs_or_zero_occ_atoms.label_comp_id 
_pdbx_unobs_or_zero_occ_atoms.label_seq_id 
_pdbx_unobs_or_zero_occ_atoms.label_atom_id 
1 1 Y 1 A GLY 27 ? C ? A GLY 27 C 
2 1 Y 1 A GLY 27 ? O ? A GLY 27 O 
# 
loop_
_software.citation_id 
_software.classification 
_software.compiler_name 
_software.compiler_version 
_software.contact_author 
_software.contact_author_email 
_software.date 
_software.description 
_software.dependencies 
_software.hardware 
_software.language 
_software.location 
_software.mods 
_software.name 
_software.os 
_software.os_version 
_software.type 
_software.version 
_software.pdbx_ordinal 
? refinement        ? ? ? ? ? ? ? ? ? ? ? REFMAC      ? ? ? 5.8.0107 1 
? 'data extraction' ? ? ? ? ? ? ? ? ? ? ? PDB_EXTRACT ? ? ? 3.15     2 
? 'data reduction'  ? ? ? ? ? ? ? ? ? ? ? XDS         ? ? ? .        3 
? 'data scaling'    ? ? ? ? ? ? ? ? ? ? ? XDS         ? ? ? .        4 
? phasing           ? ? ? ? ? ? ? ? ? ? ? REFMAC      ? ? ? .        5 
# 
_cell.angle_alpha                  90.000 
_cell.angle_alpha_esd              ? 
_cell.angle_beta                   94.590 
_cell.angle_beta_esd               ? 
_cell.angle_gamma                  90.000 
_cell.angle_gamma_esd              ? 
_cell.entry_id                     4Z1R 
_cell.details                      ? 
_cell.formula_units_Z              ? 
_cell.length_a                     171.573 
_cell.length_a_esd                 ? 
_cell.length_b                     13.939 
_cell.length_b_esd                 ? 
_cell.length_c                     24.981 
_cell.length_c_esd                 ? 
_cell.volume                       ? 
_cell.volume_esd                   ? 
_cell.Z_PDB                        12 
_cell.reciprocal_angle_alpha       ? 
_cell.reciprocal_angle_beta        ? 
_cell.reciprocal_angle_gamma       ? 
_cell.reciprocal_angle_alpha_esd   ? 
_cell.reciprocal_angle_beta_esd    ? 
_cell.reciprocal_angle_gamma_esd   ? 
_cell.reciprocal_length_a          ? 
_cell.reciprocal_length_b          ? 
_cell.reciprocal_length_c          ? 
_cell.reciprocal_length_a_esd      ? 
_cell.reciprocal_length_b_esd      ? 
_cell.reciprocal_length_c_esd      ? 
_cell.pdbx_unique_axis             ? 
# 
_symmetry.entry_id                         4Z1R 
_symmetry.cell_setting                     ? 
_symmetry.Int_Tables_number                5 
_symmetry.space_group_name_Hall            ? 
_symmetry.space_group_name_H-M             'C 1 2 1' 
_symmetry.pdbx_full_space_group_name_H-M   ? 
# 
_exptl.absorpt_coefficient_mu     ? 
_exptl.absorpt_correction_T_max   ? 
_exptl.absorpt_correction_T_min   ? 
_exptl.absorpt_correction_type    ? 
_exptl.absorpt_process_details    ? 
_exptl.entry_id                   4Z1R 
_exptl.crystals_number            1 
_exptl.details                    ? 
_exptl.method                     'X-RAY DIFFRACTION' 
_exptl.method_details             ? 
# 
_exptl_crystal.colour                      ? 
_exptl_crystal.density_diffrn              ? 
_exptl_crystal.density_Matthews            1.83 
_exptl_crystal.density_method              ? 
_exptl_crystal.density_percent_sol         32.96 
_exptl_crystal.description                 ? 
_exptl_crystal.F_000                       ? 
_exptl_crystal.id                          1 
_exptl_crystal.preparation                 ? 
_exptl_crystal.size_max                    ? 
_exptl_crystal.size_mid                    ? 
_exptl_crystal.size_min                    ? 
_exptl_crystal.size_rad                    ? 
_exptl_crystal.colour_lustre               ? 
_exptl_crystal.colour_modifier             ? 
_exptl_crystal.colour_primary              ? 
_exptl_crystal.density_meas                ? 
_exptl_crystal.density_meas_esd            ? 
_exptl_crystal.density_meas_gt             ? 
_exptl_crystal.density_meas_lt             ? 
_exptl_crystal.density_meas_temp           ? 
_exptl_crystal.density_meas_temp_esd       ? 
_exptl_crystal.density_meas_temp_gt        ? 
_exptl_crystal.density_meas_temp_lt        ? 
_exptl_crystal.pdbx_crystal_image_url      ? 
_exptl_crystal.pdbx_crystal_image_format   ? 
_exptl_crystal.pdbx_mosaicity              ? 
_exptl_crystal.pdbx_mosaicity_esd          ? 
# 
_exptl_crystal_grow.apparatus       ? 
_exptl_crystal_grow.atmosphere      ? 
_exptl_crystal_grow.crystal_id      1 
_exptl_crystal_grow.details         ? 
_exptl_crystal_grow.method          'VAPOR DIFFUSION, HANGING DROP' 
_exptl_crystal_grow.method_ref      ? 
_exptl_crystal_grow.pH              ? 
_exptl_crystal_grow.pressure        ? 
_exptl_crystal_grow.pressure_esd    ? 
_exptl_crystal_grow.seeding         ? 
_exptl_crystal_grow.seeding_ref     ? 
_exptl_crystal_grow.temp            292 
_exptl_crystal_grow.temp_details    ? 
_exptl_crystal_grow.temp_esd        ? 
_exptl_crystal_grow.time            ? 
_exptl_crystal_grow.pdbx_details    '20% PEG 400, 5% acetic acid' 
_exptl_crystal_grow.pdbx_pH_range   ? 
# 
_diffrn.ambient_environment    ? 
_diffrn.ambient_temp           100 
_diffrn.ambient_temp_details   ? 
_diffrn.ambient_temp_esd       ? 
_diffrn.crystal_id             1 
_diffrn.crystal_support        ? 
_diffrn.crystal_treatment      ? 
_diffrn.details                ? 
_diffrn.id                     1 
_diffrn.ambient_pressure       ? 
_diffrn.ambient_pressure_esd   ? 
_diffrn.ambient_pressure_gt    ? 
_diffrn.ambient_pressure_lt    ? 
_diffrn.ambient_temp_gt        ? 
_diffrn.ambient_temp_lt        ? 
# 
_diffrn_detector.details                      ? 
_diffrn_detector.detector                     CCD 
_diffrn_detector.diffrn_id                    1 
_diffrn_detector.type                         'RAYONIX MX-225' 
_diffrn_detector.area_resol_mean              ? 
_diffrn_detector.dtime                        ? 
_diffrn_detector.pdbx_frames_total            ? 
_diffrn_detector.pdbx_collection_time_total   ? 
_diffrn_detector.pdbx_collection_date         2013-11-13 
# 
_diffrn_radiation.collimation                      ? 
_diffrn_radiation.diffrn_id                        1 
_diffrn_radiation.filter_edge                      ? 
_diffrn_radiation.inhomogeneity                    ? 
_diffrn_radiation.monochromator                    ? 
_diffrn_radiation.polarisn_norm                    ? 
_diffrn_radiation.polarisn_ratio                   ? 
_diffrn_radiation.probe                            ? 
_diffrn_radiation.type                             ? 
_diffrn_radiation.xray_symbol                      ? 
_diffrn_radiation.wavelength_id                    1 
_diffrn_radiation.pdbx_monochromatic_or_laue_m_l   M 
_diffrn_radiation.pdbx_wavelength_list             ? 
_diffrn_radiation.pdbx_wavelength                  ? 
_diffrn_radiation.pdbx_diffrn_protocol             'SINGLE WAVELENGTH' 
_diffrn_radiation.pdbx_analyzer                    ? 
_diffrn_radiation.pdbx_scattering_type             x-ray 
# 
_diffrn_radiation_wavelength.id           1 
_diffrn_radiation_wavelength.wavelength   0.91841 
_diffrn_radiation_wavelength.wt           1.0 
# 
_diffrn_source.current                     ? 
_diffrn_source.details                     ? 
_diffrn_source.diffrn_id                   1 
_diffrn_source.power                       ? 
_diffrn_source.size                        ? 
_diffrn_source.source                      SYNCHROTRON 
_diffrn_source.target                      ? 
_diffrn_source.type                        'BESSY BEAMLINE 14.2' 
_diffrn_source.voltage                     ? 
_diffrn_source.take-off_angle              ? 
_diffrn_source.pdbx_wavelength_list        0.91841 
_diffrn_source.pdbx_wavelength             ? 
_diffrn_source.pdbx_synchrotron_beamline   14.2 
_diffrn_source.pdbx_synchrotron_site       BESSY 
# 
_reflns.B_iso_Wilson_estimate            11.523 
_reflns.entry_id                         4Z1R 
_reflns.data_reduction_details           ? 
_reflns.data_reduction_method            ? 
_reflns.d_resolution_high                1.270 
_reflns.d_resolution_low                 30.00 
_reflns.details                          ? 
_reflns.limit_h_max                      ? 
_reflns.limit_h_min                      ? 
_reflns.limit_k_max                      ? 
_reflns.limit_k_min                      ? 
_reflns.limit_l_max                      ? 
_reflns.limit_l_min                      ? 
_reflns.number_all                       ? 
_reflns.number_obs                       16057 
_reflns.observed_criterion               ? 
_reflns.observed_criterion_F_max         ? 
_reflns.observed_criterion_F_min         ? 
_reflns.observed_criterion_I_max         ? 
_reflns.observed_criterion_I_min         ? 
_reflns.observed_criterion_sigma_F       ? 
_reflns.observed_criterion_sigma_I       -3.000 
_reflns.percent_possible_obs             98.600 
_reflns.R_free_details                   ? 
_reflns.Rmerge_F_all                     ? 
_reflns.Rmerge_F_obs                     0.998 
_reflns.Friedel_coverage                 ? 
_reflns.number_gt                        ? 
_reflns.threshold_expression             ? 
_reflns.pdbx_redundancy                  3.8 
_reflns.pdbx_Rmerge_I_obs                0.052 
_reflns.pdbx_Rmerge_I_all                ? 
_reflns.pdbx_Rsym_value                  ? 
_reflns.pdbx_netI_over_av_sigmaI         ? 
_reflns.pdbx_netI_over_sigmaI            17.150 
_reflns.pdbx_res_netI_over_av_sigmaI_2   ? 
_reflns.pdbx_res_netI_over_sigmaI_2      ? 
_reflns.pdbx_chi_squared                 0.962 
_reflns.pdbx_scaling_rejects             ? 
_reflns.pdbx_d_res_high_opt              ? 
_reflns.pdbx_d_res_low_opt               ? 
_reflns.pdbx_d_res_opt_method            ? 
_reflns.phase_calculation_details        ? 
_reflns.pdbx_Rrim_I_all                  0.060 
_reflns.pdbx_Rpim_I_all                  ? 
_reflns.pdbx_d_opt                       ? 
_reflns.pdbx_number_measured_all         60616 
_reflns.pdbx_diffrn_id                   1 
_reflns.pdbx_ordinal                     1 
_reflns.pdbx_CC_half                     ? 
_reflns.pdbx_R_split                     ? 
# 
loop_
_reflns_shell.d_res_high 
_reflns_shell.d_res_low 
_reflns_shell.meanI_over_sigI_all 
_reflns_shell.meanI_over_sigI_obs 
_reflns_shell.number_measured_all 
_reflns_shell.number_measured_obs 
_reflns_shell.number_possible 
_reflns_shell.number_unique_all 
_reflns_shell.number_unique_obs 
_reflns_shell.percent_possible_all 
_reflns_shell.percent_possible_obs 
_reflns_shell.Rmerge_F_all 
_reflns_shell.Rmerge_F_obs 
_reflns_shell.Rmerge_I_all 
_reflns_shell.Rmerge_I_obs 
_reflns_shell.meanI_over_sigI_gt 
_reflns_shell.meanI_over_uI_all 
_reflns_shell.meanI_over_uI_gt 
_reflns_shell.number_measured_gt 
_reflns_shell.number_unique_gt 
_reflns_shell.percent_possible_gt 
_reflns_shell.Rmerge_F_gt 
_reflns_shell.Rmerge_I_gt 
_reflns_shell.pdbx_redundancy 
_reflns_shell.pdbx_Rsym_value 
_reflns_shell.pdbx_chi_squared 
_reflns_shell.pdbx_netI_over_sigmaI_all 
_reflns_shell.pdbx_netI_over_sigmaI_obs 
_reflns_shell.pdbx_Rrim_I_all 
_reflns_shell.pdbx_Rpim_I_all 
_reflns_shell.pdbx_rejects 
_reflns_shell.pdbx_ordinal 
_reflns_shell.pdbx_diffrn_id 
_reflns_shell.pdbx_CC_half 
_reflns_shell.pdbx_R_split 
1.270 1.350 ? 8.010  ? 7627 2547 ? 2387 93.700  ? ? 0.971 ? 0.148 ? ? ? ? ? ? ? ? ? ? ? ? ? 0.179 ? 0 1 1 ? ? 
1.350 1.440 ? 11.110 ? 9656 2464 ? 2458 99.800  ? ? 0.995 ? 0.113 ? ? ? ? ? ? ? ? ? ? ? ? ? 0.130 ? 0 2 1 ? ? 
1.440 1.550 ? 12.630 ? 9009 2291 ? 2290 100.000 ? ? 0.991 ? 0.098 ? ? ? ? ? ? ? ? ? ? ? ? ? 0.113 ? 0 3 1 ? ? 
1.550 1.700 ? 16.750 ? 8162 2078 ? 2072 99.700  ? ? 0.995 ? 0.070 ? ? ? ? ? ? ? ? ? ? ? ? ? 0.080 ? 0 4 1 ? ? 
1.700 1.900 ? 19.420 ? 7582 1920 ? 1915 99.700  ? ? 0.997 ? 0.057 ? ? ? ? ? ? ? ? ? ? ? ? ? 0.065 ? 0 5 1 ? ? 
1.900 2.200 ? 24.370 ? 6510 1689 ? 1687 99.900  ? ? 0.997 ? 0.045 ? ? ? ? ? ? ? ? ? ? ? ? ? 0.051 ? 0 6 1 ? ? 
2.200 2.690 ? 25.930 ? 5518 1457 ? 1453 99.700  ? ? 0.998 ? 0.042 ? ? ? ? ? ? ? ? ? ? ? ? ? 0.048 ? 0 7 1 ? ? 
2.690 3.790 ? 27.700 ? 4285 1142 ? 1132 99.100  ? ? 0.997 ? 0.039 ? ? ? ? ? ? ? ? ? ? ? ? ? 0.045 ? 0 8 1 ? ? 
3.790 30.0  ? 27.220 ? 2267 696  ? 663  95.300  ? ? 0.997 ? 0.035 ? ? ? ? ? ? ? ? ? ? ? ? ? 0.041 ? 0 9 1 ? ? 
# 
_refine.aniso_B[1][1]                            0.5000 
_refine.aniso_B[1][2]                            -0.0000 
_refine.aniso_B[1][3]                            0.1700 
_refine.aniso_B[2][2]                            -0.4300 
_refine.aniso_B[2][3]                            0.0000 
_refine.aniso_B[3][3]                            -0.0900 
_refine.B_iso_max                                37.070 
_refine.B_iso_mean                               8.1710 
_refine.B_iso_min                                2.920 
_refine.correlation_coeff_Fo_to_Fc               0.9690 
_refine.correlation_coeff_Fo_to_Fc_free          0.9600 
_refine.details                                  
'HYDROGENS HAVE BEEN ADDED IN THE RIDING POSITIONS U VALUES      : REFINED INDIVIDUALLY' 
_refine.diff_density_max                         ? 
_refine.diff_density_max_esd                     ? 
_refine.diff_density_min                         ? 
_refine.diff_density_min_esd                     ? 
_refine.diff_density_rms                         ? 
_refine.diff_density_rms_esd                     ? 
_refine.entry_id                                 4Z1R 
_refine.pdbx_refine_id                           'X-RAY DIFFRACTION' 
_refine.ls_abs_structure_details                 ? 
_refine.ls_abs_structure_Flack                   ? 
_refine.ls_abs_structure_Flack_esd               ? 
_refine.ls_abs_structure_Rogers                  ? 
_refine.ls_abs_structure_Rogers_esd              ? 
_refine.ls_d_res_high                            1.2700 
_refine.ls_d_res_low                             28.5000 
_refine.ls_extinction_coef                       ? 
_refine.ls_extinction_coef_esd                   ? 
_refine.ls_extinction_expression                 ? 
_refine.ls_extinction_method                     ? 
_refine.ls_goodness_of_fit_all                   ? 
_refine.ls_goodness_of_fit_all_esd               ? 
_refine.ls_goodness_of_fit_obs                   ? 
_refine.ls_goodness_of_fit_obs_esd               ? 
_refine.ls_hydrogen_treatment                    ? 
_refine.ls_matrix_type                           ? 
_refine.ls_number_constraints                    ? 
_refine.ls_number_parameters                     ? 
_refine.ls_number_reflns_all                     ? 
_refine.ls_number_reflns_obs                     15012 
_refine.ls_number_reflns_R_free                  1044 
_refine.ls_number_reflns_R_work                  ? 
_refine.ls_number_restraints                     ? 
_refine.ls_percent_reflns_obs                    98.5900 
_refine.ls_percent_reflns_R_free                 6.5000 
_refine.ls_R_factor_all                          ? 
_refine.ls_R_factor_obs                          0.1396 
_refine.ls_R_factor_R_free                       0.1713 
_refine.ls_R_factor_R_free_error                 ? 
_refine.ls_R_factor_R_free_error_details         ? 
_refine.ls_R_factor_R_work                       0.1374 
_refine.ls_R_Fsqd_factor_obs                     ? 
_refine.ls_R_I_factor_obs                        ? 
_refine.ls_redundancy_reflns_all                 ? 
_refine.ls_redundancy_reflns_obs                 ? 
_refine.ls_restrained_S_all                      ? 
_refine.ls_restrained_S_obs                      ? 
_refine.ls_shift_over_esd_max                    ? 
_refine.ls_shift_over_esd_mean                   ? 
_refine.ls_structure_factor_coef                 ? 
_refine.ls_weighting_details                     ? 
_refine.ls_weighting_scheme                      ? 
_refine.ls_wR_factor_all                         ? 
_refine.ls_wR_factor_obs                         ? 
_refine.ls_wR_factor_R_free                      ? 
_refine.ls_wR_factor_R_work                      ? 
_refine.occupancy_max                            ? 
_refine.occupancy_min                            ? 
_refine.solvent_model_details                    'BABINET MODEL WITH MASK' 
_refine.solvent_model_param_bsol                 ? 
_refine.solvent_model_param_ksol                 ? 
_refine.ls_R_factor_gt                           ? 
_refine.ls_goodness_of_fit_gt                    ? 
_refine.ls_goodness_of_fit_ref                   ? 
_refine.ls_shift_over_su_max                     ? 
_refine.ls_shift_over_su_max_lt                  ? 
_refine.ls_shift_over_su_mean                    ? 
_refine.ls_shift_over_su_mean_lt                 ? 
_refine.pdbx_ls_sigma_I                          ? 
_refine.pdbx_ls_sigma_F                          0.000 
_refine.pdbx_ls_sigma_Fsqd                       ? 
_refine.pdbx_data_cutoff_high_absF               ? 
_refine.pdbx_data_cutoff_high_rms_absF           ? 
_refine.pdbx_data_cutoff_low_absF                ? 
_refine.pdbx_isotropic_thermal_model             ? 
_refine.pdbx_ls_cross_valid_method               THROUGHOUT 
_refine.pdbx_method_to_determine_struct          'MOLECULAR REPLACEMENT' 
_refine.pdbx_starting_model                      1CAG 
_refine.pdbx_stereochemistry_target_values       'MAXIMUM LIKELIHOOD' 
_refine.pdbx_R_Free_selection_details            RANDOM 
_refine.pdbx_stereochem_target_val_spec_case     ? 
_refine.pdbx_overall_ESU_R                       0.0500 
_refine.pdbx_overall_ESU_R_Free                  0.0480 
_refine.pdbx_solvent_vdw_probe_radii             1.2000 
_refine.pdbx_solvent_ion_probe_radii             0.8000 
_refine.pdbx_solvent_shrinkage_radii             0.8000 
_refine.pdbx_real_space_R                        ? 
_refine.pdbx_density_correlation                 ? 
_refine.pdbx_pd_number_of_powder_patterns        ? 
_refine.pdbx_pd_number_of_points                 ? 
_refine.pdbx_pd_meas_number_of_points            ? 
_refine.pdbx_pd_proc_ls_prof_R_factor            ? 
_refine.pdbx_pd_proc_ls_prof_wR_factor           ? 
_refine.pdbx_pd_Marquardt_correlation_coeff      ? 
_refine.pdbx_pd_Fsqrd_R_factor                   ? 
_refine.pdbx_pd_ls_matrix_band_width             ? 
_refine.pdbx_overall_phase_error                 ? 
_refine.pdbx_overall_SU_R_free_Cruickshank_DPI   ? 
_refine.pdbx_overall_SU_R_free_Blow_DPI          ? 
_refine.pdbx_overall_SU_R_Blow_DPI               ? 
_refine.pdbx_TLS_residual_ADP_flag               ? 
_refine.pdbx_diffrn_id                           1 
_refine.overall_SU_B                             1.4020 
_refine.overall_SU_ML                            0.0280 
_refine.overall_SU_R_Cruickshank_DPI             ? 
_refine.overall_SU_R_free                        ? 
_refine.overall_FOM_free_R_set                   ? 
_refine.overall_FOM_work_R_set                   ? 
_refine.pdbx_average_fsc_overall                 ? 
_refine.pdbx_average_fsc_work                    ? 
_refine.pdbx_average_fsc_free                    ? 
# 
_refine_hist.cycle_id                         final 
_refine_hist.pdbx_refine_id                   'X-RAY DIFFRACTION' 
_refine_hist.d_res_high                       1.2700 
_refine_hist.d_res_low                        28.5000 
_refine_hist.pdbx_number_atoms_ligand         0 
_refine_hist.number_atoms_solvent             188 
_refine_hist.number_atoms_total               679 
_refine_hist.pdbx_number_residues_total       78 
_refine_hist.pdbx_B_iso_mean_solvent          12.94 
_refine_hist.pdbx_number_atoms_protein        491 
_refine_hist.pdbx_number_atoms_nucleic_acid   0 
# 
loop_
_refine_ls_restr.pdbx_refine_id 
_refine_ls_restr.criterion 
_refine_ls_restr.dev_ideal 
_refine_ls_restr.dev_ideal_target 
_refine_ls_restr.number 
_refine_ls_restr.rejects 
_refine_ls_restr.type 
_refine_ls_restr.weight 
_refine_ls_restr.pdbx_restraint_function 
'X-RAY DIFFRACTION' ? 0.013  0.018 548  ? r_bond_refined_d       ? ? 
'X-RAY DIFFRACTION' ? 0.002  0.017 431  ? r_bond_other_d         ? ? 
'X-RAY DIFFRACTION' ? 2.031  2.377 807  ? r_angle_refined_deg    ? ? 
'X-RAY DIFFRACTION' ? 1.096  3.000 1069 ? r_angle_other_deg      ? ? 
'X-RAY DIFFRACTION' ? 5.881  5.000 77   ? r_dihedral_angle_1_deg ? ? 
'X-RAY DIFFRACTION' ? 0.085  0.200 80   ? r_chiral_restr         ? ? 
'X-RAY DIFFRACTION' ? 0.011  0.032 516  ? r_gen_planes_refined   ? ? 
'X-RAY DIFFRACTION' ? 1.105  0.641 312  ? r_mcbond_it            ? ? 
'X-RAY DIFFRACTION' ? 1.095  0.636 311  ? r_mcbond_other         ? ? 
'X-RAY DIFFRACTION' ? 1.258  0.942 387  ? r_mcangle_it           ? ? 
'X-RAY DIFFRACTION' ? 1.326  3.000 979  ? r_rigid_bond_restr     ? ? 
'X-RAY DIFFRACTION' ? 27.855 5.000 8    ? r_sphericity_free      ? ? 
'X-RAY DIFFRACTION' ? 7.143  5.000 1109 ? r_sphericity_bonded    ? ? 
# 
_refine_ls_shell.pdbx_refine_id                   'X-RAY DIFFRACTION' 
_refine_ls_shell.d_res_high                       1.2690 
_refine_ls_shell.d_res_low                        1.3020 
_refine_ls_shell.number_reflns_all                1045 
_refine_ls_shell.number_reflns_obs                ? 
_refine_ls_shell.number_reflns_R_free             68 
_refine_ls_shell.number_reflns_R_work             977 
_refine_ls_shell.percent_reflns_obs               89.0900 
_refine_ls_shell.percent_reflns_R_free            ? 
_refine_ls_shell.R_factor_all                     ? 
_refine_ls_shell.R_factor_obs                     ? 
_refine_ls_shell.R_factor_R_free                  0.1860 
_refine_ls_shell.R_factor_R_free_error            ? 
_refine_ls_shell.R_factor_R_work                  0.1370 
_refine_ls_shell.redundancy_reflns_all            ? 
_refine_ls_shell.redundancy_reflns_obs            ? 
_refine_ls_shell.wR_factor_all                    ? 
_refine_ls_shell.wR_factor_obs                    ? 
_refine_ls_shell.wR_factor_R_free                 ? 
_refine_ls_shell.wR_factor_R_work                 ? 
_refine_ls_shell.pdbx_total_number_of_bins_used   20 
_refine_ls_shell.pdbx_phase_error                 ? 
_refine_ls_shell.pdbx_fsc_work                    ? 
_refine_ls_shell.pdbx_fsc_free                    ? 
# 
_struct.entry_id                     4Z1R 
_struct.title                        'Crystal structure of collagen-like peptide at 1.27 Angstrom resolution' 
_struct.pdbx_model_details           ? 
_struct.pdbx_formula_weight          ? 
_struct.pdbx_formula_weight_method   ? 
_struct.pdbx_model_type_details      ? 
_struct.pdbx_CASP_flag               ? 
# 
_struct_keywords.entry_id        4Z1R 
_struct_keywords.text            'Collagen, triple helix, structural protein' 
_struct_keywords.pdbx_keywords   'STRUCTURAL PROTEIN' 
# 
loop_
_struct_asym.id 
_struct_asym.pdbx_blank_PDB_chainid_flag 
_struct_asym.pdbx_modified 
_struct_asym.entity_id 
_struct_asym.details 
A N N 1 ? 
B N N 1 ? 
C N N 1 ? 
D N N 2 ? 
E N N 2 ? 
F N N 2 ? 
# 
_struct_ref.id                         1 
_struct_ref.db_name                    PDB 
_struct_ref.db_code                    4Z1R 
_struct_ref.pdbx_db_accession          4Z1R 
_struct_ref.pdbx_db_isoform            ? 
_struct_ref.entity_id                  1 
_struct_ref.pdbx_seq_one_letter_code   ? 
_struct_ref.pdbx_align_begin           1 
# 
loop_
_struct_ref_seq.align_id 
_struct_ref_seq.ref_id 
_struct_ref_seq.pdbx_PDB_id_code 
_struct_ref_seq.pdbx_strand_id 
_struct_ref_seq.seq_align_beg 
_struct_ref_seq.pdbx_seq_align_beg_ins_code 
_struct_ref_seq.seq_align_end 
_struct_ref_seq.pdbx_seq_align_end_ins_code 
_struct_ref_seq.pdbx_db_accession 
_struct_ref_seq.db_align_beg 
_struct_ref_seq.pdbx_db_align_beg_ins_code 
_struct_ref_seq.db_align_end 
_struct_ref_seq.pdbx_db_align_end_ins_code 
_struct_ref_seq.pdbx_auth_seq_align_beg 
_struct_ref_seq.pdbx_auth_seq_align_end 
1 1 4Z1R A 1 ? 30 ? 4Z1R 1  ? 30 ? 1  30 
2 1 4Z1R B 1 ? 30 ? 4Z1R 31 ? 60 ? 31 60 
3 1 4Z1R C 1 ? 30 ? 4Z1R 61 ? 90 ? 61 90 
# 
_pdbx_struct_assembly.id                   1 
_pdbx_struct_assembly.details              author_and_software_defined_assembly 
_pdbx_struct_assembly.method_details       PISA 
_pdbx_struct_assembly.oligomeric_details   trimeric 
_pdbx_struct_assembly.oligomeric_count     3 
# 
loop_
_pdbx_struct_assembly_prop.biol_id 
_pdbx_struct_assembly_prop.type 
_pdbx_struct_assembly_prop.value 
_pdbx_struct_assembly_prop.details 
1 'ABSA (A^2)' 4510 ? 
1 MORE         -24  ? 
1 'SSA (A^2)'  4270 ? 
# 
_pdbx_struct_assembly_gen.assembly_id       1 
_pdbx_struct_assembly_gen.oper_expression   1 
_pdbx_struct_assembly_gen.asym_id_list      A,B,C,D,E,F 
# 
_pdbx_struct_oper_list.id                   1 
_pdbx_struct_oper_list.type                 'identity operation' 
_pdbx_struct_oper_list.name                 1_555 
_pdbx_struct_oper_list.symmetry_operation   x,y,z 
_pdbx_struct_oper_list.matrix[1][1]         1.0000000000 
_pdbx_struct_oper_list.matrix[1][2]         0.0000000000 
_pdbx_struct_oper_list.matrix[1][3]         0.0000000000 
_pdbx_struct_oper_list.vector[1]            0.0000000000 
_pdbx_struct_oper_list.matrix[2][1]         0.0000000000 
_pdbx_struct_oper_list.matrix[2][2]         1.0000000000 
_pdbx_struct_oper_list.matrix[2][3]         0.0000000000 
_pdbx_struct_oper_list.vector[2]            0.0000000000 
_pdbx_struct_oper_list.matrix[3][1]         0.0000000000 
_pdbx_struct_oper_list.matrix[3][2]         0.0000000000 
_pdbx_struct_oper_list.matrix[3][3]         1.0000000000 
_pdbx_struct_oper_list.vector[3]            0.0000000000 
# 
loop_
_struct_conn.id 
_struct_conn.conn_type_id 
_struct_conn.pdbx_leaving_atom_flag 
_struct_conn.pdbx_PDB_id 
_struct_conn.ptnr1_label_asym_id 
_struct_conn.ptnr1_label_comp_id 
_struct_conn.ptnr1_label_seq_id 
_struct_conn.ptnr1_label_atom_id 
_struct_conn.pdbx_ptnr1_label_alt_id 
_struct_conn.pdbx_ptnr1_PDB_ins_code 
_struct_conn.pdbx_ptnr1_standard_comp_id 
_struct_conn.ptnr1_symmetry 
_struct_conn.ptnr2_label_asym_id 
_struct_conn.ptnr2_label_comp_id 
_struct_conn.ptnr2_label_seq_id 
_struct_conn.ptnr2_label_atom_id 
_struct_conn.pdbx_ptnr2_label_alt_id 
_struct_conn.pdbx_ptnr2_PDB_ins_code 
_struct_conn.ptnr1_auth_asym_id 
_struct_conn.ptnr1_auth_comp_id 
_struct_conn.ptnr1_auth_seq_id 
_struct_conn.ptnr2_auth_asym_id 
_struct_conn.ptnr2_auth_comp_id 
_struct_conn.ptnr2_auth_seq_id 
_struct_conn.ptnr2_symmetry 
_struct_conn.pdbx_ptnr3_label_atom_id 
_struct_conn.pdbx_ptnr3_label_seq_id 
_struct_conn.pdbx_ptnr3_label_comp_id 
_struct_conn.pdbx_ptnr3_label_asym_id 
_struct_conn.pdbx_ptnr3_label_alt_id 
_struct_conn.pdbx_ptnr3_PDB_ins_code 
_struct_conn.details 
_struct_conn.pdbx_dist_value 
_struct_conn.pdbx_value_order 
_struct_conn.pdbx_role 
covale1  covale both ? A PRO 1  C ? ? ? 1_555 A HYP 2  N ? ? A PRO 1  A HYP 2  1_555 ? ? ? ? ? ? ? 1.343 ? ? 
covale2  covale both ? A HYP 2  C ? ? ? 1_555 A GLY 3  N ? ? A HYP 2  A GLY 3  1_555 ? ? ? ? ? ? ? 1.346 ? ? 
covale3  covale both ? A PRO 4  C ? ? ? 1_555 A HYP 5  N ? ? A PRO 4  A HYP 5  1_555 ? ? ? ? ? ? ? 1.333 ? ? 
covale4  covale both ? A HYP 5  C ? ? ? 1_555 A GLY 6  N ? ? A HYP 5  A GLY 6  1_555 ? ? ? ? ? ? ? 1.331 ? ? 
covale5  covale both ? A PRO 7  C ? ? ? 1_555 A HYP 8  N ? ? A PRO 7  A HYP 8  1_555 ? ? ? ? ? ? ? 1.323 ? ? 
covale6  covale both ? A HYP 8  C ? ? ? 1_555 A GLY 9  N ? ? A HYP 8  A GLY 9  1_555 ? ? ? ? ? ? ? 1.339 ? ? 
covale7  covale both ? A PRO 10 C ? ? ? 1_555 A HYP 11 N ? ? A PRO 10 A HYP 11 1_555 ? ? ? ? ? ? ? 1.330 ? ? 
covale8  covale both ? A HYP 11 C ? ? ? 1_555 A GLY 12 N ? ? A HYP 11 A GLY 12 1_555 ? ? ? ? ? ? ? 1.336 ? ? 
covale9  covale both ? A PRO 13 C ? ? ? 1_555 A HYP 14 N ? ? A PRO 13 A HYP 14 1_555 ? ? ? ? ? ? ? 1.317 ? ? 
covale10 covale both ? A HYP 14 C ? ? ? 1_555 A ALA 15 N ? ? A HYP 14 A ALA 15 1_555 ? ? ? ? ? ? ? 1.346 ? ? 
covale11 covale both ? A PRO 16 C ? ? ? 1_555 A HYP 17 N ? ? A PRO 16 A HYP 17 1_555 ? ? ? ? ? ? ? 1.329 ? ? 
covale12 covale both ? A HYP 17 C ? ? ? 1_555 A GLY 18 N ? ? A HYP 17 A GLY 18 1_555 ? ? ? ? ? ? ? 1.334 ? ? 
covale13 covale both ? A PRO 19 C A ? ? 1_555 A HYP 20 N ? ? A PRO 19 A HYP 20 1_555 ? ? ? ? ? ? ? 1.344 ? ? 
covale14 covale both ? A PRO 19 C B ? ? 1_555 A HYP 20 N ? ? A PRO 19 A HYP 20 1_555 ? ? ? ? ? ? ? 1.323 ? ? 
covale15 covale both ? A HYP 20 C ? ? ? 1_555 A GLY 21 N ? ? A HYP 20 A GLY 21 1_555 ? ? ? ? ? ? ? 1.342 ? ? 
covale16 covale both ? A PRO 22 C ? ? ? 1_555 A HYP 23 N ? ? A PRO 22 A HYP 23 1_555 ? ? ? ? ? ? ? 1.331 ? ? 
covale17 covale both ? A HYP 23 C ? ? ? 1_555 A GLY 24 N ? ? A HYP 23 A GLY 24 1_555 ? ? ? ? ? ? ? 1.322 ? ? 
covale18 covale both ? A PRO 25 C ? ? ? 1_555 A HYP 26 N ? ? A PRO 25 A HYP 26 1_555 ? ? ? ? ? ? ? 1.330 ? ? 
covale19 covale both ? A HYP 26 C ? ? ? 1_555 A GLY 27 N ? ? A HYP 26 A GLY 27 1_555 ? ? ? ? ? ? ? 1.340 ? ? 
covale20 covale both ? B PRO 4  C ? ? ? 1_555 B HYP 5  N ? ? B PRO 34 B HYP 35 1_555 ? ? ? ? ? ? ? 1.348 ? ? 
covale21 covale both ? B HYP 5  C ? ? ? 1_555 B GLY 6  N ? ? B HYP 35 B GLY 36 1_555 ? ? ? ? ? ? ? 1.336 ? ? 
covale22 covale both ? B PRO 7  C ? ? ? 1_555 B HYP 8  N ? ? B PRO 37 B HYP 38 1_555 ? ? ? ? ? ? ? 1.322 ? ? 
covale23 covale both ? B HYP 8  C ? ? ? 1_555 B GLY 9  N ? ? B HYP 38 B GLY 39 1_555 ? ? ? ? ? ? ? 1.324 ? ? 
covale24 covale both ? B PRO 10 C ? ? ? 1_555 B HYP 11 N ? ? B PRO 40 B HYP 41 1_555 ? ? ? ? ? ? ? 1.330 ? ? 
covale25 covale both ? B HYP 11 C ? ? ? 1_555 B GLY 12 N ? ? B HYP 41 B GLY 42 1_555 ? ? ? ? ? ? ? 1.333 ? ? 
covale26 covale both ? B PRO 13 C ? ? ? 1_555 B HYP 14 N ? ? B PRO 43 B HYP 44 1_555 ? ? ? ? ? ? ? 1.323 ? ? 
covale27 covale both ? B HYP 14 C ? ? ? 1_555 B ALA 15 N ? ? B HYP 44 B ALA 45 1_555 ? ? ? ? ? ? ? 1.339 ? ? 
covale28 covale both ? B PRO 16 C ? ? ? 1_555 B HYP 17 N ? ? B PRO 46 B HYP 47 1_555 ? ? ? ? ? ? ? 1.325 ? ? 
covale29 covale both ? B HYP 17 C ? ? ? 1_555 B GLY 18 N ? ? B HYP 47 B GLY 48 1_555 ? ? ? ? ? ? ? 1.340 ? ? 
covale30 covale both ? B PRO 19 C ? ? ? 1_555 B HYP 20 N ? ? B PRO 49 B HYP 50 1_555 ? ? ? ? ? ? ? 1.328 ? ? 
covale31 covale both ? B HYP 20 C ? ? ? 1_555 B GLY 21 N ? ? B HYP 50 B GLY 51 1_555 ? ? ? ? ? ? ? 1.320 ? ? 
covale32 covale both ? B PRO 22 C ? ? ? 1_555 B HYP 23 N ? ? B PRO 52 B HYP 53 1_555 ? ? ? ? ? ? ? 1.338 ? ? 
covale33 covale both ? B HYP 23 C ? ? ? 1_555 B GLY 24 N ? ? B HYP 53 B GLY 54 1_555 ? ? ? ? ? ? ? 1.348 ? ? 
covale34 covale both ? B PRO 25 C ? ? ? 1_555 B HYP 26 N ? ? B PRO 55 B HYP 56 1_555 ? ? ? ? ? ? ? 1.331 ? ? 
covale35 covale both ? B HYP 26 C ? ? ? 1_555 B GLY 27 N ? ? B HYP 56 B GLY 57 1_555 ? ? ? ? ? ? ? 1.337 ? ? 
covale36 covale both ? C PRO 4  C ? ? ? 1_555 C HYP 5  N ? ? C PRO 64 C HYP 65 1_555 ? ? ? ? ? ? ? 1.339 ? ? 
covale37 covale both ? C HYP 5  C ? ? ? 1_555 C GLY 6  N ? ? C HYP 65 C GLY 66 1_555 ? ? ? ? ? ? ? 1.343 ? ? 
covale38 covale both ? C PRO 7  C ? ? ? 1_555 C HYP 8  N ? ? C PRO 67 C HYP 68 1_555 ? ? ? ? ? ? ? 1.318 ? ? 
covale39 covale both ? C HYP 8  C ? ? ? 1_555 C GLY 9  N ? ? C HYP 68 C GLY 69 1_555 ? ? ? ? ? ? ? 1.325 ? ? 
covale40 covale both ? C PRO 10 C ? ? ? 1_555 C HYP 11 N ? ? C PRO 70 C HYP 71 1_555 ? ? ? ? ? ? ? 1.329 ? ? 
covale41 covale both ? C HYP 11 C ? ? ? 1_555 C GLY 12 N ? ? C HYP 71 C GLY 72 1_555 ? ? ? ? ? ? ? 1.332 ? ? 
covale42 covale both ? C PRO 13 C ? ? ? 1_555 C HYP 14 N ? ? C PRO 73 C HYP 74 1_555 ? ? ? ? ? ? ? 1.324 ? ? 
covale43 covale both ? C HYP 14 C ? ? ? 1_555 C ALA 15 N ? ? C HYP 74 C ALA 75 1_555 ? ? ? ? ? ? ? 1.328 ? ? 
covale44 covale both ? C PRO 16 C ? ? ? 1_555 C HYP 17 N ? ? C PRO 76 C HYP 77 1_555 ? ? ? ? ? ? ? 1.344 ? ? 
covale45 covale both ? C HYP 17 C ? ? ? 1_555 C GLY 18 N ? ? C HYP 77 C GLY 78 1_555 ? ? ? ? ? ? ? 1.331 ? ? 
covale46 covale both ? C PRO 19 C ? ? ? 1_555 C HYP 20 N ? ? C PRO 79 C HYP 80 1_555 ? ? ? ? ? ? ? 1.330 ? ? 
covale47 covale both ? C HYP 20 C ? ? ? 1_555 C GLY 21 N ? ? C HYP 80 C GLY 81 1_555 ? ? ? ? ? ? ? 1.344 ? ? 
covale48 covale both ? C PRO 22 C ? ? ? 1_555 C HYP 23 N ? ? C PRO 82 C HYP 83 1_555 ? ? ? ? ? ? ? 1.324 ? ? 
covale49 covale both ? C HYP 23 C ? ? ? 1_555 C GLY 24 N ? ? C HYP 83 C GLY 84 1_555 ? ? ? ? ? ? ? 1.336 ? ? 
covale50 covale both ? C PRO 25 C ? ? ? 1_555 C HYP 26 N ? ? C PRO 85 C HYP 86 1_555 ? ? ? ? ? ? ? 1.340 ? ? 
covale51 covale both ? C HYP 26 C ? ? ? 1_555 C GLY 27 N ? ? C HYP 86 C GLY 87 1_555 ? ? ? ? ? ? ? 1.350 ? ? 
# 
_struct_conn_type.id          covale 
_struct_conn_type.criteria    ? 
_struct_conn_type.reference   ? 
# 
_diffrn_reflns.diffrn_id                   1 
_diffrn_reflns.pdbx_d_res_high             1.270 
_diffrn_reflns.pdbx_d_res_low              ? 
_diffrn_reflns.pdbx_number_obs             16057 
_diffrn_reflns.pdbx_Rmerge_I_obs           0.052 
_diffrn_reflns.pdbx_Rsym_value             ? 
_diffrn_reflns.pdbx_chi_squared            0.96 
_diffrn_reflns.pdbx_redundancy             ? 
_diffrn_reflns.pdbx_rejects                ? 
_diffrn_reflns.pdbx_percent_possible_obs   98.60 
_diffrn_reflns.pdbx_observed_criterion     ? 
_diffrn_reflns.number                      60616 
_diffrn_reflns.limit_h_max                 ? 
_diffrn_reflns.limit_h_min                 ? 
_diffrn_reflns.limit_k_max                 ? 
_diffrn_reflns.limit_k_min                 ? 
_diffrn_reflns.limit_l_max                 ? 
_diffrn_reflns.limit_l_min                 ? 
# 
loop_
_pdbx_diffrn_reflns_shell.diffrn_id 
_pdbx_diffrn_reflns_shell.d_res_high 
_pdbx_diffrn_reflns_shell.d_res_low 
_pdbx_diffrn_reflns_shell.number_obs 
_pdbx_diffrn_reflns_shell.rejects 
_pdbx_diffrn_reflns_shell.Rmerge_I_obs 
_pdbx_diffrn_reflns_shell.Rsym_value 
_pdbx_diffrn_reflns_shell.chi_squared 
_pdbx_diffrn_reflns_shell.redundancy 
_pdbx_diffrn_reflns_shell.percent_possible_obs 
1 3.79 30.0 663  ? 0.035 ? ? ? ? 
1 2.69 3.79 1132 ? 0.039 ? ? ? ? 
1 2.20 2.69 1453 ? 0.042 ? ? ? ? 
1 1.90 2.20 1687 ? 0.045 ? ? ? ? 
1 1.70 1.90 1915 ? 0.057 ? ? ? ? 
1 1.55 1.70 2072 ? 0.070 ? ? ? ? 
1 1.44 1.55 2290 ? 0.098 ? ? ? ? 
1 1.35 1.44 2458 ? 0.113 ? ? ? ? 
1 1.27 1.35 2387 ? 0.148 ? ? ? ? 
# 
_pdbx_distant_solvent_atoms.id                                1 
_pdbx_distant_solvent_atoms.PDB_model_num                     1 
_pdbx_distant_solvent_atoms.auth_atom_id                      O 
_pdbx_distant_solvent_atoms.label_alt_id                      ? 
_pdbx_distant_solvent_atoms.auth_asym_id                      B 
_pdbx_distant_solvent_atoms.auth_comp_id                      HOH 
_pdbx_distant_solvent_atoms.auth_seq_id                       165 
_pdbx_distant_solvent_atoms.PDB_ins_code                      ? 
_pdbx_distant_solvent_atoms.neighbor_macromolecule_distance   7.60 
_pdbx_distant_solvent_atoms.neighbor_ligand_distance          . 
# 
loop_
_pdbx_unobs_or_zero_occ_residues.id 
_pdbx_unobs_or_zero_occ_residues.PDB_model_num 
_pdbx_unobs_or_zero_occ_residues.polymer_flag 
_pdbx_unobs_or_zero_occ_residues.occupancy_flag 
_pdbx_unobs_or_zero_occ_residues.auth_asym_id 
_pdbx_unobs_or_zero_occ_residues.auth_comp_id 
_pdbx_unobs_or_zero_occ_residues.auth_seq_id 
_pdbx_unobs_or_zero_occ_residues.PDB_ins_code 
_pdbx_unobs_or_zero_occ_residues.label_asym_id 
_pdbx_unobs_or_zero_occ_residues.label_comp_id 
_pdbx_unobs_or_zero_occ_residues.label_seq_id 
1  1 Y 1 A PRO 28 ? A PRO 28 
2  1 Y 1 A HYP 29 ? A HYP 29 
3  1 Y 1 A GLY 30 ? A GLY 30 
4  1 Y 1 B PRO 31 ? B PRO 1  
5  1 Y 1 B HYP 32 ? B HYP 2  
6  1 Y 1 B HYP 59 ? B HYP 29 
7  1 Y 1 B GLY 60 ? B GLY 30 
8  1 Y 1 C PRO 61 ? C PRO 1  
9  1 Y 1 C HYP 62 ? C HYP 2  
10 1 Y 1 C PRO 88 ? C PRO 28 
11 1 Y 1 C HYP 89 ? C HYP 29 
12 1 Y 1 C GLY 90 ? C GLY 30 
# 
loop_
_chem_comp_atom.comp_id 
_chem_comp_atom.atom_id 
_chem_comp_atom.type_symbol 
_chem_comp_atom.pdbx_aromatic_flag 
_chem_comp_atom.pdbx_stereo_config 
_chem_comp_atom.pdbx_ordinal 
ALA N    N N N 1  
ALA CA   C N S 2  
ALA C    C N N 3  
ALA O    O N N 4  
ALA CB   C N N 5  
ALA OXT  O N N 6  
ALA H    H N N 7  
ALA H2   H N N 8  
ALA HA   H N N 9  
ALA HB1  H N N 10 
ALA HB2  H N N 11 
ALA HB3  H N N 12 
ALA HXT  H N N 13 
GLY N    N N N 14 
GLY CA   C N N 15 
GLY C    C N N 16 
GLY O    O N N 17 
GLY OXT  O N N 18 
GLY H    H N N 19 
GLY H2   H N N 20 
GLY HA2  H N N 21 
GLY HA3  H N N 22 
GLY HXT  H N N 23 
HOH O    O N N 24 
HOH H1   H N N 25 
HOH H2   H N N 26 
HYP N    N N N 27 
HYP CA   C N S 28 
HYP C    C N N 29 
HYP O    O N N 30 
HYP CB   C N N 31 
HYP CG   C N R 32 
HYP CD   C N N 33 
HYP OD1  O N N 34 
HYP OXT  O N N 35 
HYP H    H N N 36 
HYP HA   H N N 37 
HYP HB2  H N N 38 
HYP HB3  H N N 39 
HYP HG   H N N 40 
HYP HD22 H N N 41 
HYP HD23 H N N 42 
HYP HD1  H N N 43 
HYP HXT  H N N 44 
PRO N    N N N 45 
PRO CA   C N S 46 
PRO C    C N N 47 
PRO O    O N N 48 
PRO CB   C N N 49 
PRO CG   C N N 50 
PRO CD   C N N 51 
PRO OXT  O N N 52 
PRO H    H N N 53 
PRO HA   H N N 54 
PRO HB2  H N N 55 
PRO HB3  H N N 56 
PRO HG2  H N N 57 
PRO HG3  H N N 58 
PRO HD2  H N N 59 
PRO HD3  H N N 60 
PRO HXT  H N N 61 
# 
loop_
_chem_comp_bond.comp_id 
_chem_comp_bond.atom_id_1 
_chem_comp_bond.atom_id_2 
_chem_comp_bond.value_order 
_chem_comp_bond.pdbx_aromatic_flag 
_chem_comp_bond.pdbx_stereo_config 
_chem_comp_bond.pdbx_ordinal 
ALA N   CA   sing N N 1  
ALA N   H    sing N N 2  
ALA N   H2   sing N N 3  
ALA CA  C    sing N N 4  
ALA CA  CB   sing N N 5  
ALA CA  HA   sing N N 6  
ALA C   O    doub N N 7  
ALA C   OXT  sing N N 8  
ALA CB  HB1  sing N N 9  
ALA CB  HB2  sing N N 10 
ALA CB  HB3  sing N N 11 
ALA OXT HXT  sing N N 12 
GLY N   CA   sing N N 13 
GLY N   H    sing N N 14 
GLY N   H2   sing N N 15 
GLY CA  C    sing N N 16 
GLY CA  HA2  sing N N 17 
GLY CA  HA3  sing N N 18 
GLY C   O    doub N N 19 
GLY C   OXT  sing N N 20 
GLY OXT HXT  sing N N 21 
HOH O   H1   sing N N 22 
HOH O   H2   sing N N 23 
HYP N   CA   sing N N 24 
HYP N   CD   sing N N 25 
HYP N   H    sing N N 26 
HYP CA  C    sing N N 27 
HYP CA  CB   sing N N 28 
HYP CA  HA   sing N N 29 
HYP C   O    doub N N 30 
HYP C   OXT  sing N N 31 
HYP CB  CG   sing N N 32 
HYP CB  HB2  sing N N 33 
HYP CB  HB3  sing N N 34 
HYP CG  CD   sing N N 35 
HYP CG  OD1  sing N N 36 
HYP CG  HG   sing N N 37 
HYP CD  HD22 sing N N 38 
HYP CD  HD23 sing N N 39 
HYP OD1 HD1  sing N N 40 
HYP OXT HXT  sing N N 41 
PRO N   CA   sing N N 42 
PRO N   CD   sing N N 43 
PRO N   H    sing N N 44 
PRO CA  C    sing N N 45 
PRO CA  CB   sing N N 46 
PRO CA  HA   sing N N 47 
PRO C   O    doub N N 48 
PRO C   OXT  sing N N 49 
PRO CB  CG   sing N N 50 
PRO CB  HB2  sing N N 51 
PRO CB  HB3  sing N N 52 
PRO CG  CD   sing N N 53 
PRO CG  HG2  sing N N 54 
PRO CG  HG3  sing N N 55 
PRO CD  HD2  sing N N 56 
PRO CD  HD3  sing N N 57 
PRO OXT HXT  sing N N 58 
# 
_pdbx_audit_support.funding_organization   'National Science Centre' 
_pdbx_audit_support.country                Poland 
_pdbx_audit_support.grant_number           2011/01/B/ST5/06051 
_pdbx_audit_support.ordinal                1 
# 
_pdbx_initial_refinement_model.id               1 
_pdbx_initial_refinement_model.entity_id_list   ? 
_pdbx_initial_refinement_model.type             'experimental model' 
_pdbx_initial_refinement_model.source_name      PDB 
_pdbx_initial_refinement_model.accession_code   1CAG 
_pdbx_initial_refinement_model.details          ? 
# 
loop_
_pdbx_related_exp_data_set.data_reference 
_pdbx_related_exp_data_set.data_set_type 
_pdbx_related_exp_data_set.details 
_pdbx_related_exp_data_set.metadata_reference 
_pdbx_related_exp_data_set.ordinal 
10.18430/m34z1r 'diffraction image data' ? ? 1 
10.18430/m34z1r 'diffraction image data' ? ? 2 
# 
_atom_sites.entry_id                    4Z1R 
_atom_sites.fract_transf_matrix[1][1]   0.00215265 
_atom_sites.fract_transf_matrix[1][2]   -0.00236703 
_atom_sites.fract_transf_matrix[1][3]   -0.00489366 
_atom_sites.fract_transf_matrix[2][1]   -0.03001120 
_atom_sites.fract_transf_matrix[2][2]   -0.06285127 
_atom_sites.fract_transf_matrix[2][3]   0.01719932 
_atom_sites.fract_transf_matrix[3][1]   -0.03205471 
_atom_sites.fract_transf_matrix[3][2]   0.00918117 
_atom_sites.fract_transf_matrix[3][3]   -0.02238184 
_atom_sites.fract_transf_vector[1]      0.241358 
_atom_sites.fract_transf_vector[2]      0.056961 
_atom_sites.fract_transf_vector[3]      0.242254 
# 
loop_
_atom_type.symbol 
C 
N 
O 
# 
loop_
_atom_site.group_PDB 
_atom_site.id 
_atom_site.type_symbol 
_atom_site.label_atom_id 
_atom_site.label_alt_id 
_atom_site.label_comp_id 
_atom_site.label_asym_id 
_atom_site.label_entity_id 
_atom_site.label_seq_id 
_atom_site.pdbx_PDB_ins_code 
_atom_site.Cartn_x 
_atom_site.Cartn_y 
_atom_site.Cartn_z 
_atom_site.occupancy 
_atom_site.B_iso_or_equiv 
_atom_site.pdbx_formal_charge 
_atom_site.auth_seq_id 
_atom_site.auth_comp_id 
_atom_site.auth_asym_id 
_atom_site.auth_atom_id 
_atom_site.pdbx_PDB_model_num 
ATOM   1   N N   . PRO A 1 1  ? -19.487 13.905  28.869  0.75 26.46 ? 1   PRO A N   1 
ATOM   2   C CA  . PRO A 1 1  ? -19.368 12.690  28.044  0.75 22.13 ? 1   PRO A CA  1 
ATOM   3   C C   . PRO A 1 1  ? -18.011 12.578  27.340  0.75 19.28 ? 1   PRO A C   1 
ATOM   4   O O   . PRO A 1 1  ? -17.229 13.522  27.380  0.75 16.10 ? 1   PRO A O   1 
ATOM   5   C CB  . PRO A 1 1  ? -20.502 12.850  27.014  0.75 25.76 ? 1   PRO A CB  1 
ATOM   6   C CG  . PRO A 1 1  ? -21.293 14.052  27.443  0.75 27.87 ? 1   PRO A CG  1 
ATOM   7   C CD  . PRO A 1 1  ? -20.355 14.904  28.237  0.75 28.27 ? 1   PRO A CD  1 
HETATM 8   N N   . HYP A 1 2  ? -17.745 11.445  26.669  0.75 16.88 ? 2   HYP A N   1 
HETATM 9   C CA  . HYP A 1 2  ? -16.474 11.291  25.935  0.75 14.91 ? 2   HYP A CA  1 
HETATM 10  C C   . HYP A 1 2  ? -16.387 12.317  24.855  0.75 14.36 ? 2   HYP A C   1 
HETATM 11  O O   . HYP A 1 2  ? -17.401 12.696  24.269  0.75 15.86 ? 2   HYP A O   1 
HETATM 12  C CB  . HYP A 1 2  ? -16.470 9.846   25.394  0.75 16.04 ? 2   HYP A CB  1 
HETATM 13  C CG  . HYP A 1 2  ? -17.440 9.132   26.322  0.75 18.40 ? 2   HYP A CG  1 
HETATM 14  C CD  . HYP A 1 2  ? -18.506 10.184  26.554  0.75 19.47 ? 2   HYP A CD  1 
HETATM 15  O OD1 . HYP A 1 2  ? -16.778 8.837   27.552  0.75 18.74 ? 2   HYP A OD1 1 
ATOM   16  N N   . GLY A 1 3  ? -15.158 12.778  24.560  1.00 10.78 ? 3   GLY A N   1 
ATOM   17  C CA  . GLY A 1 3  ? -14.946 13.658  23.394  1.00 11.21 ? 3   GLY A CA  1 
ATOM   18  C C   . GLY A 1 3  ? -15.226 13.015  22.029  1.00 9.21  ? 3   GLY A C   1 
ATOM   19  O O   . GLY A 1 3  ? -15.572 11.812  21.936  1.00 9.63  ? 3   GLY A O   1 
ATOM   20  N N   . PRO A 1 4  ? -15.134 13.819  20.955  1.00 9.35  ? 4   PRO A N   1 
ATOM   21  C CA  . PRO A 1 4  ? -15.284 13.235  19.628  1.00 9.55  ? 4   PRO A CA  1 
ATOM   22  C C   . PRO A 1 4  ? -14.122 12.313  19.283  1.00 7.81  ? 4   PRO A C   1 
ATOM   23  O O   . PRO A 1 4  ? -13.030 12.419  19.850  1.00 7.75  ? 4   PRO A O   1 
ATOM   24  C CB  . PRO A 1 4  ? -15.300 14.447  18.667  1.00 12.31 ? 4   PRO A CB  1 
ATOM   25  C CG  . PRO A 1 4  ? -15.061 15.655  19.489  1.00 14.99 ? 4   PRO A CG  1 
ATOM   26  C CD  . PRO A 1 4  ? -14.737 15.233  20.903  1.00 12.46 ? 4   PRO A CD  1 
HETATM 27  N N   . HYP A 1 5  ? -14.323 11.427  18.309  1.00 8.08  ? 5   HYP A N   1 
HETATM 28  C CA  . HYP A 1 5  ? -13.254 10.563  17.819  1.00 7.11  ? 5   HYP A CA  1 
HETATM 29  C C   . HYP A 1 5  ? -12.079 11.349  17.332  1.00 5.95  ? 5   HYP A C   1 
HETATM 30  O O   . HYP A 1 5  ? -12.228 12.451  16.796  1.00 7.45  ? 5   HYP A O   1 
HETATM 31  C CB  . HYP A 1 5  ? -13.870 9.766   16.658  1.00 8.60  ? 5   HYP A CB  1 
HETATM 32  C CG  . HYP A 1 5  ? -15.352 9.747   16.997  1.00 9.80  ? 5   HYP A CG  1 
HETATM 33  C CD  . HYP A 1 5  ? -15.570 11.132  17.562  1.00 8.85  ? 5   HYP A CD  1 
HETATM 34  O OD1 . HYP A 1 5  ? -15.595 8.767   18.009  1.00 10.43 ? 5   HYP A OD1 1 
ATOM   35  N N   . GLY A 1 6  ? -10.890 10.762  17.452  1.00 5.64  ? 6   GLY A N   1 
ATOM   36  C CA  . GLY A 1 6  ? -9.696  11.359  16.866  1.00 5.05  ? 6   GLY A CA  1 
ATOM   37  C C   . GLY A 1 6  ? -9.631  11.296  15.370  1.00 4.37  ? 6   GLY A C   1 
ATOM   38  O O   . GLY A 1 6  ? -10.550 10.787  14.711  1.00 5.30  ? 6   GLY A O   1 
ATOM   39  N N   . PRO A 1 7  ? -8.570  11.847  14.813  1.00 4.58  ? 7   PRO A N   1 
ATOM   40  C CA  . PRO A 1 7  ? -8.417  11.839  13.379  1.00 4.65  ? 7   PRO A CA  1 
ATOM   41  C C   . PRO A 1 7  ? -8.019  10.493  12.829  1.00 4.31  ? 7   PRO A C   1 
ATOM   42  O O   . PRO A 1 7  ? -7.552  9.618   13.557  1.00 4.08  ? 7   PRO A O   1 
ATOM   43  C CB  . PRO A 1 7  ? -7.298  12.838  13.115  1.00 6.45  ? 7   PRO A CB  1 
ATOM   44  C CG  . PRO A 1 7  ? -6.647  13.087  14.387  1.00 7.69  ? 7   PRO A CG  1 
ATOM   45  C CD  . PRO A 1 7  ? -7.485  12.547  15.492  1.00 5.47  ? 7   PRO A CD  1 
HETATM 46  N N   . HYP A 1 8  ? -8.173  10.317  11.526  1.00 3.97  ? 8   HYP A N   1 
HETATM 47  C CA  . HYP A 1 8  ? -7.729  9.067   10.914  1.00 4.22  ? 8   HYP A CA  1 
HETATM 48  C C   . HYP A 1 8  ? -6.276  8.809   11.158  1.00 3.50  ? 8   HYP A C   1 
HETATM 49  O O   . HYP A 1 8  ? -5.460  9.742   11.185  1.00 4.04  ? 8   HYP A O   1 
HETATM 50  C CB  . HYP A 1 8  ? -8.008  9.264   9.416   1.00 4.49  ? 8   HYP A CB  1 
HETATM 51  C CG  . HYP A 1 8  ? -9.145  10.273  9.379   1.00 4.87  ? 8   HYP A CG  1 
HETATM 52  C CD  . HYP A 1 8  ? -8.830  11.229  10.507  1.00 4.36  ? 8   HYP A CD  1 
HETATM 53  O OD1 . HYP A 1 8  ? -10.362 9.597   9.647   1.00 5.96  ? 8   HYP A OD1 1 
ATOM   54  N N   . GLY A 1 9  ? -5.906  7.528   11.283  1.00 3.50  ? 9   GLY A N   1 
ATOM   55  C CA  . GLY A 1 9  ? -4.507  7.162   11.386  1.00 3.65  ? 9   GLY A CA  1 
ATOM   56  C C   . GLY A 1 9  ? -3.713  7.357   10.100  1.00 3.63  ? 9   GLY A C   1 
ATOM   57  O O   . GLY A 1 9  ? -4.244  7.791   9.073   1.00 3.92  ? 9   GLY A O   1 
ATOM   58  N N   . PRO A 1 10 ? -2.416  7.114   10.178  1.00 3.58  ? 10  PRO A N   1 
ATOM   59  C CA  . PRO A 1 10 ? -1.564  7.281   9.013   1.00 3.86  ? 10  PRO A CA  1 
ATOM   60  C C   . PRO A 1 10 ? -1.891  6.327   7.874   1.00 3.78  ? 10  PRO A C   1 
ATOM   61  O O   . PRO A 1 10 ? -2.495  5.278   8.099   1.00 3.42  ? 10  PRO A O   1 
ATOM   62  C CB  . PRO A 1 10 ? -0.171  6.952   9.543   1.00 5.36  ? 10  PRO A CB  1 
ATOM   63  C CG  . PRO A 1 10 ? -0.299  6.609   10.936  1.00 5.89  ? 10  PRO A CG  1 
ATOM   64  C CD  . PRO A 1 10 ? -1.685  6.585   11.341  1.00 3.93  ? 10  PRO A CD  1 
HETATM 65  N N   . HYP A 1 11 ? -1.418  6.625   6.667   1.00 4.54  ? 11  HYP A N   1 
HETATM 66  C CA  . HYP A 1 11 ? -1.461  5.664   5.582   1.00 4.55  ? 11  HYP A CA  1 
HETATM 67  C C   . HYP A 1 11 ? -0.895  4.342   5.997   1.00 4.36  ? 11  HYP A C   1 
HETATM 68  O O   . HYP A 1 11 ? 0.029   4.261   6.799   1.00 4.97  ? 11  HYP A O   1 
HETATM 69  C CB  . HYP A 1 11 ? -0.523  6.298   4.539   1.00 5.93  ? 11  HYP A CB  1 
HETATM 70  C CG  . HYP A 1 11 ? -0.729  7.787   4.741   1.00 6.28  ? 11  HYP A CG  1 
HETATM 71  C CD  . HYP A 1 11 ? -0.846  7.911   6.237   1.00 5.65  ? 11  HYP A CD  1 
HETATM 72  O OD1 . HYP A 1 11 ? -1.939  8.181   4.135   1.00 7.06  ? 11  HYP A OD1 1 
ATOM   73  N N   . GLY A 1 12 ? -1.438  3.257   5.438   1.00 3.96  ? 12  GLY A N   1 
ATOM   74  C CA  . GLY A 1 12 ? -0.937  1.932   5.670   1.00 3.95  ? 12  GLY A CA  1 
ATOM   75  C C   . GLY A 1 12 ? 0.454   1.703   5.098   1.00 3.98  ? 12  GLY A C   1 
ATOM   76  O O   . GLY A 1 12 ? 1.041   2.613   4.504   1.00 4.13  ? 12  GLY A O   1 
ATOM   77  N N   . PRO A 1 13 ? 0.956   0.480   5.271   1.00 4.20  ? 13  PRO A N   1 
ATOM   78  C CA  . PRO A 1 13 ? 2.322   0.175   4.828   1.00 5.06  ? 13  PRO A CA  1 
ATOM   79  C C   . PRO A 1 13 ? 2.470   0.279   3.303   1.00 4.73  ? 13  PRO A C   1 
ATOM   80  O O   . PRO A 1 13 ? 1.499   0.118   2.582   1.00 3.93  ? 13  PRO A O   1 
ATOM   81  C CB  . PRO A 1 13 ? 2.541   -1.250  5.310   1.00 5.93  ? 13  PRO A CB  1 
ATOM   82  C CG  . PRO A 1 13 ? 1.207   -1.810  5.581   1.00 6.57  ? 13  PRO A CG  1 
ATOM   83  C CD  . PRO A 1 13 ? 0.314   -0.674  5.917   1.00 4.63  ? 13  PRO A CD  1 
HETATM 84  N N   . HYP A 1 14 ? 3.653   0.579   2.808   1.00 4.72  ? 14  HYP A N   1 
HETATM 85  C CA  . HYP A 1 14 ? 3.817   0.762   1.351   1.00 5.03  ? 14  HYP A CA  1 
HETATM 86  C C   . HYP A 1 14 ? 3.316   -0.416  0.570   1.00 4.55  ? 14  HYP A C   1 
HETATM 87  O O   . HYP A 1 14 ? 3.520   -1.577  0.942   1.00 5.16  ? 14  HYP A O   1 
HETATM 88  C CB  . HYP A 1 14 ? 5.323   1.003   1.184   1.00 5.71  ? 14  HYP A CB  1 
HETATM 89  C CG  . HYP A 1 14 ? 5.751   1.524   2.549   1.00 6.35  ? 14  HYP A CG  1 
HETATM 90  C CD  . HYP A 1 14 ? 4.975   0.640   3.492   1.00 5.53  ? 14  HYP A CD  1 
HETATM 91  O OD1 . HYP A 1 14 ? 5.380   2.898   2.697   1.00 6.61  ? 14  HYP A OD1 1 
ATOM   92  N N   . ALA A 1 15 ? 2.651   -0.139  -0.567  1.00 4.38  ? 15  ALA A N   1 
ATOM   93  C CA  . ALA A 1 15 ? 2.278   -1.220  -1.446  1.00 4.67  ? 15  ALA A CA  1 
ATOM   94  C C   . ALA A 1 15 ? 3.504   -2.006  -1.928  1.00 4.96  ? 15  ALA A C   1 
ATOM   95  O O   . ALA A 1 15 ? 4.525   -1.389  -2.254  1.00 5.85  ? 15  ALA A O   1 
ATOM   96  C CB  . ALA A 1 15 ? 1.539   -0.667  -2.650  1.00 4.56  ? 15  ALA A CB  1 
ATOM   97  N N   . PRO A 1 16 ? 3.403   -3.347  -1.961  1.00 5.50  ? 16  PRO A N   1 
ATOM   98  C CA  . PRO A 1 16 ? 4.521   -4.115  -2.481  1.00 5.88  ? 16  PRO A CA  1 
ATOM   99  C C   . PRO A 1 16 ? 4.793   -3.893  -3.958  1.00 5.18  ? 16  PRO A C   1 
ATOM   100 O O   . PRO A 1 16 ? 3.899   -3.506  -4.695  1.00 4.47  ? 16  PRO A O   1 
ATOM   101 C CB  . PRO A 1 16 ? 4.129   -5.568  -2.220  1.00 7.18  ? 16  PRO A CB  1 
ATOM   102 C CG  . PRO A 1 16 ? 2.676   -5.581  -2.007  1.00 8.17  ? 16  PRO A CG  1 
ATOM   103 C CD  . PRO A 1 16 ? 2.247   -4.192  -1.632  1.00 6.55  ? 16  PRO A CD  1 
HETATM 104 N N   . HYP A 1 17 ? 6.022   -4.116  -4.412  1.00 4.57  ? 17  HYP A N   1 
HETATM 105 C CA  . HYP A 1 17 ? 6.302   -4.128  -5.838  1.00 5.00  ? 17  HYP A CA  1 
HETATM 106 C C   . HYP A 1 17 ? 5.418   -5.108  -6.539  1.00 4.84  ? 17  HYP A C   1 
HETATM 107 O O   . HYP A 1 17 ? 4.978   -6.124  -5.964  1.00 5.50  ? 17  HYP A O   1 
HETATM 108 C CB  . HYP A 1 17 ? 7.791   -4.513  -5.958  1.00 6.31  ? 17  HYP A CB  1 
HETATM 109 C CG  . HYP A 1 17 ? 8.340   -4.268  -4.559  1.00 6.91  ? 17  HYP A CG  1 
HETATM 110 C CD  . HYP A 1 17 ? 7.185   -4.603  -3.661  1.00 5.52  ? 17  HYP A CD  1 
HETATM 111 O OD1 . HYP A 1 17 ? 8.634   -2.880  -4.402  1.00 7.10  ? 17  HYP A OD1 1 
ATOM   112 N N   . GLY A 1 18 ? 5.176   -4.849  -7.824  1.00 4.57  ? 18  GLY A N   1 
ATOM   113 C CA  . GLY A 1 18 ? 4.391   -5.797  -8.553  1.00 4.37  ? 18  GLY A CA  1 
ATOM   114 C C   . GLY A 1 18 ? 5.110   -7.094  -8.869  1.00 4.10  ? 18  GLY A C   1 
ATOM   115 O O   . GLY A 1 18 ? 6.286   -7.282  -8.524  1.00 4.02  ? 18  GLY A O   1 
ATOM   116 N N   A PRO A 1 19 ? 4.378   -8.004  -9.541  0.50 4.69  ? 19  PRO A N   1 
ATOM   117 N N   B PRO A 1 19 ? 4.414   -8.032  -9.487  0.50 5.05  ? 19  PRO A N   1 
ATOM   118 C CA  A PRO A 1 19 ? 4.872   -9.264  -10.082 0.50 4.92  ? 19  PRO A CA  1 
ATOM   119 C CA  B PRO A 1 19 ? 5.137   -9.249  -9.810  0.50 5.19  ? 19  PRO A CA  1 
ATOM   120 C C   A PRO A 1 19 ? 6.029   -9.046  -11.069 0.50 4.55  ? 19  PRO A C   1 
ATOM   121 C C   B PRO A 1 19 ? 6.092   -9.041  -10.974 0.50 4.69  ? 19  PRO A C   1 
ATOM   122 O O   A PRO A 1 19 ? 6.119   -7.977  -11.678 0.50 4.13  ? 19  PRO A O   1 
ATOM   123 O O   B PRO A 1 19 ? 6.078   -7.997  -11.635 0.50 4.24  ? 19  PRO A O   1 
ATOM   124 C CB  A PRO A 1 19 ? 3.630   -9.833  -10.798 0.50 5.03  ? 19  PRO A CB  1 
ATOM   125 C CB  B PRO A 1 19 ? 4.027   -10.215 -10.202 0.50 5.70  ? 19  PRO A CB  1 
ATOM   126 C CG  A PRO A 1 19 ? 2.491   -9.283  -10.013 0.50 4.72  ? 19  PRO A CG  1 
ATOM   127 C CG  B PRO A 1 19 ? 3.006   -9.336  -10.802 0.50 5.92  ? 19  PRO A CG  1 
ATOM   128 C CD  A PRO A 1 19 ? 2.937   -7.860  -9.828  0.50 4.68  ? 19  PRO A CD  1 
ATOM   129 C CD  B PRO A 1 19 ? 3.029   -8.070  -9.969  0.50 5.30  ? 19  PRO A CD  1 
HETATM 130 N N   . HYP A 1 20 ? 6.910   -10.047 -11.236 1.00 4.65  ? 20  HYP A N   1 
HETATM 131 C CA  . HYP A 1 20 ? 7.871   -9.990  -12.332 1.00 4.58  ? 20  HYP A CA  1 
HETATM 132 C C   . HYP A 1 20 ? 7.196   -9.797  -13.650 1.00 4.18  ? 20  HYP A C   1 
HETATM 133 O O   . HYP A 1 20 ? 6.048   -10.206 -13.848 1.00 4.84  ? 20  HYP A O   1 
HETATM 134 C CB  . HYP A 1 20 ? 8.629   -11.327 -12.279 1.00 5.24  ? 20  HYP A CB  1 
HETATM 135 C CG  . HYP A 1 20 ? 8.455   -11.763 -10.838 1.00 6.10  ? 20  HYP A CG  1 
HETATM 136 C CD  . HYP A 1 20 ? 7.030   -11.355 -10.531 1.00 5.90  ? 20  HYP A CD  1 
HETATM 137 O OD1 . HYP A 1 20 ? 9.325   -10.993 -10.003 1.00 7.19  ? 20  HYP A OD1 1 
ATOM   138 N N   . GLY A 1 21 ? 7.901   -9.119  -14.570 1.00 4.24  ? 21  GLY A N   1 
ATOM   139 C CA  . GLY A 1 21 ? 7.347   -8.983  -15.902 1.00 4.50  ? 21  GLY A CA  1 
ATOM   140 C C   . GLY A 1 21 ? 7.257   -10.287 -16.675 1.00 4.15  ? 21  GLY A C   1 
ATOM   141 O O   . GLY A 1 21 ? 7.715   -11.327 -16.217 1.00 4.65  ? 21  GLY A O   1 
ATOM   142 N N   . PRO A 1 22 ? 6.637   -10.198 -17.857 1.00 4.48  ? 22  PRO A N   1 
ATOM   143 C CA  . PRO A 1 22 ? 6.576   -11.358 -18.710 1.00 5.34  ? 22  PRO A CA  1 
ATOM   144 C C   . PRO A 1 22 ? 7.915   -11.704 -19.313 1.00 4.57  ? 22  PRO A C   1 
ATOM   145 O O   . PRO A 1 22 ? 8.872   -10.926 -19.249 1.00 4.23  ? 22  PRO A O   1 
ATOM   146 C CB  . PRO A 1 22 ? 5.523   -11.000 -19.769 1.00 7.09  ? 22  PRO A CB  1 
ATOM   147 C CG  . PRO A 1 22 ? 5.386   -9.537  -19.718 1.00 7.64  ? 22  PRO A CG  1 
ATOM   148 C CD  . PRO A 1 22 ? 6.036   -9.005  -18.471 1.00 5.08  ? 22  PRO A CD  1 
HETATM 149 N N   . HYP A 1 23 ? 8.000   -12.879 -19.932 1.00 4.99  ? 23  HYP A N   1 
HETATM 150 C CA  . HYP A 1 23 ? 9.201   -13.261 -20.678 1.00 5.49  ? 23  HYP A CA  1 
HETATM 151 C C   . HYP A 1 23 ? 9.516   -12.248 -21.724 1.00 5.63  ? 23  HYP A C   1 
HETATM 152 O O   . HYP A 1 23 ? 8.608   -11.625 -22.281 1.00 6.75  ? 23  HYP A O   1 
HETATM 153 C CB  . HYP A 1 23 ? 8.915   -14.648 -21.274 1.00 6.64  ? 23  HYP A CB  1 
HETATM 154 C CG  . HYP A 1 23 ? 7.770   -15.176 -20.431 1.00 6.62  ? 23  HYP A CG  1 
HETATM 155 C CD  . HYP A 1 23 ? 6.979   -13.924 -20.077 1.00 5.91  ? 23  HYP A CD  1 
HETATM 156 O OD1 . HYP A 1 23 ? 8.296   -15.761 -19.243 1.00 8.09  ? 23  HYP A OD1 1 
ATOM   157 N N   . GLY A 1 24 ? 10.792  -12.115 -22.046 1.00 5.33  ? 24  GLY A N   1 
ATOM   158 C CA  . GLY A 1 24 ? 11.200  -11.262 -23.130 1.00 6.37  ? 24  GLY A CA  1 
ATOM   159 C C   . GLY A 1 24 ? 10.775  -11.763 -24.507 1.00 7.53  ? 24  GLY A C   1 
ATOM   160 O O   . GLY A 1 24 ? 10.210  -12.853 -24.636 1.00 8.35  ? 24  GLY A O   1 
ATOM   161 N N   . PRO A 1 25 ? 11.078  -10.970 -25.546 1.00 9.62  ? 25  PRO A N   1 
ATOM   162 C CA  . PRO A 1 25 ? 10.802  -11.377 -26.884 1.00 11.74 ? 25  PRO A CA  1 
ATOM   163 C C   . PRO A 1 25 ? 11.564  -12.621 -27.250 1.00 12.10 ? 25  PRO A C   1 
ATOM   164 O O   . PRO A 1 25 ? 12.635  -12.905 -26.699 1.00 10.76 ? 25  PRO A O   1 
ATOM   165 C CB  . PRO A 1 25 ? 11.327  -10.227 -27.734 1.00 13.59 ? 25  PRO A CB  1 
ATOM   166 C CG  . PRO A 1 25 ? 11.612  -9.102  -26.851 1.00 14.09 ? 25  PRO A CG  1 
ATOM   167 C CD  . PRO A 1 25 ? 11.694  -9.642  -25.466 1.00 10.31 ? 25  PRO A CD  1 
HETATM 168 N N   . HYP A 1 26 ? 11.066  -13.337 -28.253 1.00 15.68 ? 26  HYP A N   1 
HETATM 169 C CA  . HYP A 1 26 ? 11.756  -14.465 -28.825 1.00 17.34 ? 26  HYP A CA  1 
HETATM 170 C C   . HYP A 1 26 ? 13.109  -14.017 -29.279 1.00 18.43 ? 26  HYP A C   1 
HETATM 171 O O   . HYP A 1 26 ? 13.271  -12.903 -29.804 1.00 23.71 ? 26  HYP A O   1 
HETATM 172 C CB  . HYP A 1 26 ? 10.829  -14.976 -29.950 1.00 15.10 ? 26  HYP A CB  1 
HETATM 173 C CG  . HYP A 1 26 ? 9.455   -14.490 -29.514 1.00 20.06 ? 26  HYP A CG  1 
HETATM 174 C CD  . HYP A 1 26 ? 9.766   -13.116 -28.976 1.00 19.41 ? 26  HYP A CD  1 
HETATM 175 O OD1 . HYP A 1 26 ? 8.861   -15.299 -28.486 1.00 21.88 ? 26  HYP A OD1 1 
ATOM   176 N N   . GLY A 1 27 ? 14.128  -14.860 -29.064 1.00 21.33 ? 27  GLY A N   1 
ATOM   177 C CA  . GLY A 1 27 ? 15.514  -14.478 -29.348 1.00 23.19 ? 27  GLY A CA  1 
ATOM   178 N N   . GLY B 1 3  ? -14.785 16.077  30.475  0.60 16.89 ? 33  GLY B N   1 
ATOM   179 C CA  . GLY B 1 3  ? -15.063 14.621  30.263  0.60 15.15 ? 33  GLY B CA  1 
ATOM   180 C C   . GLY B 1 3  ? -13.890 13.880  29.619  0.60 13.51 ? 33  GLY B C   1 
ATOM   181 O O   . GLY B 1 3  ? -12.870 14.484  29.279  0.60 13.37 ? 33  GLY B O   1 
ATOM   182 N N   . PRO B 1 4  ? -14.016 12.554  29.471  0.60 13.33 ? 34  PRO B N   1 
ATOM   183 C CA  . PRO B 1 4  ? -12.879 11.773  28.995  0.60 13.21 ? 34  PRO B CA  1 
ATOM   184 C C   . PRO B 1 4  ? -12.482 12.075  27.532  1.00 10.74 ? 34  PRO B C   1 
ATOM   185 O O   . PRO B 1 4  ? -13.321 12.510  26.734  1.00 11.13 ? 34  PRO B O   1 
ATOM   186 C CB  . PRO B 1 4  ? -13.370 10.318  29.126  0.60 14.89 ? 34  PRO B CB  1 
ATOM   187 C CG  . PRO B 1 4  ? -14.570 10.375  29.998  0.60 17.33 ? 34  PRO B CG  1 
ATOM   188 C CD  . PRO B 1 4  ? -15.189 11.701  29.719  0.60 16.76 ? 34  PRO B CD  1 
HETATM 189 N N   . HYP B 1 5  ? -11.197 11.856  27.190  1.00 11.08 ? 35  HYP B N   1 
HETATM 190 C CA  . HYP B 1 5  ? -10.772 11.971  25.776  1.00 10.49 ? 35  HYP B CA  1 
HETATM 191 C C   . HYP B 1 5  ? -11.638 11.084  24.949  1.00 9.84  ? 35  HYP B C   1 
HETATM 192 O O   . HYP B 1 5  ? -12.057 10.014  25.406  1.00 10.25 ? 35  HYP B O   1 
HETATM 193 C CB  . HYP B 1 5  ? -9.292  11.565  25.745  1.00 11.84 ? 35  HYP B CB  1 
HETATM 194 C CG  . HYP B 1 5  ? -8.827  11.931  27.142  1.00 14.19 ? 35  HYP B CG  1 
HETATM 195 C CD  . HYP B 1 5  ? -9.996  11.519  28.014  1.00 13.70 ? 35  HYP B CD  1 
HETATM 196 O OD1 . HYP B 1 5  ? -8.673  13.339  27.220  1.00 16.49 ? 35  HYP B OD1 1 
ATOM   197 N N   . GLY B 1 6  ? -11.906 11.508  23.711  1.00 8.25  ? 36  GLY B N   1 
ATOM   198 C CA  . GLY B 1 6  ? -12.656 10.712  22.809  1.00 7.60  ? 36  GLY B CA  1 
ATOM   199 C C   . GLY B 1 6  ? -11.979 9.433   22.371  1.00 7.06  ? 36  GLY B C   1 
ATOM   200 O O   . GLY B 1 6  ? -10.810 9.211   22.656  1.00 7.58  ? 36  GLY B O   1 
ATOM   201 N N   . PRO B 1 7  ? -12.736 8.583   21.677  1.00 7.90  ? 37  PRO B N   1 
ATOM   202 C CA  . PRO B 1 7  ? -12.183 7.354   21.126  1.00 7.97  ? 37  PRO B CA  1 
ATOM   203 C C   . PRO B 1 7  ? -11.075 7.637   20.118  1.00 6.11  ? 37  PRO B C   1 
ATOM   204 O O   . PRO B 1 7  ? -11.003 8.733   19.535  1.00 5.50  ? 37  PRO B O   1 
ATOM   205 C CB  . PRO B 1 7  ? -13.375 6.761   20.351  1.00 10.54 ? 37  PRO B CB  1 
ATOM   206 C CG  . PRO B 1 7  ? -14.564 7.307   21.003  1.00 10.69 ? 37  PRO B CG  1 
ATOM   207 C CD  . PRO B 1 7  ? -14.158 8.713   21.351  1.00 8.93  ? 37  PRO B CD  1 
HETATM 208 N N   . HYP B 1 8  ? -10.244 6.644   19.855  1.00 5.86  ? 38  HYP B N   1 
HETATM 209 C CA  . HYP B 1 8  ? -9.286  6.768   18.755  1.00 5.03  ? 38  HYP B CA  1 
HETATM 210 C C   . HYP B 1 8  ? -9.971  6.997   17.447  1.00 4.38  ? 38  HYP B C   1 
HETATM 211 O O   . HYP B 1 8  ? -11.114 6.587   17.242  1.00 4.71  ? 38  HYP B O   1 
HETATM 212 C CB  . HYP B 1 8  ? -8.525  5.431   18.746  1.00 6.01  ? 38  HYP B CB  1 
HETATM 213 C CG  . HYP B 1 8  ? -8.694  4.910   20.161  1.00 6.78  ? 38  HYP B CG  1 
HETATM 214 C CD  . HYP B 1 8  ? -10.105 5.332   20.494  1.00 6.60  ? 38  HYP B CD  1 
HETATM 215 O OD1 . HYP B 1 8  ? -7.862  5.605   21.076  1.00 7.33  ? 38  HYP B OD1 1 
ATOM   216 N N   . GLY B 1 9  ? -9.282  7.648   16.523  1.00 4.64  ? 39  GLY B N   1 
ATOM   217 C CA  . GLY B 1 9  ? -9.873  7.805   15.208  1.00 4.51  ? 39  GLY B CA  1 
ATOM   218 C C   . GLY B 1 9  ? -9.920  6.525   14.410  1.00 4.50  ? 39  GLY B C   1 
ATOM   219 O O   . GLY B 1 9  ? -9.463  5.477   14.838  1.00 4.59  ? 39  GLY B O   1 
ATOM   220 N N   . PRO B 1 10 ? -10.495 6.596   13.220  1.00 5.01  ? 40  PRO B N   1 
ATOM   221 C CA  . PRO B 1 10 ? -10.544 5.429   12.351  1.00 5.39  ? 40  PRO B CA  1 
ATOM   222 C C   . PRO B 1 10 ? -9.175  5.065   11.792  1.00 4.78  ? 40  PRO B C   1 
ATOM   223 O O   . PRO B 1 10 ? -8.247  5.842   11.839  1.00 4.12  ? 40  PRO B O   1 
ATOM   224 C CB  . PRO B 1 10 ? -11.478 5.847   11.216  1.00 7.31  ? 40  PRO B CB  1 
ATOM   225 C CG  . PRO B 1 10 ? -11.757 7.250   11.384  1.00 7.71  ? 40  PRO B CG  1 
ATOM   226 C CD  . PRO B 1 10 ? -11.100 7.782   12.605  1.00 5.69  ? 40  PRO B CD  1 
HETATM 227 N N   . HYP B 1 11 ? -9.064  3.880   11.200  1.00 4.73  ? 41  HYP B N   1 
HETATM 228 C CA  . HYP B 1 11 ? -7.827  3.522   10.486  1.00 4.36  ? 41  HYP B CA  1 
HETATM 229 C C   . HYP B 1 11 ? -7.540  4.476   9.364   1.00 3.72  ? 41  HYP B C   1 
HETATM 230 O O   . HYP B 1 11 ? -8.456  5.039   8.764   1.00 4.27  ? 41  HYP B O   1 
HETATM 231 C CB  . HYP B 1 11 ? -8.075  2.101   9.951   1.00 4.70  ? 41  HYP B CB  1 
HETATM 232 C CG  . HYP B 1 11 ? -9.263  1.575   10.765  1.00 5.08  ? 41  HYP B CG  1 
HETATM 233 C CD  . HYP B 1 11 ? -10.088 2.809   11.040  1.00 5.12  ? 41  HYP B CD  1 
HETATM 234 O OD1 . HYP B 1 11 ? -8.786  1.056   12.013  1.00 6.95  ? 41  HYP B OD1 1 
ATOM   235 N N   . GLY B 1 12 ? -6.260  4.674   9.049   1.00 4.01  ? 42  GLY B N   1 
ATOM   236 C CA  . GLY B 1 12 ? -5.882  5.454   7.913   1.00 4.29  ? 42  GLY B CA  1 
ATOM   237 C C   . GLY B 1 12 ? -6.264  4.835   6.568   1.00 3.82  ? 42  GLY B C   1 
ATOM   238 O O   . GLY B 1 12 ? -6.783  3.715   6.505   1.00 3.92  ? 42  GLY B O   1 
ATOM   239 N N   . PRO B 1 13 ? -5.979  5.550   5.474   1.00 4.23  ? 43  PRO B N   1 
ATOM   240 C CA  . PRO B 1 13 ? -6.174  5.032   4.135   1.00 3.99  ? 43  PRO B CA  1 
ATOM   241 C C   . PRO B 1 13 ? -5.035  4.123   3.705   1.00 3.51  ? 43  PRO B C   1 
ATOM   242 O O   . PRO B 1 13 ? -3.994  4.060   4.356   1.00 3.61  ? 43  PRO B O   1 
ATOM   243 C CB  . PRO B 1 13 ? -6.166  6.287   3.300   1.00 5.06  ? 43  PRO B CB  1 
ATOM   244 C CG  . PRO B 1 13 ? -5.191  7.155   4.001   1.00 5.21  ? 43  PRO B CG  1 
ATOM   245 C CD  . PRO B 1 13 ? -5.317  6.857   5.449   1.00 5.17  ? 43  PRO B CD  1 
HETATM 246 N N   . HYP B 1 14 ? -5.168  3.424   2.590   1.00 3.78  ? 44  HYP B N   1 
HETATM 247 C CA  . HYP B 1 14 ? -4.034  2.698   2.012   1.00 3.83  ? 44  HYP B CA  1 
HETATM 248 C C   . HYP B 1 14 ? -2.982  3.643   1.520   1.00 3.58  ? 44  HYP B C   1 
HETATM 249 O O   . HYP B 1 14 ? -3.281  4.784   1.117   1.00 3.76  ? 44  HYP B O   1 
HETATM 250 C CB  . HYP B 1 14 ? -4.606  1.922   0.813   1.00 4.42  ? 44  HYP B CB  1 
HETATM 251 C CG  . HYP B 1 14 ? -6.122  2.000   0.987   1.00 4.84  ? 44  HYP B CG  1 
HETATM 252 C CD  . HYP B 1 14 ? -6.357  3.320   1.704   1.00 4.04  ? 44  HYP B CD  1 
HETATM 253 O OD1 . HYP B 1 14 ? -6.522  0.927   1.834   1.00 5.34  ? 44  HYP B OD1 1 
ATOM   254 N N   . ALA B 1 15 ? -1.736  3.158   1.441   1.00 3.56  ? 45  ALA B N   1 
ATOM   255 C CA  . ALA B 1 15 ? -0.668  3.808   0.708   1.00 3.83  ? 45  ALA B CA  1 
ATOM   256 C C   . ALA B 1 15 ? -0.994  3.847   -0.802  1.00 3.75  ? 45  ALA B C   1 
ATOM   257 O O   . ALA B 1 15 ? -1.868  3.102   -1.248  1.00 4.15  ? 45  ALA B O   1 
ATOM   258 C CB  . ALA B 1 15 ? 0.620   3.034   0.978   1.00 4.13  ? 45  ALA B CB  1 
ATOM   259 N N   . PRO B 1 16 ? -0.321  4.711   -1.572  1.00 3.77  ? 46  PRO B N   1 
ATOM   260 C CA  . PRO B 1 16 ? -0.632  4.813   -2.999  1.00 4.18  ? 46  PRO B CA  1 
ATOM   261 C C   . PRO B 1 16 ? -0.178  3.593   -3.788  1.00 4.06  ? 46  PRO B C   1 
ATOM   262 O O   . PRO B 1 16 ? 0.523   2.731   -3.274  1.00 4.23  ? 46  PRO B O   1 
ATOM   263 C CB  . PRO B 1 16 ? 0.150   6.056   -3.432  1.00 4.87  ? 46  PRO B CB  1 
ATOM   264 C CG  . PRO B 1 16 ? 1.262   6.192   -2.437  1.00 5.50  ? 46  PRO B CG  1 
ATOM   265 C CD  . PRO B 1 16 ? 0.671   5.716   -1.154  1.00 4.58  ? 46  PRO B CD  1 
HETATM 266 N N   . HYP B 1 17 ? -0.530  3.499   -5.062  1.00 4.14  ? 47  HYP B N   1 
HETATM 267 C CA  . HYP B 1 17 ? -0.150  2.359   -5.900  1.00 4.34  ? 47  HYP B CA  1 
HETATM 268 C C   . HYP B 1 17 ? 1.314   2.035   -5.850  1.00 4.01  ? 47  HYP B C   1 
HETATM 269 O O   . HYP B 1 17 ? 2.150   2.937   -5.875  1.00 4.73  ? 47  HYP B O   1 
HETATM 270 C CB  . HYP B 1 17 ? -0.686  2.698   -7.307  1.00 5.24  ? 47  HYP B CB  1 
HETATM 271 C CG  . HYP B 1 17 ? -1.877  3.608   -7.036  1.00 5.08  ? 47  HYP B CG  1 
HETATM 272 C CD  . HYP B 1 17 ? -1.502  4.337   -5.765  1.00 4.58  ? 47  HYP B CD  1 
HETATM 273 O OD1 . HYP B 1 17 ? -3.023  2.827   -6.768  1.00 5.51  ? 47  HYP B OD1 1 
ATOM   274 N N   . GLY B 1 18 ? 1.621   0.732   -5.800  1.00 4.36  ? 48  GLY B N   1 
ATOM   275 C CA  . GLY B 1 18 ? 2.996   0.299   -5.698  1.00 4.46  ? 48  GLY B CA  1 
ATOM   276 C C   . GLY B 1 18 ? 3.778   0.435   -7.005  1.00 4.62  ? 48  GLY B C   1 
ATOM   277 O O   . GLY B 1 18 ? 3.232   0.646   -8.089  1.00 5.45  ? 48  GLY B O   1 
ATOM   278 N N   . PRO B 1 19 ? 5.085   0.306   -6.898  1.00 4.97  ? 49  PRO B N   1 
ATOM   279 C CA  . PRO B 1 19 ? 5.907   0.368   -8.091  1.00 4.77  ? 49  PRO B CA  1 
ATOM   280 C C   . PRO B 1 19 ? 5.847   -0.897  -8.906  1.00 4.11  ? 49  PRO B C   1 
ATOM   281 O O   . PRO B 1 19 ? 5.430   -1.948  -8.402  1.00 4.40  ? 49  PRO B O   1 
ATOM   282 C CB  . PRO B 1 19 ? 7.299   0.587   -7.531  1.00 6.45  ? 49  PRO B CB  1 
ATOM   283 C CG  . PRO B 1 19 ? 7.272   -0.214  -6.300  1.00 6.48  ? 49  PRO B CG  1 
ATOM   284 C CD  . PRO B 1 19 ? 5.903   0.017   -5.714  1.00 5.69  ? 49  PRO B CD  1 
HETATM 285 N N   . HYP B 1 20 ? 6.295   -0.839  -10.155 1.00 4.42  ? 50  HYP B N   1 
HETATM 286 C CA  . HYP B 1 20 ? 6.338   -2.020  -10.989 1.00 5.16  ? 50  HYP B CA  1 
HETATM 287 C C   . HYP B 1 20 ? 7.207   -3.084  -10.420 1.00 4.13  ? 50  HYP B C   1 
HETATM 288 O O   . HYP B 1 20 ? 8.190   -2.808  -9.724  1.00 4.86  ? 50  HYP B O   1 
HETATM 289 C CB  . HYP B 1 20 ? 6.889   -1.576  -12.346 1.00 6.62  ? 50  HYP B CB  1 
HETATM 290 C CG  . HYP B 1 20 ? 6.620   -0.082  -12.397 1.00 7.67  ? 50  HYP B CG  1 
HETATM 291 C CD  . HYP B 1 20 ? 6.760   0.360   -10.954 1.00 5.88  ? 50  HYP B CD  1 
HETATM 292 O OD1 . HYP B 1 20 ? 5.270   0.151   -12.780 1.00 9.98  ? 50  HYP B OD1 1 
ATOM   293 N N   . GLY B 1 21 ? 6.912   -4.328  -10.753 1.00 4.10  ? 51  GLY B N   1 
ATOM   294 C CA  . GLY B 1 21 ? 7.847   -5.393  -10.443 1.00 3.97  ? 51  GLY B CA  1 
ATOM   295 C C   . GLY B 1 21 ? 9.115   -5.344  -11.256 1.00 3.63  ? 51  GLY B C   1 
ATOM   296 O O   . GLY B 1 21 ? 9.318   -4.454  -12.088 1.00 3.80  ? 51  GLY B O   1 
ATOM   297 N N   . PRO B 1 22 ? 10.013  -6.279  -10.970 1.00 3.88  ? 52  PRO B N   1 
ATOM   298 C CA  . PRO B 1 22 ? 11.257  -6.360  -11.677 1.00 4.01  ? 52  PRO B CA  1 
ATOM   299 C C   . PRO B 1 22 ? 11.110  -6.977  -13.068 1.00 3.83  ? 52  PRO B C   1 
ATOM   300 O O   . PRO B 1 22 ? 10.050  -7.522  -13.430 1.00 3.50  ? 52  PRO B O   1 
ATOM   301 C CB  . PRO B 1 22 ? 12.087  -7.242  -10.767 1.00 4.69  ? 52  PRO B CB  1 
ATOM   302 C CG  . PRO B 1 22 ? 11.106  -8.218  -10.254 1.00 4.69  ? 52  PRO B CG  1 
ATOM   303 C CD  . PRO B 1 22 ? 9.848   -7.401  -10.033 1.00 4.27  ? 52  PRO B CD  1 
HETATM 304 N N   . HYP B 1 23 ? 12.173  -6.918  -13.879 1.00 4.05  ? 53  HYP B N   1 
HETATM 305 C CA  . HYP B 1 23 ? 12.136  -7.469  -15.237 1.00 4.33  ? 53  HYP B CA  1 
HETATM 306 C C   . HYP B 1 23 ? 11.791  -8.924  -15.272 1.00 3.96  ? 53  HYP B C   1 
HETATM 307 O O   . HYP B 1 23 ? 12.209  -9.686  -14.387 1.00 3.86  ? 53  HYP B O   1 
HETATM 308 C CB  . HYP B 1 23 ? 13.532  -7.178  -15.800 1.00 5.50  ? 53  HYP B CB  1 
HETATM 309 C CG  . HYP B 1 23 ? 13.929  -5.902  -15.073 1.00 5.94  ? 53  HYP B CG  1 
HETATM 310 C CD  . HYP B 1 23 ? 13.418  -6.139  -13.671 1.00 4.99  ? 53  HYP B CD  1 
HETATM 311 O OD1 . HYP B 1 23 ? 13.245  -4.759  -15.565 1.00 8.80  ? 53  HYP B OD1 1 
ATOM   312 N N   . GLY B 1 24 ? 11.052  -9.363  -16.309 1.00 4.26  ? 54  GLY B N   1 
ATOM   313 C CA  . GLY B 1 24 ? 10.777  -10.746 -16.483 1.00 4.26  ? 54  GLY B CA  1 
ATOM   314 C C   . GLY B 1 24 ? 11.974  -11.580 -16.919 1.00 4.04  ? 54  GLY B C   1 
ATOM   315 O O   . GLY B 1 24 ? 13.084  -11.069 -17.059 1.00 4.00  ? 54  GLY B O   1 
ATOM   316 N N   . PRO B 1 25 ? 11.766  -12.880 -17.082 1.00 4.24  ? 55  PRO B N   1 
ATOM   317 C CA  . PRO B 1 25 ? 12.847  -13.765 -17.457 1.00 4.81  ? 55  PRO B CA  1 
ATOM   318 C C   . PRO B 1 25 ? 13.165  -13.631 -18.955 1.00 5.20  ? 55  PRO B C   1 
ATOM   319 O O   . PRO B 1 25 ? 12.440  -12.980 -19.718 1.00 4.87  ? 55  PRO B O   1 
ATOM   320 C CB  . PRO B 1 25 ? 12.289  -15.138 -17.098 1.00 5.93  ? 55  PRO B CB  1 
ATOM   321 C CG  . PRO B 1 25 ? 10.821  -14.983 -17.290 1.00 6.02  ? 55  PRO B CG  1 
ATOM   322 C CD  . PRO B 1 25 ? 10.501  -13.598 -16.892 1.00 5.03  ? 55  PRO B CD  1 
HETATM 323 N N   . HYP B 1 26 ? 14.269  -14.226 -19.400 1.00 5.03  ? 56  HYP B N   1 
HETATM 324 C CA  . HYP B 1 26 ? 14.627  -14.199 -20.831 1.00 6.25  ? 56  HYP B CA  1 
HETATM 325 C C   . HYP B 1 26 ? 13.561  -14.788 -21.690 1.00 6.99  ? 56  HYP B C   1 
HETATM 326 O O   . HYP B 1 26 ? 12.886  -15.733 -21.277 1.00 7.94  ? 56  HYP B O   1 
HETATM 327 C CB  . HYP B 1 26 ? 15.953  -14.948 -20.914 1.00 7.87  ? 56  HYP B CB  1 
HETATM 328 C CG  . HYP B 1 26 ? 16.510  -14.843 -19.499 1.00 7.22  ? 56  HYP B CG  1 
HETATM 329 C CD  . HYP B 1 26 ? 15.263  -14.990 -18.656 1.00 6.17  ? 56  HYP B CD  1 
HETATM 330 O OD1 . HYP B 1 26 ? 17.088  -13.563 -19.249 1.00 8.53  ? 56  HYP B OD1 1 
ATOM   331 N N   . GLY B 1 27 ? 13.434  -14.274 -22.917 1.00 7.78  ? 57  GLY B N   1 
ATOM   332 C CA  . GLY B 1 27 ? 12.473  -14.842 -23.855 1.00 9.04  ? 57  GLY B CA  1 
ATOM   333 C C   . GLY B 1 27 ? 12.957  -16.171 -24.414 1.00 11.46 ? 57  GLY B C   1 
ATOM   334 O O   . GLY B 1 27 ? 14.075  -16.610 -24.107 1.00 12.81 ? 57  GLY B O   1 
ATOM   335 N N   . PRO B 1 28 ? 12.130  -16.804 -25.259 1.00 13.03 ? 58  PRO B N   1 
ATOM   336 C CA  . PRO B 1 28 ? 12.479  -18.138 -25.787 1.00 16.29 ? 58  PRO B CA  1 
ATOM   337 C C   . PRO B 1 28 ? 13.583  -18.097 -26.839 1.00 19.57 ? 58  PRO B C   1 
ATOM   338 O O   . PRO B 1 28 ? 13.875  -17.022 -27.367 1.00 18.62 ? 58  PRO B O   1 
ATOM   339 C CB  . PRO B 1 28 ? 11.167  -18.656 -26.386 1.00 18.98 ? 58  PRO B CB  1 
ATOM   340 C CG  . PRO B 1 28 ? 10.163  -17.575 -26.278 1.00 17.07 ? 58  PRO B CG  1 
ATOM   341 C CD  . PRO B 1 28 ? 10.743  -16.403 -25.538 1.00 14.97 ? 58  PRO B CD  1 
ATOM   342 N N   . GLY C 1 3  ? -15.657 16.388  26.409  0.75 24.90 ? 63  GLY C N   1 
ATOM   343 C CA  . GLY C 1 3  ? -14.236 15.925  26.503  0.75 18.59 ? 63  GLY C CA  1 
ATOM   344 C C   . GLY C 1 3  ? -13.366 16.247  25.287  0.75 14.74 ? 63  GLY C C   1 
ATOM   345 O O   . GLY C 1 3  ? -13.892 16.541  24.217  0.75 15.23 ? 63  GLY C O   1 
ATOM   346 N N   . PRO C 1 4  ? -12.028 16.204  25.445  0.75 14.33 ? 64  PRO C N   1 
ATOM   347 C CA  . PRO C 1 4  ? -11.148 16.517  24.317  0.75 14.16 ? 64  PRO C CA  1 
ATOM   348 C C   . PRO C 1 4  ? -11.237 15.478  23.184  0.75 10.50 ? 64  PRO C C   1 
ATOM   349 O O   . PRO C 1 4  ? -11.650 14.336  23.414  1.00 9.32  ? 64  PRO C O   1 
ATOM   350 C CB  . PRO C 1 4  ? -9.733  16.467  24.936  0.75 17.97 ? 64  PRO C CB  1 
ATOM   351 C CG  . PRO C 1 4  ? -9.935  16.454  26.408  0.75 20.52 ? 64  PRO C CG  1 
ATOM   352 C CD  . PRO C 1 4  ? -11.255 15.788  26.631  0.75 17.89 ? 64  PRO C CD  1 
HETATM 353 N N   . HYP C 1 5  ? -10.815 15.833  21.965  1.00 12.48 ? 65  HYP C N   1 
HETATM 354 C CA  . HYP C 1 5  ? -10.808 14.873  20.842  1.00 11.42 ? 65  HYP C CA  1 
HETATM 355 C C   . HYP C 1 5  ? -9.943  13.696  21.153  1.00 8.29  ? 65  HYP C C   1 
HETATM 356 O O   . HYP C 1 5  ? -8.911  13.814  21.833  1.00 8.66  ? 65  HYP C O   1 
HETATM 357 C CB  . HYP C 1 5  ? -10.319 15.683  19.629  1.00 14.50 ? 65  HYP C CB  1 
HETATM 358 C CG  . HYP C 1 5  ? -10.702 17.116  19.970  1.00 16.93 ? 65  HYP C CG  1 
HETATM 359 C CD  . HYP C 1 5  ? -10.485 17.198  21.460  1.00 15.44 ? 65  HYP C CD  1 
HETATM 360 O OD1 . HYP C 1 5  ? -12.081 17.352  19.738  1.00 19.34 ? 65  HYP C OD1 1 
ATOM   361 N N   . GLY C 1 6  ? -10.322 12.514  20.638  1.00 6.23  ? 66  GLY C N   1 
ATOM   362 C CA  . GLY C 1 6  ? -9.462  11.365  20.798  1.00 5.69  ? 66  GLY C CA  1 
ATOM   363 C C   . GLY C 1 6  ? -8.145  11.461  20.025  1.00 5.69  ? 66  GLY C C   1 
ATOM   364 O O   . GLY C 1 6  ? -7.940  12.380  19.231  1.00 6.55  ? 66  GLY C O   1 
ATOM   365 N N   . PRO C 1 7  ? -7.259  10.499  20.245  1.00 5.45  ? 67  PRO C N   1 
ATOM   366 C CA  . PRO C 1 7  ? -5.968  10.440  19.577  1.00 5.59  ? 67  PRO C CA  1 
ATOM   367 C C   . PRO C 1 7  ? -6.093  9.853   18.161  1.00 4.68  ? 67  PRO C C   1 
ATOM   368 O O   . PRO C 1 7  ? -7.123  9.301   17.782  1.00 4.75  ? 67  PRO C O   1 
ATOM   369 C CB  . PRO C 1 7  ? -5.180  9.503   20.494  1.00 5.99  ? 67  PRO C CB  1 
ATOM   370 C CG  . PRO C 1 7  ? -6.205  8.515   20.954  1.00 6.09  ? 67  PRO C CG  1 
ATOM   371 C CD  . PRO C 1 7  ? -7.446  9.347   21.155  1.00 6.14  ? 67  PRO C CD  1 
HETATM 372 N N   . HYP C 1 8  ? -5.040  9.903   17.370  1.00 4.23  ? 68  HYP C N   1 
HETATM 373 C CA  . HYP C 1 8  ? -5.085  9.359   16.005  1.00 4.27  ? 68  HYP C CA  1 
HETATM 374 C C   . HYP C 1 8  ? -5.424  7.901   15.965  1.00 4.29  ? 68  HYP C C   1 
HETATM 375 O O   . HYP C 1 8  ? -5.016  7.119   16.855  1.00 4.15  ? 68  HYP C O   1 
HETATM 376 C CB  . HYP C 1 8  ? -3.689  9.656   15.439  1.00 5.26  ? 68  HYP C CB  1 
HETATM 377 C CG  . HYP C 1 8  ? -3.226  10.881  16.213  1.00 5.37  ? 68  HYP C CG  1 
HETATM 378 C CD  . HYP C 1 8  ? -3.730  10.634  17.619  1.00 5.04  ? 68  HYP C CD  1 
HETATM 379 O OD1 . HYP C 1 8  ? -3.922  12.042  15.729  1.00 8.52  ? 68  HYP C OD1 1 
ATOM   380 N N   . GLY C 1 9  ? -6.112  7.478   14.915  1.00 3.86  ? 69  GLY C N   1 
ATOM   381 C CA  . GLY C 1 9  ? -6.403  6.069   14.715  1.00 3.81  ? 69  GLY C CA  1 
ATOM   382 C C   . GLY C 1 9  ? -5.196  5.259   14.285  1.00 4.00  ? 69  GLY C C   1 
ATOM   383 O O   . GLY C 1 9  ? -4.102  5.785   14.137  1.00 4.03  ? 69  GLY C O   1 
ATOM   384 N N   . PRO C 1 10 ? -5.404  3.969   14.096  1.00 4.16  ? 70  PRO C N   1 
ATOM   385 C CA  . PRO C 1 10 ? -4.315  3.089   13.724  1.00 4.63  ? 70  PRO C CA  1 
ATOM   386 C C   . PRO C 1 10 ? -3.956  3.222   12.240  1.00 3.89  ? 70  PRO C C   1 
ATOM   387 O O   . PRO C 1 10 ? -4.646  3.872   11.449  1.00 3.51  ? 70  PRO C O   1 
ATOM   388 C CB  . PRO C 1 10 ? -4.849  1.726   14.081  1.00 5.55  ? 70  PRO C CB  1 
ATOM   389 C CG  . PRO C 1 10 ? -6.291  1.836   13.962  1.00 5.66  ? 70  PRO C CG  1 
ATOM   390 C CD  . PRO C 1 10 ? -6.658  3.241   14.316  1.00 4.65  ? 70  PRO C CD  1 
HETATM 391 N N   . HYP C 1 11 ? -2.814  2.650   11.875  1.00 3.77  ? 71  HYP C N   1 
HETATM 392 C CA  . HYP C 1 11 ? -2.395  2.693   10.442  1.00 3.46  ? 71  HYP C CA  1 
HETATM 393 C C   . HYP C 1 11 ? -3.414  2.074   9.542   1.00 3.32  ? 71  HYP C C   1 
HETATM 394 O O   . HYP C 1 11 ? -4.133  1.160   9.914   1.00 3.54  ? 71  HYP C O   1 
HETATM 395 C CB  . HYP C 1 11 ? -1.055  1.944   10.430  1.00 4.22  ? 71  HYP C CB  1 
HETATM 396 C CG  . HYP C 1 11 ? -0.544  2.061   11.856  1.00 4.75  ? 71  HYP C CG  1 
HETATM 397 C CD  . HYP C 1 11 ? -1.799  1.912   12.683  1.00 4.56  ? 71  HYP C CD  1 
HETATM 398 O OD1 . HYP C 1 11 ? -0.015  3.367   12.074  1.00 5.21  ? 71  HYP C OD1 1 
ATOM   399 N N   . GLY C 1 12 ? -3.442  2.557   8.301   1.00 2.92  ? 72  GLY C N   1 
ATOM   400 C CA  . GLY C 1 12 ? -4.343  1.975   7.339   1.00 2.98  ? 72  GLY C CA  1 
ATOM   401 C C   . GLY C 1 12 ? -3.947  0.580   6.899   1.00 3.05  ? 72  GLY C C   1 
ATOM   402 O O   . GLY C 1 12 ? -2.906  0.048   7.320   1.00 3.33  ? 72  GLY C O   1 
ATOM   403 N N   . PRO C 1 13 ? -4.834  -0.047  6.134   1.00 3.41  ? 73  PRO C N   1 
ATOM   404 C CA  . PRO C 1 13 ? -4.589  -1.434  5.740   1.00 3.63  ? 73  PRO C CA  1 
ATOM   405 C C   . PRO C 1 13 ? -3.515  -1.553  4.692   1.00 3.51  ? 73  PRO C C   1 
ATOM   406 O O   . PRO C 1 13 ? -3.090  -0.563  4.106   1.00 3.56  ? 73  PRO C O   1 
ATOM   407 C CB  . PRO C 1 13 ? -5.926  -1.866  5.148   1.00 4.40  ? 73  PRO C CB  1 
ATOM   408 C CG  . PRO C 1 13 ? -6.549  -0.621  4.680   1.00 5.48  ? 73  PRO C CG  1 
ATOM   409 C CD  . PRO C 1 13 ? -6.070  0.484   5.546   1.00 4.05  ? 73  PRO C CD  1 
HETATM 410 N N   . HYP C 1 14 ? -3.026  -2.762  4.461   1.00 3.74  ? 74  HYP C N   1 
HETATM 411 C CA  . HYP C 1 14 ? -2.110  -3.017  3.335   1.00 4.15  ? 74  HYP C CA  1 
HETATM 412 C C   . HYP C 1 14 ? -2.732  -2.663  2.021   1.00 4.31  ? 74  HYP C C   1 
HETATM 413 O O   . HYP C 1 14 ? -3.946  -2.694  1.851   1.00 5.15  ? 74  HYP C O   1 
HETATM 414 C CB  . HYP C 1 14 ? -1.776  -4.520  3.421   1.00 4.51  ? 74  HYP C CB  1 
HETATM 415 C CG  . HYP C 1 14 ? -2.163  -4.901  4.841   1.00 4.77  ? 74  HYP C CG  1 
HETATM 416 C CD  . HYP C 1 14 ? -3.378  -4.035  5.100   1.00 4.34  ? 74  HYP C CD  1 
HETATM 417 O OD1 . HYP C 1 14 ? -1.120  -4.549  5.736   1.00 5.65  ? 74  HYP C OD1 1 
ATOM   418 N N   . ALA C 1 15 ? -1.891  -2.420  1.022   1.00 5.21  ? 75  ALA C N   1 
ATOM   419 C CA  . ALA C 1 15 ? -2.261  -2.048  -0.319  1.00 5.57  ? 75  ALA C CA  1 
ATOM   420 C C   . ALA C 1 15 ? -1.877  -3.150  -1.290  1.00 5.27  ? 75  ALA C C   1 
ATOM   421 O O   . ALA C 1 15 ? -1.029  -3.978  -0.978  1.00 5.77  ? 75  ALA C O   1 
ATOM   422 C CB  . ALA C 1 15 ? -1.599  -0.744  -0.696  1.00 6.09  ? 75  ALA C CB  1 
ATOM   423 N N   . PRO C 1 16 ? -2.537  -3.201  -2.459  1.00 6.37  ? 76  PRO C N   1 
ATOM   424 C CA  . PRO C 1 16 ? -2.230  -4.202  -3.469  1.00 6.65  ? 76  PRO C CA  1 
ATOM   425 C C   . PRO C 1 16 ? -0.833  -4.151  -4.048  1.00 6.00  ? 76  PRO C C   1 
ATOM   426 O O   . PRO C 1 16 ? -0.202  -3.101  -4.055  1.00 6.22  ? 76  PRO C O   1 
ATOM   427 C CB  . PRO C 1 16 ? -3.235  -3.888  -4.598  1.00 8.23  ? 76  PRO C CB  1 
ATOM   428 C CG  . PRO C 1 16 ? -4.341  -3.223  -3.939  1.00 8.53  ? 76  PRO C CG  1 
ATOM   429 C CD  . PRO C 1 16 ? -3.698  -2.396  -2.869  1.00 7.16  ? 76  PRO C CD  1 
HETATM 430 N N   . HYP C 1 17 ? -0.365  -5.283  -4.604  1.00 6.65  ? 77  HYP C N   1 
HETATM 431 C CA  . HYP C 1 17 ? 0.832   -5.266  -5.437  1.00 6.89  ? 77  HYP C CA  1 
HETATM 432 C C   . HYP C 1 17 ? 0.788   -4.219  -6.512  1.00 5.29  ? 77  HYP C C   1 
HETATM 433 O O   . HYP C 1 17 ? -0.262  -3.950  -7.105  1.00 5.68  ? 77  HYP C O   1 
HETATM 434 C CB  . HYP C 1 17 ? 0.886   -6.652  -6.106  1.00 8.54  ? 77  HYP C CB  1 
HETATM 435 C CG  . HYP C 1 17 ? 0.133   -7.545  -5.134  1.00 9.79  ? 77  HYP C CG  1 
HETATM 436 C CD  . HYP C 1 17 ? -0.975  -6.638  -4.627  1.00 8.17  ? 77  HYP C CD  1 
HETATM 437 O OD1 . HYP C 1 17 ? 0.971   -7.898  -4.039  1.00 13.71 ? 77  HYP C OD1 1 
ATOM   438 N N   . GLY C 1 18 ? 1.932   -3.625  -6.847  1.00 5.51  ? 78  GLY C N   1 
ATOM   439 C CA  . GLY C 1 18 ? 2.065   -2.771  -8.001  1.00 5.08  ? 78  GLY C CA  1 
ATOM   440 C C   . GLY C 1 18 ? 1.883   -3.520  -9.323  1.00 4.79  ? 78  GLY C C   1 
ATOM   441 O O   . GLY C 1 18 ? 1.596   -4.716  -9.347  1.00 4.86  ? 78  GLY C O   1 
ATOM   442 N N   . PRO C 1 19 ? 2.033   -2.801  -10.435 1.00 5.01  ? 79  PRO C N   1 
ATOM   443 C CA  . PRO C 1 19 ? 1.894   -3.453  -11.727 1.00 4.80  ? 79  PRO C CA  1 
ATOM   444 C C   . PRO C 1 19 ? 3.000   -4.441  -12.063 1.00 3.87  ? 79  PRO C C   1 
ATOM   445 O O   . PRO C 1 19 ? 4.101   -4.360  -11.496 1.00 3.92  ? 79  PRO C O   1 
ATOM   446 C CB  . PRO C 1 19 ? 1.937   -2.284  -12.707 1.00 6.96  ? 79  PRO C CB  1 
ATOM   447 C CG  . PRO C 1 19 ? 2.422   -1.139  -11.986 1.00 7.80  ? 79  PRO C CG  1 
ATOM   448 C CD  . PRO C 1 19 ? 2.362   -1.376  -10.555 1.00 6.20  ? 79  PRO C CD  1 
HETATM 449 N N   . HYP C 1 20 ? 2.786   -5.311  -13.047 1.00 4.15  ? 80  HYP C N   1 
HETATM 450 C CA  . HYP C 1 20 ? 3.871   -6.184  -13.489 1.00 4.35  ? 80  HYP C CA  1 
HETATM 451 C C   . HYP C 1 20 ? 5.076   -5.446  -13.977 1.00 3.59  ? 80  HYP C C   1 
HETATM 452 O O   . HYP C 1 20 ? 4.985   -4.334  -14.493 1.00 3.82  ? 80  HYP C O   1 
HETATM 453 C CB  . HYP C 1 20 ? 3.249   -7.020  -14.620 1.00 4.98  ? 80  HYP C CB  1 
HETATM 454 C CG  . HYP C 1 20 ? 1.764   -7.032  -14.269 1.00 5.18  ? 80  HYP C CG  1 
HETATM 455 C CD  . HYP C 1 20 ? 1.530   -5.630  -13.751 1.00 4.68  ? 80  HYP C CD  1 
HETATM 456 O OD1 . HYP C 1 20 ? 1.547   -7.951  -13.199 1.00 5.70  ? 80  HYP C OD1 1 
ATOM   457 N N   . GLY C 1 21 ? 6.259   -6.054  -13.785 1.00 3.29  ? 81  GLY C N   1 
ATOM   458 C CA  . GLY C 1 21 ? 7.480   -5.490  -14.336 1.00 3.30  ? 81  GLY C CA  1 
ATOM   459 C C   . GLY C 1 21 ? 7.541   -5.513  -15.862 1.00 3.70  ? 81  GLY C C   1 
ATOM   460 O O   . GLY C 1 21 ? 6.611   -5.993  -16.543 1.00 4.51  ? 81  GLY C O   1 
ATOM   461 N N   . PRO C 1 22 ? 8.620   -4.959  -16.411 1.00 4.03  ? 82  PRO C N   1 
ATOM   462 C CA  . PRO C 1 22 ? 8.780   -4.951  -17.861 1.00 4.43  ? 82  PRO C CA  1 
ATOM   463 C C   . PRO C 1 22 ? 9.112   -6.318  -18.395 1.00 4.16  ? 82  PRO C C   1 
ATOM   464 O O   . PRO C 1 22 ? 9.587   -7.205  -17.654 1.00 4.64  ? 82  PRO C O   1 
ATOM   465 C CB  . PRO C 1 22 ? 9.937   -3.994  -18.103 1.00 6.23  ? 82  PRO C CB  1 
ATOM   466 C CG  . PRO C 1 22 ? 10.524  -3.727  -16.819 1.00 6.25  ? 82  PRO C CG  1 
ATOM   467 C CD  . PRO C 1 22 ? 9.733   -4.321  -15.720 1.00 4.21  ? 82  PRO C CD  1 
HETATM 468 N N   . HYP C 1 23 ? 8.946   -6.489  -19.697 1.00 4.28  ? 83  HYP C N   1 
HETATM 469 C CA  . HYP C 1 23 ? 9.409   -7.715  -20.327 1.00 4.62  ? 83  HYP C CA  1 
HETATM 470 C C   . HYP C 1 23 ? 10.864  -7.986  -20.082 1.00 4.33  ? 83  HYP C C   1 
HETATM 471 O O   . HYP C 1 23 ? 11.673  -7.055  -20.024 1.00 4.76  ? 83  HYP C O   1 
HETATM 472 C CB  . HYP C 1 23 ? 9.112   -7.533  -21.823 1.00 5.46  ? 83  HYP C CB  1 
HETATM 473 C CG  . HYP C 1 23 ? 7.981   -6.519  -21.829 1.00 5.11  ? 83  HYP C CG  1 
HETATM 474 C CD  . HYP C 1 23 ? 8.373   -5.579  -20.712 1.00 4.62  ? 83  HYP C CD  1 
HETATM 475 O OD1 . HYP C 1 23 ? 6.757   -7.169  -21.517 1.00 6.37  ? 83  HYP C OD1 1 
ATOM   476 N N   . GLY C 1 24 ? 11.227  -9.267  -19.974 1.00 4.44  ? 84  GLY C N   1 
ATOM   477 C CA  . GLY C 1 24 ? 12.616  -9.641  -19.804 1.00 4.47  ? 84  GLY C CA  1 
ATOM   478 C C   . GLY C 1 24 ? 13.466  -9.410  -21.040 1.00 4.48  ? 84  GLY C C   1 
ATOM   479 O O   . GLY C 1 24 ? 12.992  -8.950  -22.094 1.00 5.32  ? 84  GLY C O   1 
ATOM   480 N N   . PRO C 1 25 ? 14.745  -9.769  -20.926 1.00 4.71  ? 85  PRO C N   1 
ATOM   481 C CA  . PRO C 1 25 ? 15.642  -9.707  -22.082 1.00 5.47  ? 85  PRO C CA  1 
ATOM   482 C C   . PRO C 1 25 ? 15.210  -10.581 -23.254 1.00 6.01  ? 85  PRO C C   1 
ATOM   483 O O   . PRO C 1 25 ? 14.543  -11.591 -23.082 1.00 5.60  ? 85  PRO C O   1 
ATOM   484 C CB  . PRO C 1 25 ? 16.971  -10.216 -21.543 1.00 6.93  ? 85  PRO C CB  1 
ATOM   485 C CG  . PRO C 1 25 ? 16.856  -10.155 -20.096 1.00 6.86  ? 85  PRO C CG  1 
ATOM   486 C CD  . PRO C 1 25 ? 15.426  -10.288 -19.730 1.00 5.16  ? 85  PRO C CD  1 
HETATM 487 N N   . HYP C 1 26 ? 15.668  -10.234 -24.464 1.00 7.78  ? 86  HYP C N   1 
HETATM 488 C CA  . HYP C 1 26 ? 15.490  -11.128 -25.610 1.00 9.44  ? 86  HYP C CA  1 
HETATM 489 C C   . HYP C 1 26 ? 16.033  -12.487 -25.324 1.00 11.13 ? 86  HYP C C   1 
HETATM 490 O O   . HYP C 1 26 ? 17.011  -12.626 -24.575 1.00 13.00 ? 86  HYP C O   1 
HETATM 491 C CB  . HYP C 1 26 ? 16.316  -10.493 -26.743 1.00 10.20 ? 86  HYP C CB  1 
HETATM 492 C CG  . HYP C 1 26 ? 16.293  -9.020  -26.389 1.00 11.56 ? 86  HYP C CG  1 
HETATM 493 C CD  . HYP C 1 26 ? 16.427  -9.024  -24.877 1.00 9.66  ? 86  HYP C CD  1 
HETATM 494 O OD1 . HYP C 1 26 ? 15.018  -8.507  -26.763 1.00 13.04 ? 86  HYP C OD1 1 
ATOM   495 N N   . GLY C 1 27 ? 15.399  -13.532 -25.897 1.00 11.92 ? 87  GLY C N   1 
ATOM   496 C CA  . GLY C 1 27 ? 15.945  -14.890 -25.755 0.75 14.62 ? 87  GLY C CA  1 
ATOM   497 C C   . GLY C 1 27 ? 17.250  -15.168 -26.505 0.75 18.60 ? 87  GLY C C   1 
ATOM   498 O O   . GLY C 1 27 ? 17.936  -14.260 -26.986 0.75 20.25 ? 87  GLY C O   1 
HETATM 499 O O   B HOH D 2 .  ? 7.153   -15.649 -16.989 0.20 4.23  ? 101 HOH A O   1 
HETATM 500 O O   . HOH D 2 .  ? -14.640 7.378   27.227  1.00 19.74 ? 102 HOH A O   1 
HETATM 501 O O   . HOH D 2 .  ? 3.989   -10.608 -15.418 1.00 14.44 ? 103 HOH A O   1 
HETATM 502 O O   . HOH D 2 .  ? 6.418   4.328   0.756   1.00 6.57  ? 104 HOH A O   1 
HETATM 503 O O   B HOH D 2 .  ? 3.127   3.990   3.704   0.50 14.12 ? 105 HOH A O   1 
HETATM 504 O O   A HOH D 2 .  ? 4.154   -12.020 -13.576 0.50 7.11  ? 106 HOH A O   1 
HETATM 505 O O   B HOH D 2 .  ? -4.084  9.702   7.233   0.50 5.92  ? 107 HOH A O   1 
HETATM 506 O O   . HOH D 2 .  ? 9.819   -17.855 -19.842 1.00 26.31 ? 108 HOH A O   1 
HETATM 507 O O   . HOH D 2 .  ? -11.628 8.054   7.875   1.00 8.08  ? 109 HOH A O   1 
HETATM 508 O O   . HOH D 2 .  ? 10.691  -2.341  -6.018  1.00 10.93 ? 110 HOH A O   1 
HETATM 509 O O   . HOH D 2 .  ? -17.716 8.708   19.633  1.00 21.13 ? 111 HOH A O   1 
HETATM 510 O O   B HOH D 2 .  ? -12.659 11.448  13.201  0.50 8.57  ? 112 HOH A O   1 
HETATM 511 O O   . HOH D 2 .  ? 1.915   2.878   8.105   1.00 7.70  ? 113 HOH A O   1 
HETATM 512 O O   . HOH D 2 .  ? -12.450 11.050  10.511  1.00 9.64  ? 114 HOH A O   1 
HETATM 513 O O   . HOH D 2 .  ? 7.693   -10.140 -24.335 1.00 16.65 ? 115 HOH A O   1 
HETATM 514 O O   A HOH D 2 .  ? 3.510   3.721   4.476   0.50 6.51  ? 116 HOH A O   1 
HETATM 515 O O   . HOH D 2 .  ? 11.731  -12.030 -10.697 1.00 6.69  ? 117 HOH A O   1 
HETATM 516 O O   . HOH D 2 .  ? 7.216   -1.297  -2.634  1.00 6.72  ? 118 HOH A O   1 
HETATM 517 O O   A HOH D 2 .  ? -4.172  10.100  7.612   0.50 10.61 ? 119 HOH A O   1 
HETATM 518 O O   . HOH D 2 .  ? -15.249 6.186   17.129  1.00 15.41 ? 120 HOH A O   1 
HETATM 519 O O   . HOH D 2 .  ? 8.077   -14.210 -25.732 1.00 17.58 ? 121 HOH A O   1 
HETATM 520 O O   . HOH D 2 .  ? -18.054 10.819  21.217  1.00 25.81 ? 122 HOH A O   1 
HETATM 521 O O   A HOH D 2 .  ? -14.136 13.854  15.359  0.50 14.95 ? 123 HOH A O   1 
HETATM 522 O O   . HOH D 2 .  ? 3.651   -8.459  -5.221  1.00 18.52 ? 124 HOH A O   1 
HETATM 523 O O   . HOH D 2 .  ? -10.718 14.487  15.638  1.00 11.75 ? 125 HOH A O   1 
HETATM 524 O O   A HOH D 2 .  ? -17.455 7.539   29.958  0.50 19.20 ? 126 HOH A O   1 
HETATM 525 O O   . HOH D 2 .  ? -1.939  7.266   1.471   1.00 8.61  ? 127 HOH A O   1 
HETATM 526 O O   . HOH D 2 .  ? -3.143  11.035  12.146  1.00 12.13 ? 128 HOH A O   1 
HETATM 527 O O   A HOH D 2 .  ? -12.197 12.262  12.939  0.50 5.85  ? 129 HOH A O   1 
HETATM 528 O O   . HOH D 2 .  ? 8.224   -9.356  -7.955  1.00 8.27  ? 130 HOH A O   1 
HETATM 529 O O   . HOH D 2 .  ? 7.056   -7.998  -5.423  1.00 22.67 ? 131 HOH A O   1 
HETATM 530 O O   B HOH D 2 .  ? 5.295   -12.788 -12.853 0.50 7.96  ? 132 HOH A O   1 
HETATM 531 O O   B HOH D 2 .  ? 2.475   5.757   6.624   0.40 10.49 ? 133 HOH A O   1 
HETATM 532 O O   B HOH D 2 .  ? -18.981 7.706   29.035  0.50 24.57 ? 134 HOH A O   1 
HETATM 533 O O   . HOH D 2 .  ? 6.007   -12.441 -23.237 0.50 17.40 ? 135 HOH A O   1 
HETATM 534 O O   A HOH D 2 .  ? 5.798   -16.739 -18.136 0.80 8.72  ? 136 HOH A O   1 
HETATM 535 O O   . HOH D 2 .  ? 4.787   1.493   -2.809  1.00 8.60  ? 137 HOH A O   1 
HETATM 536 O O   A HOH D 2 .  ? 1.909   6.599   6.728   0.60 7.09  ? 138 HOH A O   1 
HETATM 537 O O   . HOH D 2 .  ? -18.646 8.676   16.980  1.00 15.94 ? 139 HOH A O   1 
HETATM 538 O O   B HOH D 2 .  ? -14.597 12.882  14.155  0.50 23.60 ? 140 HOH A O   1 
HETATM 539 O O   B HOH D 2 .  ? 4.554   -13.137 -16.350 0.30 7.88  ? 141 HOH A O   1 
HETATM 540 O O   . HOH D 2 .  ? 4.754   -10.562 -6.712  1.00 16.53 ? 142 HOH A O   1 
HETATM 541 O O   . HOH D 2 .  ? 2.643   0.402   8.757   1.00 15.47 ? 143 HOH A O   1 
HETATM 542 O O   . HOH D 2 .  ? 2.786   -9.529  -16.983 1.00 13.11 ? 144 HOH A O   1 
HETATM 543 O O   . HOH D 2 .  ? 8.298   2.442   -0.076  1.00 9.71  ? 145 HOH A O   1 
HETATM 544 O O   . HOH D 2 .  ? -10.745 14.656  12.852  1.00 11.28 ? 146 HOH A O   1 
HETATM 545 O O   . HOH D 2 .  ? 7.342   1.564   -2.382  1.00 13.09 ? 147 HOH A O   1 
HETATM 546 O O   . HOH D 2 .  ? 4.187   4.688   -0.806  1.00 6.56  ? 148 HOH A O   1 
HETATM 547 O O   A HOH D 2 .  ? 4.984   -14.252 -17.263 0.70 10.64 ? 149 HOH A O   1 
HETATM 548 O O   . HOH D 2 .  ? 6.520   -8.526  -2.846  1.00 16.75 ? 150 HOH A O   1 
HETATM 549 O O   . HOH D 2 .  ? 3.746   6.428   4.601   1.00 12.93 ? 151 HOH A O   1 
HETATM 550 O O   . HOH D 2 .  ? -8.596  15.871  16.444  1.00 18.27 ? 152 HOH A O   1 
HETATM 551 O O   . HOH D 2 .  ? -9.686  13.746  8.244   1.00 9.86  ? 153 HOH A O   1 
HETATM 552 O O   . HOH D 2 .  ? 3.995   -16.146 -20.386 1.00 13.32 ? 154 HOH A O   1 
HETATM 553 O O   . HOH D 2 .  ? -14.780 9.510   10.356  1.00 9.48  ? 155 HOH A O   1 
HETATM 554 O O   . HOH D 2 .  ? -14.252 7.280   8.874   1.00 9.81  ? 156 HOH A O   1 
HETATM 555 O O   . HOH D 2 .  ? 13.923  -10.598 -9.928  1.00 8.12  ? 157 HOH A O   1 
HETATM 556 O O   . HOH D 2 .  ? -6.393  10.634  6.124   1.00 9.34  ? 158 HOH A O   1 
HETATM 557 O O   A HOH D 2 .  ? 7.184   -16.309 -24.013 0.30 16.84 ? 159 HOH A O   1 
HETATM 558 O O   . HOH D 2 .  ? -14.983 6.971   31.422  1.00 29.52 ? 160 HOH A O   1 
HETATM 559 O O   . HOH D 2 .  ? -14.719 9.482   13.068  1.00 11.68 ? 161 HOH A O   1 
HETATM 560 O O   . HOH D 2 .  ? -9.109  14.891  10.675  1.00 10.96 ? 162 HOH A O   1 
HETATM 561 O O   . HOH D 2 .  ? 8.772   -0.145  1.336   1.00 10.26 ? 163 HOH A O   1 
HETATM 562 O O   . HOH D 2 .  ? 3.473   7.143   8.760   1.00 8.85  ? 164 HOH A O   1 
HETATM 563 O O   . HOH D 2 .  ? 13.818  -9.005  -7.765  1.00 10.47 ? 165 HOH A O   1 
HETATM 564 O O   B HOH D 2 .  ? 6.058   -17.791 -24.106 0.30 17.12 ? 166 HOH A O   1 
HETATM 565 O O   . HOH E 2 .  ? 16.634  -12.787 -16.807 1.00 12.65 ? 101 HOH B O   1 
HETATM 566 O O   B HOH E 2 .  ? 15.410  -18.795 -23.619 0.50 18.19 ? 102 HOH B O   1 
HETATM 567 O O   . HOH E 2 .  ? 4.453   2.615   -13.138 1.00 13.66 ? 103 HOH B O   1 
HETATM 568 O O   . HOH E 2 .  ? 14.046  -3.441  -17.689 1.00 11.70 ? 104 HOH B O   1 
HETATM 569 O O   B HOH E 2 .  ? -13.157 6.190   15.630  0.30 11.64 ? 105 HOH B O   1 
HETATM 570 O O   A HOH E 2 .  ? -12.979 4.724   17.624  0.50 7.45  ? 106 HOH B O   1 
HETATM 571 O O   . HOH E 2 .  ? -9.389  6.634   6.840   1.00 9.82  ? 107 HOH B O   1 
HETATM 572 O O   . HOH E 2 .  ? -7.530  -1.206  11.340  1.00 8.98  ? 108 HOH B O   1 
HETATM 573 O O   . HOH E 2 .  ? 19.451  -13.179 -20.460 1.00 11.88 ? 109 HOH B O   1 
HETATM 574 O O   . HOH E 2 .  ? 11.480  -17.863 -22.133 1.00 15.97 ? 110 HOH B O   1 
HETATM 575 O O   . HOH E 2 .  ? -9.077  1.301   2.637   1.00 8.83  ? 111 HOH B O   1 
HETATM 576 O O   . HOH E 2 .  ? 15.566  -10.445 -16.126 1.00 6.48  ? 112 HOH B O   1 
HETATM 577 O O   . HOH E 2 .  ? 2.668   2.523   -1.605  1.00 4.21  ? 113 HOH B O   1 
HETATM 578 O O   A HOH E 2 .  ? 10.558  -3.419  -8.517  0.50 9.61  ? 114 HOH B O   1 
HETATM 579 O O   . HOH E 2 .  ? -6.527  13.881  25.623  1.00 15.72 ? 115 HOH B O   1 
HETATM 580 O O   A HOH E 2 .  ? 11.236  -2.536  -11.736 0.30 7.28  ? 116 HOH B O   1 
HETATM 581 O O   . HOH E 2 .  ? -8.871  2.554   5.162   1.00 12.01 ? 117 HOH B O   1 
HETATM 582 O O   . HOH E 2 .  ? -10.522 3.235   16.014  1.00 12.17 ? 118 HOH B O   1 
HETATM 583 O O   . HOH E 2 .  ? -3.900  2.247   -9.305  1.00 6.13  ? 119 HOH B O   1 
HETATM 584 O O   B HOH E 2 .  ? 10.141  -0.890  -9.408  0.50 9.81  ? 120 HOH B O   1 
HETATM 585 O O   . HOH E 2 .  ? -4.849  5.462   -1.048  1.00 6.01  ? 121 HOH B O   1 
HETATM 586 O O   . HOH E 2 .  ? 12.436  -2.475  -14.231 1.00 13.94 ? 122 HOH B O   1 
HETATM 587 O O   . HOH E 2 .  ? 14.154  -9.426  -12.399 1.00 5.55  ? 123 HOH B O   1 
HETATM 588 O O   . HOH E 2 .  ? 4.370   -0.576  -15.334 1.00 17.26 ? 124 HOH B O   1 
HETATM 589 O O   B HOH E 2 .  ? -0.652  -0.907  -6.057  0.50 10.53 ? 125 HOH B O   1 
HETATM 590 O O   . HOH E 2 .  ? 4.782   3.674   -5.150  1.00 10.84 ? 126 HOH B O   1 
HETATM 591 O O   A HOH E 2 .  ? 1.814   4.717   -8.058  0.50 13.08 ? 127 HOH B O   1 
HETATM 592 O O   A HOH E 2 .  ? 9.977   -0.727  -10.450 0.50 11.85 ? 128 HOH B O   1 
HETATM 593 O O   A HOH E 2 .  ? 14.611  -18.652 -22.201 0.50 14.05 ? 129 HOH B O   1 
HETATM 594 O O   B HOH E 2 .  ? 10.460  -1.944  -12.790 0.70 11.40 ? 130 HOH B O   1 
HETATM 595 O O   . HOH E 2 .  ? -3.218  0.431   -5.245  1.00 10.41 ? 131 HOH B O   1 
HETATM 596 O O   . HOH E 2 .  ? -8.900  7.142   23.245  1.00 10.01 ? 132 HOH B O   1 
HETATM 597 O O   B HOH E 2 .  ? 1.624   5.654   -6.593  0.50 8.00  ? 133 HOH B O   1 
HETATM 598 O O   B HOH E 2 .  ? -12.258 4.069   17.994  0.50 13.57 ? 134 HOH B O   1 
HETATM 599 O O   . HOH E 2 .  ? -3.744  1.438   -2.676  1.00 9.56  ? 135 HOH B O   1 
HETATM 600 O O   B HOH E 2 .  ? 10.501  -3.959  -8.389  0.50 8.20  ? 136 HOH B O   1 
HETATM 601 O O   . HOH E 2 .  ? -13.517 7.602   24.685  1.00 14.30 ? 137 HOH B O   1 
HETATM 602 O O   . HOH E 2 .  ? -11.307 0.021   13.052  1.00 9.04  ? 138 HOH B O   1 
HETATM 603 O O   B HOH E 2 .  ? 13.437  -17.670 -19.158 0.40 5.88  ? 139 HOH B O   1 
HETATM 604 O O   . HOH E 2 .  ? -10.973 8.088   28.269  1.00 35.20 ? 140 HOH B O   1 
HETATM 605 O O   B HOH E 2 .  ? -12.610 3.478   14.546  0.50 14.52 ? 141 HOH B O   1 
HETATM 606 O O   B HOH E 2 .  ? 13.589  -19.853 -22.270 0.50 19.09 ? 142 HOH B O   1 
HETATM 607 O O   . HOH E 2 .  ? -9.890  4.957   4.760   1.00 21.36 ? 143 HOH B O   1 
HETATM 608 O O   . HOH E 2 .  ? -3.241  7.036   -2.655  1.00 7.67  ? 144 HOH B O   1 
HETATM 609 O O   A HOH E 2 .  ? -14.224 7.169   14.251  0.70 11.50 ? 145 HOH B O   1 
HETATM 610 O O   . HOH E 2 .  ? -8.273  8.792   5.739   1.00 10.71 ? 146 HOH B O   1 
HETATM 611 O O   . HOH E 2 .  ? -5.806  2.951   -2.110  1.00 8.50  ? 147 HOH B O   1 
HETATM 612 O O   . HOH E 2 .  ? -9.868  2.653   0.358   1.00 9.45  ? 148 HOH B O   1 
HETATM 613 O O   A HOH E 2 .  ? -12.189 2.480   13.869  0.50 5.78  ? 149 HOH B O   1 
HETATM 614 O O   . HOH E 2 .  ? -12.374 5.023   23.739  1.00 14.63 ? 150 HOH B O   1 
HETATM 615 O O   A HOH E 2 .  ? -10.327 1.687   7.171   0.50 12.70 ? 151 HOH B O   1 
HETATM 616 O O   . HOH E 2 .  ? 11.341  -5.920  -7.066  1.00 16.07 ? 152 HOH B O   1 
HETATM 617 O O   . HOH E 2 .  ? -9.911  -1.286  2.854   1.00 11.39 ? 153 HOH B O   1 
HETATM 618 O O   . HOH E 2 .  ? -7.429  8.659   25.106  1.00 12.49 ? 154 HOH B O   1 
HETATM 619 O O   B HOH E 2 .  ? -9.753  0.754   7.142   0.50 9.54  ? 155 HOH B O   1 
HETATM 620 O O   . HOH E 2 .  ? 8.810   -0.889  -14.941 1.00 15.55 ? 156 HOH B O   1 
HETATM 621 O O   . HOH E 2 .  ? -13.034 0.545   10.816  1.00 11.41 ? 157 HOH B O   1 
HETATM 622 O O   . HOH E 2 .  ? 12.420  -1.304  -18.452 1.00 11.53 ? 158 HOH B O   1 
HETATM 623 O O   . HOH E 2 .  ? -2.173  8.870   -0.824  1.00 8.08  ? 159 HOH B O   1 
HETATM 624 O O   . HOH E 2 .  ? -3.261  6.113   21.368  1.00 7.37  ? 160 HOH B O   1 
HETATM 625 O O   . HOH E 2 .  ? -6.089  16.566  24.910  1.00 19.74 ? 161 HOH B O   1 
HETATM 626 O O   A HOH E 2 .  ? 14.136  -21.429 -23.259 0.50 25.34 ? 162 HOH B O   1 
HETATM 627 O O   . HOH E 2 .  ? -7.486  8.224   27.762  1.00 26.28 ? 163 HOH B O   1 
HETATM 628 O O   . HOH E 2 .  ? -3.387  7.676   23.605  1.00 13.46 ? 164 HOH B O   1 
HETATM 629 O O   . HOH E 2 .  ? 19.357  -22.001 -25.026 1.00 37.07 ? 165 HOH B O   1 
HETATM 630 O O   A HOH F 2 .  ? -0.744  -0.949  -5.242  0.50 5.35  ? 101 HOH C O   1 
HETATM 631 O O   A HOH F 2 .  ? -1.085  -1.616  -7.870  0.50 9.06  ? 102 HOH C O   1 
HETATM 632 O O   . HOH F 2 .  ? 12.768  -6.810  -23.603 1.00 15.28 ? 103 HOH C O   1 
HETATM 633 O O   . HOH F 2 .  ? 1.856   -10.436 -14.080 1.00 10.47 ? 104 HOH C O   1 
HETATM 634 O O   . HOH F 2 .  ? 5.518   -8.710  -23.334 1.00 11.43 ? 105 HOH C O   1 
HETATM 635 O O   . HOH F 2 .  ? -0.378  3.907   14.697  1.00 13.91 ? 106 HOH C O   1 
HETATM 636 O O   . HOH F 2 .  ? -0.792  -6.468  0.065   1.00 10.84 ? 107 HOH C O   1 
HETATM 637 O O   B HOH F 2 .  ? -1.506  -2.218  7.818   0.30 3.27  ? 108 HOH C O   1 
HETATM 638 O O   . HOH F 2 .  ? 4.705   -5.608  -20.683 1.00 10.90 ? 109 HOH C O   1 
HETATM 639 O O   . HOH F 2 .  ? -3.153  13.357  13.482  1.00 10.16 ? 110 HOH C O   1 
HETATM 640 O O   . HOH F 2 .  ? 14.668  -6.012  -25.748 1.00 17.25 ? 111 HOH C O   1 
HETATM 641 O O   . HOH F 2 .  ? 4.801   -4.704  -18.111 1.00 15.80 ? 112 HOH C O   1 
HETATM 642 O O   A HOH F 2 .  ? -1.637  -1.635  9.051   0.70 6.38  ? 113 HOH C O   1 
HETATM 643 O O   . HOH F 2 .  ? -1.234  0.658   2.522   1.00 4.87  ? 114 HOH C O   1 
HETATM 644 O O   . HOH F 2 .  ? 1.344   -5.417  4.939   1.00 6.07  ? 115 HOH C O   1 
HETATM 645 O O   . HOH F 2 .  ? 2.314   3.776   10.700  1.00 7.55  ? 116 HOH C O   1 
HETATM 646 O O   . HOH F 2 .  ? -0.674  -7.710  -11.620 1.00 9.34  ? 117 HOH C O   1 
HETATM 647 O O   . HOH F 2 .  ? 18.860  -13.998 -23.076 1.00 19.92 ? 118 HOH C O   1 
HETATM 648 O O   . HOH F 2 .  ? -0.950  -5.418  -10.121 1.00 8.56  ? 119 HOH C O   1 
HETATM 649 O O   . HOH F 2 .  ? -1.589  6.347   15.116  1.00 7.87  ? 120 HOH C O   1 
HETATM 650 O O   . HOH F 2 .  ? -11.688 17.447  17.009  1.00 31.55 ? 121 HOH C O   1 
HETATM 651 O O   . HOH F 2 .  ? -5.663  -1.039  9.239   1.00 6.93  ? 122 HOH C O   1 
HETATM 652 O O   . HOH F 2 .  ? 13.954  -5.791  -19.090 1.00 10.86 ? 123 HOH C O   1 
HETATM 653 O O   . HOH F 2 .  ? -3.091  7.358   18.850  1.00 5.81  ? 124 HOH C O   1 
HETATM 654 O O   . HOH F 2 .  ? -7.561  16.089  22.699  1.00 22.43 ? 125 HOH C O   1 
HETATM 655 O O   . HOH F 2 .  ? 0.798   -2.555  1.743   1.00 6.35  ? 126 HOH C O   1 
HETATM 656 O O   . HOH F 2 .  ? 14.245  -8.600  -29.446 1.00 23.61 ? 127 HOH C O   1 
HETATM 657 O O   . HOH F 2 .  ? 6.582   -2.397  -15.750 1.00 8.75  ? 128 HOH C O   1 
HETATM 658 O O   . HOH F 2 .  ? -5.040  4.429   17.690  1.00 5.50  ? 129 HOH C O   1 
HETATM 659 O O   . HOH F 2 .  ? -2.576  -5.424  -7.906  1.00 8.67  ? 130 HOH C O   1 
HETATM 660 O O   . HOH F 2 .  ? -4.701  14.250  17.378  1.00 15.97 ? 131 HOH C O   1 
HETATM 661 O O   . HOH F 2 .  ? -6.990  14.978  18.474  1.00 16.97 ? 132 HOH C O   1 
HETATM 662 O O   . HOH F 2 .  ? -6.620  12.607  23.106  1.00 13.48 ? 133 HOH C O   1 
HETATM 663 O O   . HOH F 2 .  ? -3.704  -0.717  12.086  1.00 10.98 ? 134 HOH C O   1 
HETATM 664 O O   . HOH F 2 .  ? 2.867   -3.543  -16.484 1.00 19.26 ? 135 HOH C O   1 
HETATM 665 O O   . HOH F 2 .  ? 2.203   -9.132  -1.062  1.00 26.26 ? 136 HOH C O   1 
HETATM 666 O O   . HOH F 2 .  ? -3.775  -3.123  8.940   1.00 14.33 ? 137 HOH C O   1 
HETATM 667 O O   . HOH F 2 .  ? 4.183   -9.479  -2.649  1.00 15.99 ? 138 HOH C O   1 
HETATM 668 O O   A HOH F 2 .  ? -1.611  -3.317  -11.752 0.70 10.87 ? 139 HOH C O   1 
HETATM 669 O O   B HOH F 2 .  ? -13.997 18.843  16.663  0.50 15.13 ? 140 HOH C O   1 
HETATM 670 O O   B HOH F 2 .  ? -1.148  -3.890  -13.366 0.30 5.93  ? 141 HOH C O   1 
HETATM 671 O O   A HOH F 2 .  ? -14.342 16.864  16.214  0.50 15.71 ? 142 HOH C O   1 
HETATM 672 O O   . HOH F 2 .  ? -8.284  -1.530  8.335   1.00 13.43 ? 143 HOH C O   1 
HETATM 673 O O   B HOH F 2 .  ? 0.459   -3.203  -16.106 0.50 13.76 ? 144 HOH C O   1 
HETATM 674 O O   . HOH F 2 .  ? -0.681  7.166   17.645  1.00 6.87  ? 145 HOH C O   1 
HETATM 675 O O   A HOH F 2 .  ? -5.434  10.294  24.264  0.60 11.54 ? 146 HOH C O   1 
HETATM 676 O O   . HOH F 2 .  ? -6.639  2.177   18.019  1.00 5.76  ? 147 HOH C O   1 
HETATM 677 O O   . HOH F 2 .  ? 1.730   -6.869  1.087   1.00 16.24 ? 148 HOH C O   1 
HETATM 678 O O   . HOH F 2 .  ? -2.126  -8.319  -7.598  1.00 14.29 ? 149 HOH C O   1 
HETATM 679 O O   . HOH F 2 .  ? 17.061  -8.399  -17.066 1.00 7.02  ? 150 HOH C O   1 
HETATM 680 O O   . HOH F 2 .  ? 0.034   9.598   16.609  1.00 6.41  ? 151 HOH C O   1 
HETATM 681 O O   A HOH F 2 .  ? 11.660  -6.954  -29.764 0.70 21.76 ? 152 HOH C O   1 
HETATM 682 O O   . HOH F 2 .  ? 10.509  -6.163  -25.185 1.00 14.45 ? 153 HOH C O   1 
HETATM 683 O O   . HOH F 2 .  ? 2.056   -1.069  -16.625 1.00 15.76 ? 154 HOH C O   1 
HETATM 684 O O   A HOH F 2 .  ? -1.569  -3.131  -14.405 0.30 6.32  ? 155 HOH C O   1 
HETATM 685 O O   . HOH F 2 .  ? -16.248 21.235  23.574  1.00 36.44 ? 156 HOH C O   1 
HETATM 686 O O   . HOH F 2 .  ? -7.314  18.828  25.906  1.00 22.82 ? 157 HOH C O   1 
# 
loop_
_atom_site_anisotrop.id 
_atom_site_anisotrop.type_symbol 
_atom_site_anisotrop.pdbx_label_atom_id 
_atom_site_anisotrop.pdbx_label_alt_id 
_atom_site_anisotrop.pdbx_label_comp_id 
_atom_site_anisotrop.pdbx_label_asym_id 
_atom_site_anisotrop.pdbx_label_seq_id 
_atom_site_anisotrop.pdbx_PDB_ins_code 
_atom_site_anisotrop.U[1][1] 
_atom_site_anisotrop.U[2][2] 
_atom_site_anisotrop.U[3][3] 
_atom_site_anisotrop.U[1][2] 
_atom_site_anisotrop.U[1][3] 
_atom_site_anisotrop.U[2][3] 
_atom_site_anisotrop.pdbx_auth_seq_id 
_atom_site_anisotrop.pdbx_auth_comp_id 
_atom_site_anisotrop.pdbx_auth_asym_id 
_atom_site_anisotrop.pdbx_auth_atom_id 
1   N N   . PRO A 1  ? 0.3057 0.3621 0.3374 0.0422  0.0502  -0.0654 1   PRO A N   
2   C CA  . PRO A 1  ? 0.2107 0.3384 0.2919 -0.0231 0.0881  -0.0389 1   PRO A CA  
3   C C   . PRO A 1  ? 0.1960 0.2965 0.2402 0.0293  0.0531  -0.0513 1   PRO A C   
4   O O   . PRO A 1  ? 0.1840 0.2881 0.1396 0.0458  0.0698  -0.0716 1   PRO A O   
5   C CB  . PRO A 1  ? 0.2690 0.3893 0.3203 0.0047  0.0552  -0.0442 1   PRO A CB  
6   C CG  . PRO A 1  ? 0.3039 0.3738 0.3811 0.0198  0.0445  -0.0269 1   PRO A CG  
7   C CD  . PRO A 1  ? 0.3074 0.3930 0.3738 0.0261  0.0283  -0.0280 1   PRO A CD  
8   N N   . HYP A 2  ? 0.1681 0.2628 0.2105 -0.0088 0.0781  -0.0205 2   HYP A N   
9   C CA  . HYP A 2  ? 0.1511 0.2285 0.1868 -0.0231 0.0578  -0.0361 2   HYP A CA  
10  C C   . HYP A 2  ? 0.1347 0.2549 0.1559 -0.0011 0.0553  -0.0430 2   HYP A C   
11  O O   . HYP A 2  ? 0.1548 0.3173 0.1303 0.0349  0.0661  -0.0375 2   HYP A O   
12  C CB  . HYP A 2  ? 0.1996 0.2154 0.1945 -0.0198 0.0400  -0.0198 2   HYP A CB  
13  C CG  . HYP A 2  ? 0.2176 0.2476 0.2340 -0.0324 0.0676  -0.0207 2   HYP A CG  
14  C CD  . HYP A 2  ? 0.1980 0.2766 0.2652 -0.0290 0.0751  -0.0029 2   HYP A CD  
15  O OD1 . HYP A 2  ? 0.3094 0.2205 0.1821 -0.0345 0.1009  -0.0378 2   HYP A OD1 
16  N N   . GLY A 3  ? 0.1135 0.1785 0.1176 0.0169  0.0130  -0.0276 3   GLY A N   
17  C CA  . GLY A 3  ? 0.1374 0.1720 0.1165 0.0145  0.0187  -0.0304 3   GLY A CA  
18  C C   . GLY A 3  ? 0.0762 0.1713 0.1024 0.0122  0.0156  -0.0138 3   GLY A C   
19  O O   . GLY A 3  ? 0.0796 0.1788 0.1074 0.0149  0.0203  -0.0084 3   GLY A O   
20  N N   . PRO A 4  ? 0.0881 0.1635 0.1035 0.0217  0.0052  -0.0158 4   PRO A N   
21  C CA  . PRO A 4  ? 0.1007 0.1590 0.1031 0.0256  0.0155  -0.0192 4   PRO A CA  
22  C C   . PRO A 4  ? 0.0595 0.1594 0.0777 0.0078  0.0046  -0.0089 4   PRO A C   
23  O O   . PRO A 4  ? 0.0586 0.1578 0.0779 0.0307  0.0035  -0.0247 4   PRO A O   
24  C CB  . PRO A 4  ? 0.1562 0.1809 0.1308 0.0327  -0.0008 0.0008  4   PRO A CB  
25  C CG  . PRO A 4  ? 0.2425 0.1833 0.1437 0.0006  -0.0061 0.0070  4   PRO A CG  
26  C CD  . PRO A 4  ? 0.1614 0.1651 0.1469 0.0147  -0.0111 0.0029  4   PRO A CD  
27  N N   . HYP A 5  ? 0.0703 0.1529 0.0839 0.0073  0.0110  -0.0101 5   HYP A N   
28  C CA  . HYP A 5  ? 0.0592 0.1354 0.0755 0.0018  0.0012  -0.0035 5   HYP A CA  
29  C C   . HYP A 5  ? 0.0641 0.1077 0.0543 0.0094  0.0041  -0.0124 5   HYP A C   
30  O O   . HYP A 5  ? 0.0824 0.1171 0.0837 0.0202  0.0252  0.0006  5   HYP A O   
31  C CB  . HYP A 5  ? 0.0946 0.1510 0.0813 -0.0121 0.0150  -0.0212 5   HYP A CB  
32  C CG  . HYP A 5  ? 0.0906 0.1809 0.1007 -0.0122 0.0108  -0.0202 5   HYP A CG  
33  C CD  . HYP A 5  ? 0.0570 0.1898 0.0893 0.0091  0.0208  -0.0162 5   HYP A CD  
34  O OD1 . HYP A 5  ? 0.1089 0.1898 0.0977 -0.0447 0.0242  -0.0298 5   HYP A OD1 
35  N N   . GLY A 6  ? 0.0657 0.0899 0.0587 0.0087  0.0047  -0.0115 6   GLY A N   
36  C CA  . GLY A 6  ? 0.0703 0.0700 0.0514 0.0142  0.0083  -0.0105 6   GLY A CA  
37  C C   . GLY A 6  ? 0.0541 0.0621 0.0500 0.0118  0.0005  -0.0040 6   GLY A C   
38  O O   . GLY A 6  ? 0.0630 0.0811 0.0574 0.0056  -0.0094 -0.0006 6   GLY A O   
39  N N   . PRO A 7  ? 0.0625 0.0646 0.0469 0.0027  0.0029  -0.0107 7   PRO A N   
40  C CA  . PRO A 7  ? 0.0653 0.0644 0.0470 0.0060  0.0027  -0.0138 7   PRO A CA  
41  C C   . PRO A 7  ? 0.0609 0.0631 0.0397 0.0095  0.0080  -0.0069 7   PRO A C   
42  O O   . PRO A 7  ? 0.0462 0.0649 0.0438 0.0061  0.0026  -0.0056 7   PRO A O   
43  C CB  . PRO A 7  ? 0.0900 0.0812 0.0739 -0.0127 0.0116  -0.0115 7   PRO A CB  
44  C CG  . PRO A 7  ? 0.0984 0.1200 0.0738 -0.0273 0.0040  0.0126  7   PRO A CG  
45  C CD  . PRO A 7  ? 0.0676 0.0747 0.0655 -0.0114 0.0018  -0.0067 7   PRO A CD  
46  N N   . HYP A 8  ? 0.0525 0.0588 0.0397 0.0180  -0.0013 -0.0008 8   HYP A N   
47  C CA  . HYP A 8  ? 0.0602 0.0534 0.0466 0.0098  0.0031  -0.0014 8   HYP A CA  
48  C C   . HYP A 8  ? 0.0561 0.0441 0.0328 0.0041  0.0086  -0.0006 8   HYP A C   
49  O O   . HYP A 8  ? 0.0497 0.0489 0.0547 0.0058  0.0100  -0.0118 8   HYP A O   
50  C CB  . HYP A 8  ? 0.0622 0.0618 0.0467 0.0135  0.0034  0.0015  8   HYP A CB  
51  C CG  . HYP A 8  ? 0.0642 0.0690 0.0520 0.0176  -0.0014 -0.0021 8   HYP A CG  
52  C CD  . HYP A 8  ? 0.0604 0.0628 0.0425 0.0186  0.0008  0.0052  8   HYP A CD  
53  O OD1 . HYP A 8  ? 0.0763 0.0856 0.0646 0.0037  -0.0009 0.0028  8   HYP A OD1 
54  N N   . GLY A 9  ? 0.0506 0.0445 0.0380 0.0045  0.0043  -0.0030 9   GLY A N   
55  C CA  . GLY A 9  ? 0.0480 0.0501 0.0407 0.0009  0.0043  -0.0005 9   GLY A CA  
56  C C   . GLY A 9  ? 0.0457 0.0500 0.0424 0.0098  0.0055  0.0024  9   GLY A C   
57  O O   . GLY A 9  ? 0.0537 0.0494 0.0458 0.0146  0.0068  0.0078  9   GLY A O   
58  N N   . PRO A 10 ? 0.0465 0.0533 0.0361 0.0123  -0.0001 0.0002  10  PRO A N   
59  C CA  . PRO A 10 ? 0.0537 0.0529 0.0399 0.0082  0.0050  -0.0026 10  PRO A CA  
60  C C   . PRO A 10 ? 0.0583 0.0467 0.0387 0.0072  0.0067  -0.0007 10  PRO A C   
61  O O   . PRO A 10 ? 0.0549 0.0460 0.0290 0.0027  0.0015  -0.0084 10  PRO A O   
62  C CB  . PRO A 10 ? 0.0508 0.0893 0.0633 0.0097  0.0051  0.0005  10  PRO A CB  
63  C CG  . PRO A 10 ? 0.0595 0.0900 0.0743 0.0007  0.0033  0.0183  10  PRO A CG  
64  C CD  . PRO A 10 ? 0.0518 0.0511 0.0463 0.0104  -0.0080 0.0029  10  PRO A CD  
65  N N   . HYP A 11 ? 0.0868 0.0517 0.0341 0.0038  0.0110  -0.0096 11  HYP A N   
66  C CA  . HYP A 11 ? 0.0764 0.0568 0.0398 0.0029  0.0024  -0.0145 11  HYP A CA  
67  C C   . HYP A 11 ? 0.0682 0.0570 0.0404 0.0045  -0.0001 -0.0187 11  HYP A C   
68  O O   . HYP A 11 ? 0.0649 0.0759 0.0480 0.0052  -0.0017 -0.0271 11  HYP A O   
69  C CB  . HYP A 11 ? 0.0964 0.0719 0.0571 -0.0040 0.0088  0.0010  11  HYP A CB  
70  C CG  . HYP A 11 ? 0.1259 0.0695 0.0434 -0.0198 0.0239  -0.0084 11  HYP A CG  
71  C CD  . HYP A 11 ? 0.1055 0.0679 0.0412 -0.0143 0.0099  -0.0057 11  HYP A CD  
72  O OD1 . HYP A 11 ? 0.1526 0.0628 0.0529 -0.0138 0.0222  0.0044  11  HYP A OD1 
73  N N   . GLY A 12 ? 0.0502 0.0562 0.0441 0.0079  -0.0101 -0.0145 12  GLY A N   
74  C CA  . GLY A 12 ? 0.0552 0.0533 0.0417 0.0048  -0.0014 -0.0134 12  GLY A CA  
75  C C   . GLY A 12 ? 0.0586 0.0552 0.0373 0.0044  0.0021  -0.0150 12  GLY A C   
76  O O   . GLY A 12 ? 0.0459 0.0573 0.0537 0.0022  0.0080  -0.0203 12  GLY A O   
77  N N   . PRO A 13 ? 0.0539 0.0600 0.0456 0.0064  0.0041  -0.0065 13  PRO A N   
78  C CA  . PRO A 13 ? 0.0540 0.0800 0.0582 0.0143  0.0034  -0.0021 13  PRO A CA  
79  C C   . PRO A 13 ? 0.0483 0.0748 0.0565 0.0149  0.0040  -0.0071 13  PRO A C   
80  O O   . PRO A 13 ? 0.0429 0.0680 0.0383 0.0181  0.0111  -0.0005 13  PRO A O   
81  C CB  . PRO A 13 ? 0.0705 0.0834 0.0715 0.0195  0.0074  0.0034  13  PRO A CB  
82  C CG  . PRO A 13 ? 0.0831 0.0752 0.0914 0.0088  0.0119  -0.0024 13  PRO A CG  
83  C CD  . PRO A 13 ? 0.0581 0.0687 0.0490 0.0010  -0.0014 0.0016  13  PRO A CD  
84  N N   . HYP A 14 ? 0.0490 0.0830 0.0474 0.0096  -0.0010 -0.0039 14  HYP A N   
85  C CA  . HYP A 14 ? 0.0637 0.0802 0.0472 0.0125  0.0023  -0.0087 14  HYP A CA  
86  C C   . HYP A 14 ? 0.0598 0.0679 0.0451 0.0184  0.0073  -0.0042 14  HYP A C   
87  O O   . HYP A 14 ? 0.0795 0.0682 0.0483 0.0270  0.0176  -0.0081 14  HYP A O   
88  C CB  . HYP A 14 ? 0.0683 0.0814 0.0673 0.0013  0.0061  -0.0092 14  HYP A CB  
89  C CG  . HYP A 14 ? 0.0754 0.0955 0.0706 -0.0025 -0.0076 -0.0020 14  HYP A CG  
90  C CD  . HYP A 14 ? 0.0568 0.0917 0.0617 0.0063  -0.0113 -0.0032 14  HYP A CD  
91  O OD1 . HYP A 14 ? 0.0752 0.0938 0.0823 -0.0031 -0.0041 0.0037  14  HYP A OD1 
92  N N   . ALA A 15 ? 0.0479 0.0671 0.0514 0.0188  0.0034  -0.0084 15  ALA A N   
93  C CA  . ALA A 15 ? 0.0476 0.0680 0.0617 0.0111  -0.0042 -0.0073 15  ALA A CA  
94  C C   . ALA A 15 ? 0.0612 0.0802 0.0472 0.0163  0.0040  -0.0143 15  ALA A C   
95  O O   . ALA A 15 ? 0.0513 0.1108 0.0601 0.0109  0.0018  -0.0290 15  ALA A O   
96  C CB  . ALA A 15 ? 0.0530 0.0703 0.0501 0.0050  0.0015  -0.0055 15  ALA A CB  
97  N N   . PRO A 16 ? 0.0699 0.0815 0.0575 0.0204  -0.0050 -0.0099 16  PRO A N   
98  C CA  . PRO A 16 ? 0.0736 0.1002 0.0495 0.0229  -0.0015 -0.0167 16  PRO A CA  
99  C C   . PRO A 16 ? 0.0626 0.0870 0.0473 0.0265  -0.0050 -0.0172 16  PRO A C   
100 O O   . PRO A 16 ? 0.0477 0.0804 0.0418 0.0129  -0.0020 -0.0172 16  PRO A O   
101 C CB  . PRO A 16 ? 0.1040 0.0966 0.0723 0.0315  -0.0030 -0.0057 16  PRO A CB  
102 C CG  . PRO A 16 ? 0.1028 0.0848 0.1229 0.0106  -0.0154 -0.0094 16  PRO A CG  
103 C CD  . PRO A 16 ? 0.0859 0.0891 0.0738 0.0081  -0.0019 -0.0137 16  PRO A CD  
104 N N   . HYP A 17 ? 0.0479 0.0744 0.0513 0.0136  -0.0182 -0.0148 17  HYP A N   
105 C CA  . HYP A 17 ? 0.0582 0.0753 0.0563 0.0064  -0.0072 -0.0153 17  HYP A CA  
106 C C   . HYP A 17 ? 0.0634 0.0732 0.0473 0.0012  0.0041  -0.0171 17  HYP A C   
107 O O   . HYP A 17 ? 0.0803 0.0740 0.0548 0.0053  0.0017  -0.0093 17  HYP A O   
108 C CB  . HYP A 17 ? 0.0612 0.0955 0.0833 0.0124  -0.0013 -0.0183 17  HYP A CB  
109 C CG  . HYP A 17 ? 0.0667 0.1072 0.0888 0.0157  -0.0088 -0.0172 17  HYP A CG  
110 C CD  . HYP A 17 ? 0.0566 0.0805 0.0728 0.0254  -0.0216 -0.0077 17  HYP A CD  
111 O OD1 . HYP A 17 ? 0.0526 0.1160 0.1011 0.0118  -0.0184 -0.0417 17  HYP A OD1 
112 N N   . GLY A 18 ? 0.0604 0.0608 0.0523 0.0043  -0.0008 -0.0079 18  GLY A N   
113 C CA  . GLY A 18 ? 0.0523 0.0665 0.0473 0.0063  0.0029  -0.0106 18  GLY A CA  
114 C C   . GLY A 18 ? 0.0556 0.0649 0.0353 0.0040  0.0038  -0.0132 18  GLY A C   
115 O O   . GLY A 18 ? 0.0594 0.0619 0.0313 0.0098  -0.0005 -0.0144 18  GLY A O   
116 N N   A PRO A 19 ? 0.0693 0.0599 0.0490 -0.0023 0.0032  -0.0125 19  PRO A N   
117 N N   B PRO A 19 ? 0.0772 0.0631 0.0516 -0.0037 0.0016  -0.0147 19  PRO A N   
118 C CA  A PRO A 19 ? 0.0745 0.0634 0.0490 0.0002  0.0091  -0.0119 19  PRO A CA  
119 C CA  B PRO A 19 ? 0.0823 0.0659 0.0490 0.0001  0.0064  -0.0095 19  PRO A CA  
120 C C   A PRO A 19 ? 0.0749 0.0580 0.0402 0.0018  0.0058  -0.0117 19  PRO A C   
121 C C   B PRO A 19 ? 0.0786 0.0574 0.0423 0.0027  0.0022  -0.0120 19  PRO A C   
122 O O   A PRO A 19 ? 0.0683 0.0544 0.0344 -0.0006 0.0041  -0.0159 19  PRO A O   
123 O O   B PRO A 19 ? 0.0724 0.0531 0.0355 -0.0008 0.0027  -0.0166 19  PRO A O   
124 C CB  A PRO A 19 ? 0.0721 0.0632 0.0560 -0.0004 0.0095  -0.0121 19  PRO A CB  
125 C CB  B PRO A 19 ? 0.0892 0.0660 0.0614 -0.0039 -0.0007 -0.0051 19  PRO A CB  
126 C CG  A PRO A 19 ? 0.0633 0.0608 0.0552 0.0003  0.0053  -0.0048 19  PRO A CG  
127 C CG  B PRO A 19 ? 0.0878 0.0726 0.0644 -0.0033 -0.0092 -0.0114 19  PRO A CG  
128 C CD  A PRO A 19 ? 0.0711 0.0616 0.0452 -0.0004 -0.0009 -0.0046 19  PRO A CD  
129 C CD  B PRO A 19 ? 0.0793 0.0749 0.0470 0.0007  -0.0016 -0.0080 19  PRO A CD  
130 N N   . HYP A 20 ? 0.0793 0.0552 0.0422 0.0043  0.0040  -0.0045 20  HYP A N   
131 C CA  . HYP A 20 ? 0.0753 0.0579 0.0408 -0.0035 0.0017  -0.0119 20  HYP A CA  
132 C C   . HYP A 20 ? 0.0601 0.0574 0.0414 -0.0059 0.0037  -0.0188 20  HYP A C   
133 O O   . HYP A 20 ? 0.0602 0.0831 0.0405 -0.0132 0.0113  -0.0253 20  HYP A O   
134 C CB  . HYP A 20 ? 0.0769 0.0608 0.0615 -0.0021 -0.0126 -0.0138 20  HYP A CB  
135 C CG  . HYP A 20 ? 0.1008 0.0493 0.0816 0.0117  -0.0047 0.0146  20  HYP A CG  
136 C CD  . HYP A 20 ? 0.1002 0.0598 0.0644 0.0046  0.0032  0.0063  20  HYP A CD  
137 O OD1 . HYP A 20 ? 0.1227 0.0721 0.0785 0.0099  -0.0162 0.0095  20  HYP A OD1 
138 N N   . GLY A 21 ? 0.0588 0.0590 0.0434 0.0023  0.0071  -0.0123 21  GLY A N   
139 C CA  . GLY A 21 ? 0.0607 0.0665 0.0438 0.0027  0.0060  -0.0141 21  GLY A CA  
140 C C   . GLY A 21 ? 0.0583 0.0646 0.0348 0.0050  0.0123  -0.0103 21  GLY A C   
141 O O   . GLY A 21 ? 0.0675 0.0631 0.0463 0.0146  0.0112  -0.0204 21  GLY A O   
142 N N   . PRO A 22 ? 0.0490 0.0710 0.0504 0.0074  -0.0009 -0.0120 22  PRO A N   
143 C CA  . PRO A 22 ? 0.0685 0.0744 0.0600 0.0051  0.0033  -0.0165 22  PRO A CA  
144 C C   . PRO A 22 ? 0.0645 0.0764 0.0329 -0.0035 -0.0003 -0.0183 22  PRO A C   
145 O O   . PRO A 22 ? 0.0404 0.0862 0.0342 0.0055  0.0048  -0.0075 22  PRO A O   
146 C CB  . PRO A 22 ? 0.0763 0.1095 0.0837 0.0128  -0.0103 -0.0187 22  PRO A CB  
147 C CG  . PRO A 22 ? 0.1211 0.1026 0.0664 -0.0126 -0.0170 0.0020  22  PRO A CG  
148 C CD  . PRO A 22 ? 0.0723 0.0707 0.0502 0.0030  0.0067  0.0020  22  PRO A CD  
149 N N   . HYP A 23 ? 0.0613 0.0719 0.0564 0.0039  0.0049  -0.0184 23  HYP A N   
150 C CA  . HYP A 23 ? 0.0721 0.0848 0.0516 0.0039  0.0123  -0.0207 23  HYP A CA  
151 C C   . HYP A 23 ? 0.0723 0.0897 0.0519 0.0061  0.0096  -0.0174 23  HYP A C   
152 O O   . HYP A 23 ? 0.0804 0.1240 0.0522 0.0169  0.0056  -0.0129 23  HYP A O   
153 C CB  . HYP A 23 ? 0.0976 0.0852 0.0696 -0.0002 0.0086  -0.0236 23  HYP A CB  
154 C CG  . HYP A 23 ? 0.0911 0.0816 0.0791 -0.0010 0.0038  -0.0189 23  HYP A CG  
155 C CD  . HYP A 23 ? 0.0799 0.0757 0.0691 -0.0054 -0.0027 -0.0149 23  HYP A CD  
156 O OD1 . HYP A 23 ? 0.1110 0.1021 0.0942 -0.0052 -0.0075 -0.0019 23  HYP A OD1 
157 N N   . GLY A 24 ? 0.0668 0.0936 0.0422 0.0138  0.0031  -0.0156 24  GLY A N   
158 C CA  . GLY A 24 ? 0.0814 0.1109 0.0498 0.0040  0.0029  -0.0072 24  GLY A CA  
159 C C   . GLY A 24 ? 0.1086 0.1247 0.0527 0.0059  0.0104  -0.0225 24  GLY A C   
160 O O   . GLY A 24 ? 0.0943 0.1683 0.0548 -0.0244 0.0126  -0.0415 24  GLY A O   
161 N N   . PRO A 25 ? 0.1579 0.1521 0.0555 -0.0006 -0.0054 -0.0040 25  PRO A N   
162 C CA  . PRO A 25 ? 0.2105 0.1767 0.0588 -0.0083 -0.0007 -0.0162 25  PRO A CA  
163 C C   . PRO A 25 ? 0.2428 0.1745 0.0423 0.0053  -0.0094 -0.0061 25  PRO A C   
164 O O   . PRO A 25 ? 0.2138 0.1495 0.0457 0.0164  0.0242  -0.0035 25  PRO A O   
165 C CB  . PRO A 25 ? 0.2217 0.1721 0.1227 0.0360  0.0096  0.0287  25  PRO A CB  
166 C CG  . PRO A 25 ? 0.2168 0.2082 0.1105 -0.0050 0.0144  0.0301  25  PRO A CG  
167 C CD  . PRO A 25 ? 0.1415 0.1526 0.0979 -0.0014 0.0153  0.0076  25  PRO A CD  
168 N N   . HYP A 26 ? 0.3414 0.1964 0.0579 0.0031  -0.0401 -0.0172 26  HYP A N   
169 C CA  . HYP A 26 ? 0.3718 0.2034 0.0838 -0.0046 0.0204  -0.0261 26  HYP A CA  
170 C C   . HYP A 26 ? 0.4220 0.2105 0.0676 0.0122  0.0786  -0.0012 26  HYP A C   
171 O O   . HYP A 26 ? 0.5557 0.2296 0.1153 0.0191  0.1383  0.0229  26  HYP A O   
172 C CB  . HYP A 26 ? 0.3903 0.1327 0.0507 -0.0147 0.0344  -0.0094 26  HYP A CB  
173 C CG  . HYP A 26 ? 0.3266 0.2864 0.1493 0.0175  -0.0872 -0.0406 26  HYP A CG  
174 C CD  . HYP A 26 ? 0.3347 0.2953 0.1076 0.0060  -0.0506 -0.0426 26  HYP A CD  
175 O OD1 . HYP A 26 ? 0.3714 0.2618 0.1981 0.0080  -0.0537 -0.0661 26  HYP A OD1 
176 N N   . GLY A 27 ? 0.4507 0.1950 0.1647 0.0453  0.1205  -0.0304 27  GLY A N   
177 C CA  . GLY A 27 ? 0.4238 0.2695 0.1877 0.0886  0.1427  -0.0794 27  GLY A CA  
178 N N   . GLY B 3  ? 0.1073 0.2558 0.2785 -0.0584 0.1197  -0.0083 33  GLY B N   
179 C CA  . GLY B 3  ? 0.2921 0.2116 0.0719 -0.0103 0.0764  0.0498  33  GLY B CA  
180 C C   . GLY B 3  ? 0.2341 0.2247 0.0546 -0.0152 0.0411  0.0241  33  GLY B C   
181 O O   . GLY B 3  ? 0.2625 0.1810 0.0645 -0.0184 0.0665  -0.0208 33  GLY B O   
182 N N   . PRO B 4  ? 0.2054 0.2271 0.0738 0.0179  0.0406  -0.0056 34  PRO B N   
183 C CA  . PRO B 4  ? 0.2269 0.2057 0.0692 0.0195  0.0417  -0.0222 34  PRO B CA  
184 C C   . PRO B 4  ? 0.1781 0.1699 0.0600 0.0421  0.0358  -0.0454 34  PRO B C   
185 O O   . PRO B 4  ? 0.1770 0.1693 0.0764 0.0132  0.0291  -0.0211 34  PRO B O   
186 C CB  . PRO B 4  ? 0.2600 0.2183 0.0875 0.0065  0.0376  0.0229  34  PRO B CB  
187 C CG  . PRO B 4  ? 0.2446 0.2614 0.1527 -0.0057 0.0467  0.0200  34  PRO B CG  
188 C CD  . PRO B 4  ? 0.2510 0.2556 0.1302 -0.0144 0.0434  0.0325  34  PRO B CD  
189 N N   . HYP B 5  ? 0.1471 0.1745 0.0993 0.0256  0.0035  -0.0295 35  HYP B N   
190 C CA  . HYP B 5  ? 0.1358 0.1523 0.1104 0.0119  0.0218  -0.0423 35  HYP B CA  
191 C C   . HYP B 5  ? 0.1426 0.1346 0.0968 0.0045  0.0298  -0.0260 35  HYP B C   
192 O O   . HYP B 5  ? 0.1541 0.1444 0.0911 -0.0026 0.0362  -0.0192 35  HYP B O   
193 C CB  . HYP B 5  ? 0.1437 0.1619 0.1443 0.0248  -0.0044 -0.0095 35  HYP B CB  
194 C CG  . HYP B 5  ? 0.1730 0.2037 0.1624 0.0246  -0.0300 -0.0199 35  HYP B CG  
195 C CD  . HYP B 5  ? 0.1738 0.1999 0.1469 0.0373  -0.0259 -0.0255 35  HYP B CD  
196 O OD1 . HYP B 5  ? 0.1734 0.2096 0.2435 0.0138  -0.0282 -0.0622 35  HYP B OD1 
197 N N   . GLY B 6  ? 0.1059 0.1117 0.0960 0.0046  0.0398  -0.0180 36  GLY B N   
198 C CA  . GLY B 6  ? 0.0828 0.1059 0.1001 -0.0005 0.0540  -0.0148 36  GLY B CA  
199 C C   . GLY B 6  ? 0.0948 0.0984 0.0752 0.0008  0.0352  -0.0138 36  GLY B C   
200 O O   . GLY B 6  ? 0.1114 0.0920 0.0847 0.0172  0.0252  -0.0097 36  GLY B O   
201 N N   . PRO B 7  ? 0.1120 0.1188 0.0695 -0.0062 0.0389  -0.0281 37  PRO B N   
202 C CA  . PRO B 7  ? 0.1089 0.1097 0.0843 -0.0061 0.0363  -0.0185 37  PRO B CA  
203 C C   . PRO B 7  ? 0.0919 0.0820 0.0585 -0.0016 0.0160  -0.0136 37  PRO B C   
204 O O   . PRO B 7  ? 0.0817 0.0753 0.0521 -0.0061 0.0137  -0.0196 37  PRO B O   
205 C CB  . PRO B 7  ? 0.1375 0.1448 0.1181 -0.0223 0.0115  -0.0207 37  PRO B CB  
206 C CG  . PRO B 7  ? 0.1409 0.1371 0.1280 -0.0223 0.0138  -0.0203 37  PRO B CG  
207 C CD  . PRO B 7  ? 0.1215 0.1303 0.0875 -0.0058 0.0208  -0.0242 37  PRO B CD  
208 N N   . HYP B 8  ? 0.0911 0.0801 0.0517 0.0003  0.0153  -0.0042 38  HYP B N   
209 C CA  . HYP B 8  ? 0.0850 0.0646 0.0417 0.0056  0.0081  -0.0077 38  HYP B CA  
210 C C   . HYP B 8  ? 0.0653 0.0627 0.0385 -0.0046 0.0109  -0.0142 38  HYP B C   
211 O O   . HYP B 8  ? 0.0613 0.0862 0.0316 -0.0016 0.0067  -0.0084 38  HYP B O   
212 C CB  . HYP B 8  ? 0.0882 0.0721 0.0681 0.0135  -0.0007 -0.0017 38  HYP B CB  
213 C CG  . HYP B 8  ? 0.1048 0.0823 0.0705 0.0081  0.0018  0.0001  38  HYP B CG  
214 C CD  . HYP B 8  ? 0.1037 0.0785 0.0686 0.0011  0.0115  -0.0022 38  HYP B CD  
215 O OD1 . HYP B 8  ? 0.1299 0.0820 0.0664 0.0211  -0.0115 -0.0079 38  HYP B OD1 
216 N N   . GLY B 9  ? 0.0703 0.0653 0.0407 0.0042  0.0106  -0.0030 39  GLY B N   
217 C CA  . GLY B 9  ? 0.0653 0.0658 0.0401 0.0056  0.0117  -0.0073 39  GLY B CA  
218 C C   . GLY B 9  ? 0.0604 0.0695 0.0412 0.0101  0.0128  -0.0103 39  GLY B C   
219 O O   . GLY B 9  ? 0.0636 0.0747 0.0360 0.0133  0.0146  -0.0080 39  GLY B O   
220 N N   . PRO B 10 ? 0.0676 0.0770 0.0456 0.0140  0.0056  -0.0108 40  PRO B N   
221 C CA  . PRO B 10 ? 0.0629 0.0781 0.0637 0.0096  0.0049  -0.0165 40  PRO B CA  
222 C C   . PRO B 10 ? 0.0614 0.0726 0.0475 0.0094  0.0046  -0.0013 40  PRO B C   
223 O O   . PRO B 10 ? 0.0555 0.0605 0.0407 0.0165  0.0091  0.0011  40  PRO B O   
224 C CB  . PRO B 10 ? 0.0707 0.1209 0.0861 0.0195  -0.0124 -0.0203 40  PRO B CB  
225 C CG  . PRO B 10 ? 0.0990 0.1028 0.0912 -0.0117 -0.0296 0.0023  40  PRO B CG  
226 C CD  . PRO B 10 ? 0.0705 0.0852 0.0605 0.0089  -0.0018 0.0026  40  PRO B CD  
227 N N   . HYP B 11 ? 0.0552 0.0718 0.0530 0.0014  0.0031  -0.0043 41  HYP B N   
228 C CA  . HYP B 11 ? 0.0543 0.0641 0.0474 0.0062  0.0002  0.0022  41  HYP B CA  
229 C C   . HYP B 11 ? 0.0476 0.0588 0.0351 0.0114  -0.0017 -0.0056 41  HYP B C   
230 O O   . HYP B 11 ? 0.0485 0.0830 0.0308 0.0163  -0.0019 -0.0028 41  HYP B O   
231 C CB  . HYP B 11 ? 0.0633 0.0694 0.0460 0.0045  -0.0035 -0.0036 41  HYP B CB  
232 C CG  . HYP B 11 ? 0.0677 0.0718 0.0537 -0.0009 -0.0028 -0.0011 41  HYP B CG  
233 C CD  . HYP B 11 ? 0.0604 0.0776 0.0566 -0.0018 -0.0040 -0.0090 41  HYP B CD  
234 O OD1 . HYP B 11 ? 0.1093 0.0899 0.0647 0.0002  -0.0204 0.0059  41  HYP B OD1 
235 N N   . GLY B 12 ? 0.0473 0.0640 0.0410 0.0073  -0.0034 -0.0088 42  GLY B N   
236 C CA  . GLY B 12 ? 0.0521 0.0710 0.0398 0.0141  0.0012  -0.0067 42  GLY B CA  
237 C C   . GLY B 12 ? 0.0452 0.0643 0.0356 0.0123  0.0025  -0.0007 42  GLY B C   
238 O O   . GLY B 12 ? 0.0538 0.0619 0.0332 0.0151  -0.0050 -0.0026 42  GLY B O   
239 N N   . PRO B 13 ? 0.0664 0.0636 0.0306 0.0161  0.0069  -0.0045 43  PRO B N   
240 C CA  . PRO B 13 ? 0.0603 0.0553 0.0361 0.0120  0.0020  -0.0075 43  PRO B CA  
241 C C   . PRO B 13 ? 0.0461 0.0548 0.0326 0.0087  -0.0052 -0.0009 43  PRO B C   
242 O O   . PRO B 13 ? 0.0458 0.0553 0.0361 0.0003  -0.0081 -0.0063 43  PRO B O   
243 C CB  . PRO B 13 ? 0.0738 0.0655 0.0531 0.0206  0.0011  0.0048  43  PRO B CB  
244 C CG  . PRO B 13 ? 0.0775 0.0633 0.0572 0.0082  0.0088  0.0142  43  PRO B CG  
245 C CD  . PRO B 13 ? 0.0731 0.0711 0.0522 0.0092  0.0094  0.0033  43  PRO B CD  
246 N N   . HYP B 14 ? 0.0426 0.0624 0.0387 0.0092  -0.0012 -0.0089 44  HYP B N   
247 C CA  . HYP B 14 ? 0.0514 0.0574 0.0368 0.0131  0.0016  -0.0066 44  HYP B CA  
248 C C   . HYP B 14 ? 0.0457 0.0582 0.0320 0.0124  -0.0022 -0.0094 44  HYP B C   
249 O O   . HYP B 14 ? 0.0531 0.0598 0.0301 0.0125  -0.0051 -0.0078 44  HYP B O   
250 C CB  . HYP B 14 ? 0.0605 0.0679 0.0396 0.0037  -0.0018 -0.0062 44  HYP B CB  
251 C CG  . HYP B 14 ? 0.0600 0.0723 0.0516 0.0075  -0.0057 -0.0159 44  HYP B CG  
252 C CD  . HYP B 14 ? 0.0446 0.0626 0.0462 0.0089  -0.0060 -0.0053 44  HYP B CD  
253 O OD1 . HYP B 14 ? 0.0605 0.0796 0.0627 0.0028  -0.0070 -0.0106 44  HYP B OD1 
254 N N   . ALA B 15 ? 0.0455 0.0580 0.0317 0.0125  0.0023  0.0047  45  ALA B N   
255 C CA  . ALA B 15 ? 0.0487 0.0579 0.0388 -0.0004 -0.0047 0.0056  45  ALA B CA  
256 C C   . ALA B 15 ? 0.0514 0.0539 0.0371 0.0002  -0.0025 -0.0015 45  ALA B C   
257 O O   . ALA B 15 ? 0.0535 0.0644 0.0397 -0.0033 -0.0013 -0.0067 45  ALA B O   
258 C CB  . ALA B 15 ? 0.0514 0.0581 0.0475 0.0049  0.0025  0.0031  45  ALA B CB  
259 N N   . PRO B 16 ? 0.0494 0.0534 0.0403 0.0009  -0.0057 0.0009  46  PRO B N   
260 C CA  . PRO B 16 ? 0.0560 0.0638 0.0389 0.0082  -0.0035 -0.0035 46  PRO B CA  
261 C C   . PRO B 16 ? 0.0549 0.0694 0.0297 0.0091  0.0001  -0.0043 46  PRO B C   
262 O O   . PRO B 16 ? 0.0559 0.0779 0.0268 0.0151  -0.0047 -0.0081 46  PRO B O   
263 C CB  . PRO B 16 ? 0.0614 0.0708 0.0527 0.0053  -0.0029 0.0052  46  PRO B CB  
264 C CG  . PRO B 16 ? 0.0701 0.0777 0.0610 -0.0095 -0.0075 0.0033  46  PRO B CG  
265 C CD  . PRO B 16 ? 0.0597 0.0586 0.0560 -0.0047 -0.0104 -0.0005 46  PRO B CD  
266 N N   . HYP B 17 ? 0.0537 0.0711 0.0323 0.0139  -0.0059 -0.0016 47  HYP B N   
267 C CA  . HYP B 17 ? 0.0445 0.0717 0.0485 0.0175  -0.0015 -0.0035 47  HYP B CA  
268 C C   . HYP B 17 ? 0.0429 0.0743 0.0349 0.0149  0.0028  -0.0094 47  HYP B C   
269 O O   . HYP B 17 ? 0.0516 0.0746 0.0533 0.0129  0.0050  -0.0117 47  HYP B O   
270 C CB  . HYP B 17 ? 0.0559 0.0876 0.0556 0.0173  -0.0092 0.0029  47  HYP B CB  
271 C CG  . HYP B 17 ? 0.0620 0.0769 0.0541 0.0156  -0.0059 -0.0009 47  HYP B CG  
272 C CD  . HYP B 17 ? 0.0567 0.0682 0.0492 0.0167  -0.0040 0.0029  47  HYP B CD  
273 O OD1 . HYP B 17 ? 0.0506 0.0864 0.0723 0.0212  -0.0103 0.0060  47  HYP B OD1 
274 N N   . GLY B 18 ? 0.0481 0.0751 0.0424 0.0151  -0.0038 -0.0101 48  GLY B N   
275 C CA  . GLY B 18 ? 0.0524 0.0722 0.0450 0.0209  -0.0007 -0.0080 48  GLY B CA  
276 C C   . GLY B 18 ? 0.0589 0.0705 0.0461 0.0184  0.0017  -0.0082 48  GLY B C   
277 O O   . GLY B 18 ? 0.0840 0.0718 0.0512 0.0315  -0.0047 -0.0020 48  GLY B O   
278 N N   . PRO B 19 ? 0.0587 0.0621 0.0680 0.0209  0.0017  -0.0094 49  PRO B N   
279 C CA  . PRO B 19 ? 0.0674 0.0518 0.0620 0.0223  0.0003  -0.0063 49  PRO B CA  
280 C C   . PRO B 19 ? 0.0489 0.0458 0.0616 0.0144  -0.0022 -0.0010 49  PRO B C   
281 O O   . PRO B 19 ? 0.0591 0.0491 0.0591 0.0072  0.0048  -0.0038 49  PRO B O   
282 C CB  . PRO B 19 ? 0.0699 0.0742 0.1009 0.0145  -0.0033 -0.0103 49  PRO B CB  
283 C CG  . PRO B 19 ? 0.0714 0.0741 0.1008 0.0068  0.0000  -0.0099 49  PRO B CG  
284 C CD  . PRO B 19 ? 0.0735 0.0650 0.0776 0.0212  -0.0055 -0.0020 49  PRO B CD  
285 N N   . HYP B 20 ? 0.0548 0.0492 0.0640 0.0173  0.0023  0.0036  50  HYP B N   
286 C CA  . HYP B 20 ? 0.0624 0.0606 0.0731 0.0127  0.0026  -0.0071 50  HYP B CA  
287 C C   . HYP B 20 ? 0.0483 0.0592 0.0496 0.0079  0.0030  -0.0161 50  HYP B C   
288 O O   . HYP B 20 ? 0.0447 0.0702 0.0699 -0.0081 0.0079  -0.0339 50  HYP B O   
289 C CB  . HYP B 20 ? 0.0926 0.0753 0.0834 0.0068  0.0122  0.0004  50  HYP B CB  
290 C CG  . HYP B 20 ? 0.1261 0.0782 0.0872 0.0172  0.0252  -0.0006 50  HYP B CG  
291 C CD  . HYP B 20 ? 0.0880 0.0493 0.0860 0.0139  0.0200  0.0051  50  HYP B CD  
292 O OD1 . HYP B 20 ? 0.1527 0.1164 0.1101 0.0297  -0.0002 0.0161  50  HYP B OD1 
293 N N   . GLY B 21 ? 0.0443 0.0600 0.0513 0.0045  -0.0089 -0.0135 51  GLY B N   
294 C CA  . GLY B 21 ? 0.0546 0.0491 0.0472 0.0026  -0.0051 -0.0105 51  GLY B CA  
295 C C   . GLY B 21 ? 0.0516 0.0455 0.0410 0.0053  -0.0084 -0.0153 51  GLY B C   
296 O O   . GLY B 21 ? 0.0462 0.0497 0.0486 0.0029  -0.0039 -0.0114 51  GLY B O   
297 N N   . PRO B 22 ? 0.0502 0.0507 0.0466 0.0068  -0.0064 -0.0125 52  PRO B N   
298 C CA  . PRO B 22 ? 0.0467 0.0526 0.0532 0.0051  -0.0065 -0.0126 52  PRO B CA  
299 C C   . PRO B 22 ? 0.0441 0.0523 0.0490 0.0038  -0.0028 -0.0084 52  PRO B C   
300 O O   . PRO B 22 ? 0.0408 0.0507 0.0415 0.0059  -0.0007 -0.0084 52  PRO B O   
301 C CB  . PRO B 22 ? 0.0634 0.0603 0.0545 0.0092  -0.0119 -0.0132 52  PRO B CB  
302 C CG  . PRO B 22 ? 0.0705 0.0557 0.0520 0.0112  -0.0018 -0.0173 52  PRO B CG  
303 C CD  . PRO B 22 ? 0.0581 0.0490 0.0552 0.0026  -0.0074 -0.0115 52  PRO B CD  
304 N N   . HYP B 23 ? 0.0392 0.0563 0.0585 0.0014  -0.0024 0.0001  53  HYP B N   
305 C CA  . HYP B 23 ? 0.0426 0.0648 0.0571 -0.0008 -0.0011 0.0004  53  HYP B CA  
306 C C   . HYP B 23 ? 0.0453 0.0607 0.0444 0.0079  -0.0040 -0.0058 53  HYP B C   
307 O O   . HYP B 23 ? 0.0567 0.0529 0.0371 0.0110  -0.0126 -0.0170 53  HYP B O   
308 C CB  . HYP B 23 ? 0.0494 0.0883 0.0713 -0.0025 0.0088  0.0096  53  HYP B CB  
309 C CG  . HYP B 23 ? 0.0401 0.0909 0.0947 -0.0006 0.0022  0.0058  53  HYP B CG  
310 C CD  . HYP B 23 ? 0.0375 0.0681 0.0840 -0.0004 -0.0029 -0.0037 53  HYP B CD  
311 O OD1 . HYP B 23 ? 0.0713 0.1055 0.1577 -0.0134 -0.0152 0.0531  53  HYP B OD1 
312 N N   . GLY B 24 ? 0.0535 0.0744 0.0341 0.0123  -0.0018 -0.0085 54  GLY B N   
313 C CA  . GLY B 24 ? 0.0478 0.0755 0.0385 0.0086  0.0002  -0.0060 54  GLY B CA  
314 C C   . GLY B 24 ? 0.0549 0.0703 0.0283 0.0089  0.0013  -0.0083 54  GLY B C   
315 O O   . GLY B 24 ? 0.0494 0.0729 0.0297 0.0126  0.0016  -0.0120 54  GLY B O   
316 N N   . PRO B 25 ? 0.0572 0.0705 0.0334 0.0128  -0.0015 -0.0105 55  PRO B N   
317 C CA  . PRO B 25 ? 0.0726 0.0622 0.0479 0.0178  0.0023  -0.0110 55  PRO B CA  
318 C C   . PRO B 25 ? 0.0801 0.0694 0.0482 0.0144  0.0051  -0.0150 55  PRO B C   
319 O O   . PRO B 25 ? 0.0761 0.0694 0.0397 0.0140  0.0020  -0.0235 55  PRO B O   
320 C CB  . PRO B 25 ? 0.0831 0.0689 0.0732 0.0076  0.0003  -0.0081 55  PRO B CB  
321 C CG  . PRO B 25 ? 0.0857 0.0693 0.0736 0.0037  -0.0088 0.0013  55  PRO B CG  
322 C CD  . PRO B 25 ? 0.0683 0.0761 0.0467 0.0016  -0.0026 -0.0077 55  PRO B CD  
323 N N   . HYP B 26 ? 0.0690 0.0716 0.0504 0.0100  0.0035  -0.0104 56  HYP B N   
324 C CA  . HYP B 26 ? 0.0904 0.0895 0.0576 0.0051  0.0186  -0.0091 56  HYP B CA  
325 C C   . HYP B 26 ? 0.1099 0.1026 0.0529 0.0072  0.0108  -0.0165 56  HYP B C   
326 O O   . HYP B 26 ? 0.1563 0.0977 0.0476 -0.0104 0.0179  -0.0347 56  HYP B O   
327 C CB  . HYP B 26 ? 0.0985 0.0889 0.1115 0.0118  0.0199  -0.0135 56  HYP B CB  
328 C CG  . HYP B 26 ? 0.0738 0.0869 0.1136 0.0280  0.0157  0.0106  56  HYP B CG  
329 C CD  . HYP B 26 ? 0.0843 0.0757 0.0745 0.0240  0.0098  0.0024  56  HYP B CD  
330 O OD1 . HYP B 26 ? 0.0838 0.1025 0.1378 0.0167  0.0185  0.0019  56  HYP B OD1 
331 N N   . GLY B 27 ? 0.1403 0.1043 0.0509 -0.0071 0.0217  -0.0139 57  GLY B N   
332 C CA  . GLY B 27 ? 0.1802 0.1070 0.0565 -0.0106 0.0106  -0.0297 57  GLY B CA  
333 C C   . GLY B 27 ? 0.2255 0.1226 0.0872 0.0147  0.0114  -0.0353 57  GLY B C   
334 O O   . GLY B 27 ? 0.2521 0.1460 0.0889 0.0491  0.0086  -0.0327 57  GLY B O   
335 N N   . PRO B 28 ? 0.2897 0.1091 0.0962 -0.0313 -0.0006 -0.0132 58  PRO B N   
336 C CA  . PRO B 28 ? 0.3370 0.1245 0.1573 -0.0186 -0.0056 -0.0399 58  PRO B CA  
337 C C   . PRO B 28 ? 0.4427 0.2456 0.0553 -0.0347 -0.0064 -0.0166 58  PRO B C   
338 O O   . PRO B 28 ? 0.4881 0.1522 0.0673 0.0257  0.0217  -0.0705 58  PRO B O   
339 C CB  . PRO B 28 ? 0.3216 0.1867 0.2127 -0.0288 -0.0135 -0.0286 58  PRO B CB  
340 C CG  . PRO B 28 ? 0.2761 0.1678 0.2046 -0.0554 -0.0301 -0.0257 58  PRO B CG  
341 C CD  . PRO B 28 ? 0.2638 0.1685 0.1364 -0.0563 0.0075  -0.0216 58  PRO B CD  
342 N N   . GLY C 3  ? 0.2949 0.3998 0.2512 0.0093  -0.0589 -0.0162 63  GLY C N   
343 C CA  . GLY C 3  ? 0.3216 0.2181 0.1666 0.0415  0.0335  -0.0810 63  GLY C CA  
344 C C   . GLY C 3  ? 0.2827 0.0971 0.1805 0.0427  0.0249  -0.0728 63  GLY C C   
345 O O   . GLY C 3  ? 0.2918 0.1025 0.1844 0.0480  0.0206  -0.0724 63  GLY C O   
346 N N   . PRO C 4  ? 0.2799 0.0765 0.1881 0.0367  0.0312  -0.0784 64  PRO C N   
347 C CA  . PRO C 4  ? 0.2430 0.1127 0.1826 0.0211  0.0023  -0.0532 64  PRO C CA  
348 C C   . PRO C 4  ? 0.1623 0.0763 0.1602 0.0208  0.0167  -0.0270 64  PRO C C   
349 O O   . PRO C 4  ? 0.1513 0.0884 0.1144 0.0035  0.0274  -0.0447 64  PRO C O   
350 C CB  . PRO C 4  ? 0.2648 0.1917 0.2263 0.0006  -0.0242 -0.0486 64  PRO C CB  
351 C CG  . PRO C 4  ? 0.3171 0.2295 0.2329 0.0205  -0.0158 -0.0340 64  PRO C CG  
352 C CD  . PRO C 4  ? 0.3467 0.0600 0.2730 0.0386  -0.0092 -0.0160 64  PRO C CD  
353 N N   . HYP C 5  ? 0.1756 0.1091 0.1894 -0.0009 0.0366  -0.0121 65  HYP C N   
354 C CA  . HYP C 5  ? 0.1552 0.1254 0.1534 0.0125  0.0169  0.0029  65  HYP C CA  
355 C C   . HYP C 5  ? 0.1180 0.1097 0.0871 -0.0062 0.0054  -0.0206 65  HYP C C   
356 O O   . HYP C 5  ? 0.1152 0.1161 0.0978 -0.0003 0.0036  -0.0339 65  HYP C O   
357 C CB  . HYP C 5  ? 0.1861 0.1752 0.1895 -0.0029 0.0312  0.0328  65  HYP C CB  
358 C CG  . HYP C 5  ? 0.2296 0.1699 0.2439 -0.0039 0.0105  0.0266  65  HYP C CG  
359 C CD  . HYP C 5  ? 0.2134 0.1291 0.2441 -0.0168 0.0196  0.0159  65  HYP C CD  
360 O OD1 . HYP C 5  ? 0.2383 0.2046 0.2921 0.0132  0.0100  0.0802  65  HYP C OD1 
361 N N   . GLY C 6  ? 0.0711 0.1072 0.0585 0.0062  -0.0027 -0.0176 66  GLY C N   
362 C CA  . GLY C 6  ? 0.0770 0.0914 0.0480 -0.0025 0.0041  -0.0159 66  GLY C CA  
363 C C   . GLY C 6  ? 0.0695 0.0933 0.0534 -0.0021 -0.0006 -0.0287 66  GLY C C   
364 O O   . GLY C 6  ? 0.0830 0.1023 0.0637 -0.0170 0.0190  -0.0297 66  GLY C O   
365 N N   . PRO C 7  ? 0.0686 0.0914 0.0472 0.0019  0.0005  -0.0355 67  PRO C N   
366 C CA  . PRO C 7  ? 0.0607 0.0829 0.0688 0.0003  -0.0005 -0.0229 67  PRO C CA  
367 C C   . PRO C 7  ? 0.0457 0.0701 0.0621 0.0054  0.0020  -0.0135 67  PRO C C   
368 O O   . PRO C 7  ? 0.0502 0.0728 0.0574 -0.0068 0.0184  -0.0243 67  PRO C O   
369 C CB  . PRO C 7  ? 0.0753 0.0939 0.0585 -0.0009 -0.0130 -0.0276 67  PRO C CB  
370 C CG  . PRO C 7  ? 0.0819 0.0878 0.0616 0.0021  -0.0086 -0.0247 67  PRO C CG  
371 C CD  . PRO C 7  ? 0.0785 0.0896 0.0651 0.0003  -0.0074 -0.0281 67  PRO C CD  
372 N N   . HYP C 8  ? 0.0438 0.0582 0.0587 0.0046  -0.0002 -0.0137 68  HYP C N   
373 C CA  . HYP C 8  ? 0.0506 0.0590 0.0527 0.0089  -0.0041 -0.0052 68  HYP C CA  
374 C C   . HYP C 8  ? 0.0572 0.0597 0.0459 0.0067  -0.0066 -0.0051 68  HYP C C   
375 O O   . HYP C 8  ? 0.0604 0.0531 0.0442 0.0141  -0.0071 -0.0115 68  HYP C O   
376 C CB  . HYP C 8  ? 0.0541 0.0777 0.0680 0.0035  -0.0007 0.0018  68  HYP C CB  
377 C CG  . HYP C 8  ? 0.0427 0.0846 0.0767 -0.0009 -0.0003 -0.0015 68  HYP C CG  
378 C CD  . HYP C 8  ? 0.0468 0.0716 0.0730 -0.0019 -0.0006 -0.0112 68  HYP C CD  
379 O OD1 . HYP C 8  ? 0.0846 0.1077 0.1315 0.0060  -0.0072 0.0385  68  HYP C OD1 
380 N N   . GLY C 9  ? 0.0538 0.0552 0.0378 0.0151  -0.0061 -0.0003 69  GLY C N   
381 C CA  . GLY C 9  ? 0.0537 0.0582 0.0327 0.0084  -0.0054 0.0014  69  GLY C CA  
382 C C   . GLY C 9  ? 0.0553 0.0642 0.0326 0.0072  -0.0028 -0.0052 69  GLY C C   
383 O O   . GLY C 9  ? 0.0543 0.0576 0.0414 0.0104  0.0005  -0.0052 69  GLY C O   
384 N N   . PRO C 10 ? 0.0561 0.0622 0.0399 0.0105  0.0021  -0.0014 70  PRO C N   
385 C CA  . PRO C 10 ? 0.0578 0.0679 0.0504 0.0111  0.0044  -0.0063 70  PRO C CA  
386 C C   . PRO C 10 ? 0.0459 0.0536 0.0483 0.0078  -0.0022 -0.0033 70  PRO C C   
387 O O   . PRO C 10 ? 0.0468 0.0535 0.0329 0.0020  -0.0019 -0.0059 70  PRO C O   
388 C CB  . PRO C 10 ? 0.0693 0.0751 0.0665 0.0086  0.0064  0.0015  70  PRO C CB  
389 C CG  . PRO C 10 ? 0.0706 0.0666 0.0779 0.0043  -0.0137 -0.0030 70  PRO C CG  
390 C CD  . PRO C 10 ? 0.0555 0.0699 0.0512 0.0053  -0.0058 -0.0041 70  PRO C CD  
391 N N   . HYP C 11 ? 0.0459 0.0586 0.0386 0.0022  0.0061  -0.0086 71  HYP C N   
392 C CA  . HYP C 11 ? 0.0379 0.0548 0.0388 -0.0002 0.0033  -0.0047 71  HYP C CA  
393 C C   . HYP C 11 ? 0.0443 0.0470 0.0350 0.0007  0.0032  -0.0058 71  HYP C C   
394 O O   . HYP C 11 ? 0.0522 0.0481 0.0341 -0.0051 0.0060  -0.0129 71  HYP C O   
395 C CB  . HYP C 11 ? 0.0420 0.0564 0.0618 0.0048  0.0008  -0.0073 71  HYP C CB  
396 C CG  . HYP C 11 ? 0.0548 0.0677 0.0578 0.0096  0.0047  0.0016  71  HYP C CG  
397 C CD  . HYP C 11 ? 0.0547 0.0600 0.0585 0.0063  0.0040  0.0000  71  HYP C CD  
398 O OD1 . HYP C 11 ? 0.0540 0.0825 0.0615 0.0022  0.0055  -0.0161 71  HYP C OD1 
399 N N   . GLY C 12 ? 0.0367 0.0350 0.0394 -0.0001 0.0017  -0.0002 72  GLY C N   
400 C CA  . GLY C 12 ? 0.0399 0.0368 0.0367 0.0032  0.0017  -0.0036 72  GLY C CA  
401 C C   . GLY C 12 ? 0.0426 0.0403 0.0331 0.0028  0.0049  -0.0083 72  GLY C C   
402 O O   . GLY C 12 ? 0.0548 0.0445 0.0272 0.0101  -0.0002 -0.0055 72  GLY C O   
403 N N   . PRO C 13 ? 0.0442 0.0455 0.0397 0.0054  -0.0025 -0.0086 73  PRO C N   
404 C CA  . PRO C 13 ? 0.0511 0.0469 0.0400 0.0036  0.0063  -0.0099 73  PRO C CA  
405 C C   . PRO C 13 ? 0.0489 0.0463 0.0383 0.0013  0.0050  -0.0107 73  PRO C C   
406 O O   . PRO C 13 ? 0.0539 0.0464 0.0351 0.0021  0.0077  -0.0105 73  PRO C O   
407 C CB  . PRO C 13 ? 0.0541 0.0648 0.0483 -0.0011 0.0023  -0.0105 73  PRO C CB  
408 C CG  . PRO C 13 ? 0.0683 0.0705 0.0694 0.0007  -0.0115 -0.0103 73  PRO C CG  
409 C CD  . PRO C 13 ? 0.0499 0.0595 0.0445 0.0084  -0.0053 -0.0010 73  PRO C CD  
410 N N   . HYP C 14 ? 0.0499 0.0469 0.0452 0.0026  0.0069  -0.0105 74  HYP C N   
411 C CA  . HYP C 14 ? 0.0576 0.0569 0.0432 0.0085  0.0092  -0.0047 74  HYP C CA  
412 C C   . HYP C 14 ? 0.0542 0.0676 0.0422 0.0124  0.0072  -0.0120 74  HYP C C   
413 O O   . HYP C 14 ? 0.0584 0.0716 0.0655 0.0112  -0.0040 -0.0092 74  HYP C O   
414 C CB  . HYP C 14 ? 0.0558 0.0583 0.0574 0.0100  0.0016  -0.0035 74  HYP C CB  
415 C CG  . HYP C 14 ? 0.0549 0.0628 0.0637 0.0060  0.0115  -0.0050 74  HYP C CG  
416 C CD  . HYP C 14 ? 0.0557 0.0504 0.0586 0.0033  0.0063  -0.0043 74  HYP C CD  
417 O OD1 . HYP C 14 ? 0.0532 0.0735 0.0878 0.0145  -0.0003 -0.0106 74  HYP C OD1 
418 N N   . ALA C 15 ? 0.0571 0.0929 0.0480 0.0159  0.0113  -0.0055 75  ALA C N   
419 C CA  . ALA C 15 ? 0.0679 0.0917 0.0521 0.0152  0.0115  0.0026  75  ALA C CA  
420 C C   . ALA C 15 ? 0.0658 0.0826 0.0519 0.0193  0.0004  0.0052  75  ALA C C   
421 O O   . ALA C 15 ? 0.0858 0.0881 0.0453 0.0313  0.0042  0.0110  75  ALA C O   
422 C CB  . ALA C 15 ? 0.0853 0.0903 0.0559 0.0117  0.0033  0.0070  75  ALA C CB  
423 N N   . PRO C 16 ? 0.0741 0.1134 0.0547 0.0248  -0.0032 -0.0096 76  PRO C N   
424 C CA  . PRO C 16 ? 0.0767 0.1065 0.0695 0.0179  0.0118  -0.0105 76  PRO C CA  
425 C C   . PRO C 16 ? 0.0786 0.0968 0.0525 0.0160  0.0135  -0.0143 76  PRO C C   
426 O O   . PRO C 16 ? 0.0782 0.0983 0.0598 0.0194  0.0107  -0.0130 76  PRO C O   
427 C CB  . PRO C 16 ? 0.0869 0.1270 0.0987 0.0116  -0.0081 -0.0027 76  PRO C CB  
428 C CG  . PRO C 16 ? 0.0990 0.1343 0.0907 0.0141  -0.0032 -0.0083 76  PRO C CG  
429 C CD  . PRO C 16 ? 0.0723 0.1174 0.0824 0.0252  -0.0009 -0.0014 76  PRO C CD  
430 N N   . HYP C 17 ? 0.0874 0.0872 0.0780 0.0207  0.0183  -0.0059 77  HYP C N   
431 C CA  . HYP C 17 ? 0.0847 0.0945 0.0824 0.0214  0.0175  -0.0086 77  HYP C CA  
432 C C   . HYP C 17 ? 0.0500 0.0832 0.0679 0.0198  0.0093  -0.0191 77  HYP C C   
433 O O   . HYP C 17 ? 0.0485 0.1113 0.0562 0.0180  0.0112  -0.0122 77  HYP C O   
434 C CB  . HYP C 17 ? 0.1198 0.0932 0.1116 0.0146  0.0251  -0.0134 77  HYP C CB  
435 C CG  . HYP C 17 ? 0.1378 0.0839 0.1503 0.0190  0.0476  -0.0069 77  HYP C CG  
436 C CD  . HYP C 17 ? 0.1027 0.1024 0.1052 0.0061  0.0366  -0.0084 77  HYP C CD  
437 O OD1 . HYP C 17 ? 0.2150 0.1150 0.1909 0.0327  0.0214  0.0285  77  HYP C OD1 
438 N N   . GLY C 18 ? 0.0552 0.0910 0.0631 0.0131  0.0057  -0.0078 78  GLY C N   
439 C CA  . GLY C 18 ? 0.0490 0.0748 0.0694 0.0153  0.0003  -0.0083 78  GLY C CA  
440 C C   . GLY C 18 ? 0.0485 0.0697 0.0636 0.0196  -0.0049 -0.0017 78  GLY C C   
441 O O   . GLY C 18 ? 0.0502 0.0780 0.0566 0.0050  -0.0003 -0.0128 78  GLY C O   
442 N N   . PRO C 19 ? 0.0587 0.0742 0.0573 0.0117  -0.0135 -0.0045 79  PRO C N   
443 C CA  . PRO C 19 ? 0.0554 0.0699 0.0568 0.0063  -0.0073 -0.0040 79  PRO C CA  
444 C C   . PRO C 19 ? 0.0345 0.0678 0.0446 -0.0066 -0.0027 -0.0046 79  PRO C C   
445 O O   . PRO C 19 ? 0.0307 0.0695 0.0489 0.0019  -0.0019 -0.0049 79  PRO C O   
446 C CB  . PRO C 19 ? 0.0992 0.0777 0.0876 0.0022  -0.0108 0.0121  79  PRO C CB  
447 C CG  . PRO C 19 ? 0.1132 0.0908 0.0921 -0.0009 -0.0021 0.0002  79  PRO C CG  
448 C CD  . PRO C 19 ? 0.0737 0.0743 0.0877 0.0126  -0.0117 -0.0018 79  PRO C CD  
449 N N   . HYP C 20 ? 0.0332 0.0795 0.0451 0.0008  -0.0026 -0.0103 80  HYP C N   
450 C CA  . HYP C 20 ? 0.0400 0.0713 0.0538 -0.0017 0.0068  -0.0076 80  HYP C CA  
451 C C   . HYP C 20 ? 0.0332 0.0642 0.0391 0.0019  0.0003  -0.0095 80  HYP C C   
452 O O   . HYP C 20 ? 0.0334 0.0674 0.0445 0.0026  0.0052  -0.0069 80  HYP C O   
453 C CB  . HYP C 20 ? 0.0468 0.0912 0.0514 0.0039  0.0007  -0.0134 80  HYP C CB  
454 C CG  . HYP C 20 ? 0.0398 0.0899 0.0670 -0.0017 -0.0138 -0.0116 80  HYP C CG  
455 C CD  . HYP C 20 ? 0.0342 0.0901 0.0535 -0.0025 -0.0048 -0.0079 80  HYP C CD  
456 O OD1 . HYP C 20 ? 0.0573 0.0951 0.0640 0.0028  0.0114  -0.0160 80  HYP C OD1 
457 N N   . GLY C 21 ? 0.0348 0.0493 0.0409 -0.0004 0.0016  -0.0044 81  GLY C N   
458 C CA  . GLY C 21 ? 0.0421 0.0491 0.0343 -0.0019 0.0065  -0.0054 81  GLY C CA  
459 C C   . GLY C 21 ? 0.0452 0.0605 0.0348 -0.0010 0.0107  -0.0049 81  GLY C C   
460 O O   . GLY C 21 ? 0.0535 0.0724 0.0457 -0.0041 0.0025  -0.0055 81  GLY C O   
461 N N   . PRO C 22 ? 0.0513 0.0649 0.0370 -0.0063 0.0136  -0.0059 82  PRO C N   
462 C CA  . PRO C 22 ? 0.0646 0.0680 0.0356 0.0021  0.0075  -0.0017 82  PRO C CA  
463 C C   . PRO C 22 ? 0.0546 0.0662 0.0372 -0.0024 0.0104  -0.0022 82  PRO C C   
464 O O   . PRO C 22 ? 0.0629 0.0823 0.0311 0.0133  0.0083  -0.0043 82  PRO C O   
465 C CB  . PRO C 22 ? 0.1000 0.0762 0.0606 -0.0182 0.0148  0.0013  82  PRO C CB  
466 C CG  . PRO C 22 ? 0.0759 0.0883 0.0732 -0.0216 0.0021  0.0124  82  PRO C CG  
467 C CD  . PRO C 22 ? 0.0521 0.0653 0.0426 0.0069  -0.0030 -0.0030 82  PRO C CD  
468 N N   . HYP C 23 ? 0.0477 0.0772 0.0379 0.0082  0.0046  -0.0001 83  HYP C N   
469 C CA  . HYP C 23 ? 0.0527 0.0742 0.0488 0.0055  0.0019  -0.0050 83  HYP C CA  
470 C C   . HYP C 23 ? 0.0511 0.0817 0.0318 0.0056  0.0055  -0.0110 83  HYP C C   
471 O O   . HYP C 23 ? 0.0511 0.0813 0.0486 0.0072  0.0137  -0.0056 83  HYP C O   
472 C CB  . HYP C 23 ? 0.0644 0.0935 0.0496 0.0045  -0.0023 -0.0063 83  HYP C CB  
473 C CG  . HYP C 23 ? 0.0773 0.0781 0.0389 0.0033  -0.0046 0.0063  83  HYP C CG  
474 C CD  . HYP C 23 ? 0.0586 0.0738 0.0429 0.0023  0.0031  0.0042  83  HYP C CD  
475 O OD1 . HYP C 23 ? 0.0629 0.1049 0.0742 -0.0010 -0.0232 0.0007  83  HYP C OD1 
476 N N   . GLY C 24 ? 0.0520 0.0820 0.0348 0.0032  0.0034  -0.0107 84  GLY C N   
477 C CA  . GLY C 24 ? 0.0546 0.0757 0.0395 0.0087  0.0087  -0.0109 84  GLY C CA  
478 C C   . GLY C 24 ? 0.0515 0.0817 0.0371 0.0062  0.0062  -0.0118 84  GLY C C   
479 O O   . GLY C 24 ? 0.0648 0.0980 0.0394 0.0144  0.0067  -0.0071 84  GLY C O   
480 N N   . PRO C 25 ? 0.0549 0.0782 0.0459 0.0121  0.0058  -0.0042 85  PRO C N   
481 C CA  . PRO C 25 ? 0.0677 0.0850 0.0554 0.0107  0.0170  -0.0115 85  PRO C CA  
482 C C   . PRO C 25 ? 0.0773 0.0904 0.0606 0.0078  0.0258  -0.0197 85  PRO C C   
483 O O   . PRO C 25 ? 0.0808 0.0764 0.0555 0.0147  0.0206  -0.0159 85  PRO C O   
484 C CB  . PRO C 25 ? 0.0724 0.1067 0.0842 0.0153  0.0083  -0.0103 85  PRO C CB  
485 C CG  . PRO C 25 ? 0.0764 0.0998 0.0844 0.0066  0.0029  -0.0125 85  PRO C CG  
486 C CD  . PRO C 25 ? 0.0705 0.0708 0.0549 0.0072  -0.0056 -0.0037 85  PRO C CD  
487 N N   . HYP C 26 ? 0.1133 0.1215 0.0607 -0.0169 0.0264  -0.0162 86  HYP C N   
488 C CA  . HYP C 26 ? 0.1492 0.1337 0.0756 -0.0194 0.0298  -0.0320 86  HYP C CA  
489 C C   . HYP C 26 ? 0.1971 0.1454 0.0805 0.0003  0.0473  -0.0414 86  HYP C C   
490 O O   . HYP C 26 ? 0.1883 0.1782 0.1274 0.0396  0.0435  -0.0636 86  HYP C O   
491 C CB  . HYP C 26 ? 0.1523 0.1520 0.0832 -0.0224 0.0289  -0.0175 86  HYP C CB  
492 C CG  . HYP C 26 ? 0.2035 0.1470 0.0889 -0.0293 0.0341  -0.0020 86  HYP C CG  
493 C CD  . HYP C 26 ? 0.1582 0.1177 0.0910 -0.0308 0.0209  -0.0130 86  HYP C CD  
494 O OD1 . HYP C 26 ? 0.2284 0.1513 0.1159 -0.0287 0.0097  -0.0003 86  HYP C OD1 
495 N N   . GLY C 27 ? 0.2220 0.1495 0.0814 -0.0077 0.0301  -0.0398 87  GLY C N   
496 C CA  . GLY C 27 ? 0.2785 0.1520 0.1251 0.0121  0.0443  -0.0480 87  GLY C CA  
497 C C   . GLY C 27 ? 0.2846 0.2345 0.1877 0.0387  0.0557  -0.0525 87  GLY C C   
498 O O   . GLY C 27 ? 0.3567 0.2506 0.1619 0.0673  0.1680  -0.0704 87  GLY C O   
499 O O   B HOH D .  ? 0.0347 0.0926 0.0334 -0.0123 0.0050  -0.0233 101 HOH A O   
500 O O   . HOH D .  ? 0.3770 0.1518 0.2213 -0.0643 0.1129  -0.0422 102 HOH A O   
501 O O   . HOH D .  ? 0.1366 0.2380 0.1741 -0.0099 -0.0027 -0.0417 103 HOH A O   
502 O O   . HOH D .  ? 0.0650 0.0932 0.0913 0.0077  -0.0308 0.0134  104 HOH A O   
503 O O   B HOH D .  ? 0.1745 0.1687 0.1932 -0.0368 0.0485  0.0269  105 HOH A O   
504 O O   A HOH D .  ? 0.1154 0.0880 0.0666 -0.0565 0.0352  -0.0248 106 HOH A O   
505 O O   B HOH D .  ? 0.0858 0.0976 0.0414 -0.0177 0.0119  -0.0251 107 HOH A O   
506 O O   . HOH D .  ? 0.4828 0.2840 0.2326 0.2373  -0.1286 -0.1698 108 HOH A O   
507 O O   . HOH D .  ? 0.1308 0.0820 0.0943 0.0322  -0.0361 0.0353  109 HOH A O   
508 O O   . HOH D .  ? 0.0523 0.2751 0.0878 0.0185  -0.0179 -0.0727 110 HOH A O   
509 O O   . HOH D .  ? 0.2086 0.3690 0.2251 -0.0458 0.0448  0.0077  111 HOH A O   
510 O O   B HOH D .  ? 0.0708 0.0783 0.1766 -0.0070 -0.0504 0.0255  112 HOH A O   
511 O O   . HOH D .  ? 0.0839 0.1366 0.0721 0.0284  -0.0217 -0.0345 113 HOH A O   
512 O O   . HOH D .  ? 0.0916 0.1357 0.1388 0.0297  0.0375  0.0167  114 HOH A O   
513 O O   . HOH D .  ? 0.2327 0.2283 0.1715 0.1091  -0.1002 -0.0739 115 HOH A O   
514 O O   A HOH D .  ? 0.0755 0.0567 0.1153 -0.0135 0.0202  -0.0060 116 HOH A O   
515 O O   . HOH D .  ? 0.1204 0.0758 0.0582 0.0037  -0.0251 0.0066  117 HOH A O   
516 O O   . HOH D .  ? 0.0829 0.1029 0.0695 0.0111  -0.0175 -0.0400 118 HOH A O   
517 O O   A HOH D .  ? 0.1580 0.0622 0.1831 -0.0502 -0.0541 0.0323  119 HOH A O   
518 O O   . HOH D .  ? 0.1434 0.2194 0.2226 -0.0249 -0.0665 -0.0808 120 HOH A O   
519 O O   . HOH D .  ? 0.1725 0.2458 0.2495 -0.0111 -0.0171 -0.0992 121 HOH A O   
520 O O   . HOH D .  ? 0.1865 0.4203 0.3738 -0.0999 0.0252  -0.1449 122 HOH A O   
521 O O   A HOH D .  ? 0.1111 0.3086 0.1484 -0.0028 -0.0023 0.1328  123 HOH A O   
522 O O   . HOH D .  ? 0.2313 0.1126 0.3599 -0.0202 0.0041  0.0537  124 HOH A O   
523 O O   . HOH D .  ? 0.1755 0.1467 0.1242 0.0155  0.0000  0.0284  125 HOH A O   
524 O O   A HOH D .  ? 0.2987 0.1711 0.2599 0.0396  0.0576  0.0861  126 HOH A O   
525 O O   . HOH D .  ? 0.1517 0.1026 0.0727 -0.0138 -0.0041 -0.0094 127 HOH A O   
526 O O   . HOH D .  ? 0.1259 0.1119 0.2232 -0.0143 -0.0588 -0.0057 128 HOH A O   
527 O O   A HOH D .  ? 0.0711 0.0591 0.0918 0.0068  -0.0113 0.0225  129 HOH A O   
528 O O   . HOH D .  ? 0.1244 0.1009 0.0890 0.0144  0.0040  0.0022  130 HOH A O   
529 O O   . HOH D .  ? 0.1645 0.2583 0.4386 0.0309  -0.0687 0.0954  131 HOH A O   
530 O O   B HOH D .  ? 0.0511 0.0803 0.1710 -0.0062 -0.0254 0.0145  132 HOH A O   
531 O O   B HOH D .  ? 0.1130 0.1154 0.1701 -0.0324 -0.0337 -0.0078 133 HOH A O   
532 O O   B HOH D .  ? 0.3766 0.2874 0.2694 0.1063  0.0375  0.0410  134 HOH A O   
533 O O   . HOH D .  ? 0.0751 0.4220 0.1642 -0.0991 0.0014  0.0263  135 HOH A O   
534 O O   A HOH D .  ? 0.1146 0.0776 0.1393 0.0205  0.0305  0.0377  136 HOH A O   
535 O O   . HOH D .  ? 0.0763 0.1615 0.0889 0.0295  -0.0056 -0.0405 137 HOH A O   
536 O O   A HOH D .  ? 0.1007 0.0652 0.1036 0.0165  0.0005  0.0331  138 HOH A O   
537 O O   . HOH D .  ? 0.1368 0.2633 0.2057 0.0186  -0.0487 -0.0467 139 HOH A O   
538 O O   B HOH D .  ? 0.1077 0.1074 0.6816 -0.0066 0.0499  0.0987  140 HOH A O   
539 O O   B HOH D .  ? 0.0580 0.0832 0.1581 -0.0084 0.0396  -0.0464 141 HOH A O   
540 O O   . HOH D .  ? 0.1149 0.2139 0.2993 -0.0319 -0.0547 0.0431  142 HOH A O   
541 O O   . HOH D .  ? 0.1493 0.1223 0.3160 0.0267  -0.1442 -0.0376 143 HOH A O   
542 O O   . HOH D .  ? 0.1305 0.1527 0.2149 0.0046  0.0251  -0.0114 144 HOH A O   
543 O O   . HOH D .  ? 0.0484 0.1757 0.1450 0.0114  -0.0201 -0.0714 145 HOH A O   
544 O O   . HOH D .  ? 0.1753 0.1552 0.0979 0.0219  -0.0345 0.0165  146 HOH A O   
545 O O   . HOH D .  ? 0.0321 0.2536 0.2119 0.0017  -0.0209 -0.0704 147 HOH A O   
546 O O   . HOH D .  ? 0.0725 0.0663 0.1105 0.0248  -0.0266 -0.0159 148 HOH A O   
547 O O   A HOH D .  ? 0.1208 0.1317 0.1518 0.0265  0.0240  0.0396  149 HOH A O   
548 O O   . HOH D .  ? 0.2202 0.1706 0.2455 0.0816  -0.0108 -0.0478 150 HOH A O   
549 O O   . HOH D .  ? 0.1903 0.1801 0.1208 0.0205  0.0062  0.0001  151 HOH A O   
550 O O   . HOH D .  ? 0.4066 0.1408 0.1465 -0.0980 0.0408  -0.0577 152 HOH A O   
551 O O   . HOH D .  ? 0.1047 0.1346 0.1354 0.0192  -0.0527 0.0059  153 HOH A O   
552 O O   . HOH D .  ? 0.1252 0.2282 0.1526 -0.0430 0.0064  -0.0591 154 HOH A O   
553 O O   . HOH D .  ? 0.0817 0.1528 0.1255 0.0402  0.0001  0.0207  155 HOH A O   
554 O O   . HOH D .  ? 0.0926 0.1625 0.1177 -0.0202 -0.0136 -0.0187 156 HOH A O   
555 O O   . HOH D .  ? 0.1204 0.1041 0.0843 0.0060  -0.0072 0.0184  157 HOH A O   
556 O O   . HOH D .  ? 0.0870 0.1318 0.1361 0.0005  -0.0424 0.0716  158 HOH A O   
557 O O   A HOH D .  ? 0.0875 0.4910 0.0611 -0.0280 0.0109  -0.1290 159 HOH A O   
558 O O   . HOH D .  ? 0.5772 0.2858 0.2585 0.2254  0.0478  -0.0416 160 HOH A O   
559 O O   . HOH D .  ? 0.1146 0.1900 0.1390 -0.0242 -0.0153 -0.0375 161 HOH A O   
560 O O   . HOH D .  ? 0.1571 0.1142 0.1453 0.0482  -0.0340 -0.0271 162 HOH A O   
561 O O   . HOH D .  ? 0.0354 0.1464 0.2081 0.0226  -0.0212 -0.0596 163 HOH A O   
562 O O   . HOH D .  ? 0.0775 0.1439 0.1150 -0.0116 -0.0050 -0.0059 164 HOH A O   
563 O O   . HOH D .  ? 0.1008 0.1866 0.1104 -0.0447 -0.0067 -0.0235 165 HOH A O   
564 O O   B HOH D .  ? 0.3324 0.1085 0.2094 0.1598  0.2369  0.1236  166 HOH A O   
565 O O   . HOH E .  ? 0.1580 0.1438 0.1789 -0.0038 -0.0293 -0.0357 101 HOH B O   
566 O O   B HOH E .  ? 0.4014 0.1606 0.1293 0.1678  0.0027  -0.0110 102 HOH B O   
567 O O   . HOH E .  ? 0.1699 0.1359 0.2131 0.0245  -0.0585 0.0534  103 HOH B O   
568 O O   . HOH E .  ? 0.1314 0.1470 0.1663 -0.0246 0.0008  -0.0131 104 HOH B O   
569 O O   B HOH E .  ? 0.0513 0.2869 0.1041 -0.0815 0.0236  -0.0919 105 HOH B O   
570 O O   A HOH E .  ? 0.1099 0.0646 0.1086 0.0030  0.0110  0.0257  106 HOH B O   
571 O O   . HOH E .  ? 0.1560 0.0973 0.1200 0.0596  -0.0499 0.0089  107 HOH B O   
572 O O   . HOH E .  ? 0.1096 0.0904 0.1412 -0.0142 0.0003  0.0089  108 HOH B O   
573 O O   . HOH E .  ? 0.1249 0.1437 0.1827 0.0142  0.0425  -0.0126 109 HOH B O   
574 O O   . HOH E .  ? 0.2993 0.1453 0.1620 -0.0200 -0.0266 -0.0076 110 HOH B O   
575 O O   . HOH E .  ? 0.0692 0.0968 0.1694 -0.0055 0.0147  -0.0033 111 HOH B O   
576 O O   . HOH E .  ? 0.0636 0.1186 0.0638 -0.0055 0.0032  -0.0145 112 HOH B O   
577 O O   . HOH E .  ? 0.0375 0.0826 0.0398 0.0103  -0.0124 -0.0008 113 HOH B O   
578 O O   A HOH E .  ? 0.1175 0.1586 0.0891 -0.0123 -0.0225 -0.0588 114 HOH B O   
579 O O   . HOH E .  ? 0.1643 0.2765 0.1566 -0.0424 -0.0274 -0.0981 115 HOH B O   
580 O O   A HOH E .  ? 0.0641 0.1027 0.1098 -0.0538 0.0324  -0.0323 116 HOH B O   
581 O O   . HOH E .  ? 0.0996 0.1435 0.2131 0.0090  -0.0928 -0.0332 117 HOH B O   
582 O O   . HOH E .  ? 0.1982 0.0955 0.1687 -0.0389 -0.0201 0.0331  118 HOH B O   
583 O O   . HOH E .  ? 0.0678 0.0998 0.0655 0.0068  -0.0146 0.0144  119 HOH B O   
584 O O   B HOH E .  ? 0.0773 0.1434 0.1519 -0.0048 -0.0433 0.0328  120 HOH B O   
585 O O   . HOH E .  ? 0.0518 0.0808 0.0957 0.0134  -0.0307 0.0064  121 HOH B O   
586 O O   . HOH E .  ? 0.1579 0.1929 0.1790 -0.0536 0.0082  -0.0053 122 HOH B O   
587 O O   . HOH E .  ? 0.0778 0.0879 0.0449 -0.0008 -0.0026 -0.0070 123 HOH B O   
588 O O   . HOH E .  ? 0.1697 0.3079 0.1782 0.0928  0.0162  -0.0296 124 HOH B O   
589 O O   B HOH E .  ? 0.0959 0.1261 0.1782 0.0430  -0.0266 0.0046  125 HOH B O   
590 O O   . HOH E .  ? 0.1160 0.1259 0.1701 -0.0006 -0.0676 0.0296  126 HOH B O   
591 O O   A HOH E .  ? 0.1184 0.1139 0.2649 0.0325  -0.0414 -0.0003 127 HOH B O   
592 O O   A HOH E .  ? 0.1833 0.1317 0.1351 -0.0260 0.0088  -0.0609 128 HOH B O   
593 O O   A HOH E .  ? 0.2707 0.1637 0.0993 -0.0255 0.0237  0.0115  129 HOH B O   
594 O O   B HOH E .  ? 0.2029 0.1089 0.1214 -0.0317 -0.0029 0.0204  130 HOH B O   
595 O O   . HOH E .  ? 0.1316 0.1865 0.0776 0.0037  -0.0056 -0.0308 131 HOH B O   
596 O O   . HOH E .  ? 0.1556 0.1467 0.0781 0.0247  0.0125  -0.0190 132 HOH B O   
597 O O   B HOH E .  ? 0.0414 0.1007 0.1619 -0.0227 -0.0371 0.0323  133 HOH B O   
598 O O   B HOH E .  ? 0.2150 0.0506 0.2499 0.0067  -0.0150 0.0084  134 HOH B O   
599 O O   . HOH E .  ? 0.1090 0.1273 0.1268 0.0015  -0.0257 -0.0175 135 HOH B O   
600 O O   B HOH E .  ? 0.0364 0.1725 0.1027 -0.0157 0.0055  -0.0388 136 HOH B O   
601 O O   . HOH E .  ? 0.1637 0.2302 0.1496 -0.0250 -0.0265 0.0231  137 HOH B O   
602 O O   . HOH E .  ? 0.1295 0.0934 0.1206 0.0109  0.0034  -0.0124 138 HOH B O   
603 O O   B HOH E .  ? 0.1087 0.0871 0.0278 -0.0038 0.0056  -0.0116 139 HOH B O   
604 O O   . HOH E .  ? 0.2951 0.3319 0.7106 -0.0144 0.1684  -0.2704 140 HOH B O   
605 O O   B HOH E .  ? 0.1647 0.0921 0.2948 -0.0233 -0.0604 0.0282  141 HOH B O   
606 O O   B HOH E .  ? 0.3379 0.0883 0.2991 -0.0148 0.1784  0.0495  142 HOH B O   
607 O O   . HOH E .  ? 0.3989 0.1574 0.2551 0.0978  -0.1852 -0.0676 143 HOH B O   
608 O O   . HOH E .  ? 0.0932 0.1241 0.0743 0.0071  -0.0214 0.0057  144 HOH B O   
609 O O   A HOH E .  ? 0.1053 0.1395 0.1922 -0.0107 0.0870  -0.0518 145 HOH B O   
610 O O   . HOH E .  ? 0.0888 0.1419 0.1762 -0.0043 -0.0121 -0.0022 146 HOH B O   
611 O O   . HOH E .  ? 0.0996 0.1240 0.0993 0.0102  -0.0396 0.0039  147 HOH B O   
612 O O   . HOH E .  ? 0.0856 0.1222 0.1514 0.0270  -0.0368 -0.0208 148 HOH B O   
613 O O   A HOH E .  ? 0.0984 0.0437 0.0776 0.0269  0.0161  0.0253  149 HOH B O   
614 O O   . HOH E .  ? 0.2098 0.2024 0.1438 0.0434  0.0042  -0.0010 150 HOH B O   
615 O O   A HOH E .  ? 0.1056 0.2074 0.1697 -0.0614 -0.0387 0.0422  151 HOH B O   
616 O O   . HOH E .  ? 0.2340 0.2395 0.1369 -0.0814 -0.0876 -0.0380 152 HOH B O   
617 O O   . HOH E .  ? 0.1138 0.1302 0.1889 -0.0364 0.0458  -0.0184 153 HOH B O   
618 O O   . HOH E .  ? 0.1766 0.1612 0.1366 0.0504  -0.0231 -0.0339 154 HOH B O   
619 O O   B HOH E .  ? 0.0921 0.1973 0.0732 0.0106  -0.0395 -0.0082 155 HOH B O   
620 O O   . HOH E .  ? 0.2550 0.1082 0.2278 -0.0715 0.1666  -0.0810 156 HOH B O   
621 O O   . HOH E .  ? 0.1326 0.1733 0.1276 -0.0589 0.0037  -0.0054 157 HOH B O   
622 O O   . HOH E .  ? 0.1796 0.1232 0.1352 -0.0482 -0.0030 0.0052  158 HOH B O   
623 O O   . HOH E .  ? 0.1111 0.1070 0.0889 -0.0215 -0.0213 0.0239  159 HOH B O   
624 O O   . HOH E .  ? 0.0945 0.1060 0.0795 -0.0152 -0.0069 0.0038  160 HOH B O   
625 O O   . HOH E .  ? 0.1915 0.3597 0.1987 -0.0056 0.0318  -0.0639 161 HOH B O   
626 O O   A HOH E .  ? 0.0884 0.7198 0.1546 -0.1231 -0.0417 -0.0656 162 HOH B O   
627 O O   . HOH E .  ? 0.5701 0.2660 0.1626 0.1241  0.0502  0.0303  163 HOH B O   
628 O O   . HOH E .  ? 0.2200 0.2185 0.0730 -0.0442 0.0693  -0.0214 164 HOH B O   
629 O O   . HOH E .  ? 0.5565 0.4689 0.3830 -0.1912 0.3038  -0.1760 165 HOH B O   
630 O O   A HOH F .  ? 0.0288 0.1067 0.0678 0.0066  0.0112  0.0012  101 HOH C O   
631 O O   A HOH F .  ? 0.1538 0.0924 0.0983 0.0261  -0.0363 0.0232  102 HOH C O   
632 O O   . HOH F .  ? 0.2207 0.1370 0.2227 -0.0215 -0.0898 0.0633  103 HOH C O   
633 O O   . HOH F .  ? 0.0824 0.1487 0.1667 -0.0190 -0.0269 -0.0756 104 HOH C O   
634 O O   . HOH F .  ? 0.2273 0.1154 0.0915 0.0176  -0.0537 -0.0052 105 HOH C O   
635 O O   . HOH F .  ? 0.1887 0.2045 0.1353 -0.0921 0.0546  -0.0686 106 HOH C O   
636 O O   . HOH F .  ? 0.1469 0.0869 0.1779 0.0109  0.0019  0.0185  107 HOH C O   
637 O O   B HOH F .  ? 0.0295 0.0686 0.0262 0.0111  -0.0018 -0.0054 108 HOH C O   
638 O O   . HOH F .  ? 0.0886 0.1473 0.1781 0.0316  -0.0274 -0.0117 109 HOH C O   
639 O O   . HOH F .  ? 0.0874 0.1335 0.1652 -0.0240 -0.0259 0.0290  110 HOH C O   
640 O O   . HOH F .  ? 0.2526 0.1697 0.2331 -0.0007 -0.0453 0.0199  111 HOH C O   
641 O O   . HOH F .  ? 0.2184 0.2497 0.1322 0.1175  -0.0579 -0.0544 112 HOH C O   
642 O O   A HOH F .  ? 0.1217 0.0731 0.0477 0.0177  -0.0202 0.0247  113 HOH C O   
643 O O   . HOH F .  ? 0.0622 0.0491 0.0739 0.0134  -0.0121 0.0133  114 HOH C O   
644 O O   . HOH F .  ? 0.0827 0.0804 0.0676 0.0262  -0.0065 -0.0157 115 HOH C O   
645 O O   . HOH F .  ? 0.0633 0.1366 0.0870 -0.0065 0.0089  -0.0438 116 HOH C O   
646 O O   . HOH F .  ? 0.1246 0.1278 0.1024 0.0000  0.0182  -0.0094 117 HOH C O   
647 O O   . HOH F .  ? 0.1936 0.2802 0.2830 0.0068  0.1070  -0.0646 118 HOH C O   
648 O O   . HOH F .  ? 0.0915 0.1149 0.1187 -0.0042 -0.0179 -0.0203 119 HOH C O   
649 O O   . HOH F .  ? 0.0578 0.1451 0.0961 -0.0280 -0.0131 0.0017  120 HOH C O   
650 O O   . HOH F .  ? 0.4362 0.4468 0.3157 0.1244  -0.1655 0.0374  121 HOH C O   
651 O O   . HOH F .  ? 0.0930 0.0964 0.0740 -0.0127 0.0141  0.0123  122 HOH C O   
652 O O   . HOH F .  ? 0.1319 0.1098 0.1709 -0.0160 -0.0675 -0.0128 123 HOH C O   
653 O O   . HOH F .  ? 0.0813 0.0923 0.0472 -0.0002 -0.0180 -0.0053 124 HOH C O   
654 O O   . HOH F .  ? 0.3167 0.3039 0.2315 -0.1243 -0.0231 0.0536  125 HOH C O   
655 O O   . HOH F .  ? 0.0515 0.1246 0.0649 0.0034  0.0044  -0.0131 126 HOH C O   
656 O O   . HOH F .  ? 0.4813 0.2731 0.1425 -0.1338 0.0543  0.0192  127 HOH C O   
657 O O   . HOH F .  ? 0.1605 0.1129 0.0592 0.0213  0.0083  0.0109  128 HOH C O   
658 O O   . HOH F .  ? 0.0669 0.0785 0.0637 0.0040  0.0004  0.0007  129 HOH C O   
659 O O   . HOH F .  ? 0.0825 0.1267 0.1201 0.0035  -0.0106 -0.0259 130 HOH C O   
660 O O   . HOH F .  ? 0.1347 0.1817 0.2902 -0.0502 -0.0056 -0.0627 131 HOH C O   
661 O O   . HOH F .  ? 0.1877 0.2555 0.2016 -0.1287 0.0547  -0.0463 132 HOH C O   
662 O O   . HOH F .  ? 0.1294 0.2020 0.1808 -0.0399 0.0213  -0.0736 133 HOH C O   
663 O O   . HOH F .  ? 0.1945 0.1136 0.1090 0.0183  -0.0010 0.0256  134 HOH C O   
664 O O   . HOH F .  ? 0.2784 0.2456 0.2079 0.1256  0.1079  0.1059  135 HOH C O   
665 O O   . HOH F .  ? 0.2021 0.1168 0.6790 0.0413  -0.1995 -0.0416 136 HOH C O   
666 O O   . HOH F .  ? 0.1977 0.1312 0.2154 0.0126  0.0592  0.0222  137 HOH C O   
667 O O   . HOH F .  ? 0.1952 0.1788 0.2337 -0.0198 -0.0864 0.0384  138 HOH C O   
668 O O   A HOH F .  ? 0.1328 0.0967 0.1835 -0.0151 -0.1124 0.0296  139 HOH C O   
669 O O   B HOH F .  ? 0.2730 0.1810 0.1207 -0.0356 -0.0403 -0.0002 140 HOH C O   
670 O O   B HOH F .  ? 0.0403 0.0861 0.0989 -0.0073 -0.0255 -0.0190 141 HOH C O   
671 O O   A HOH F .  ? 0.1728 0.3037 0.1204 0.0853  0.0351  0.1069  142 HOH C O   
672 O O   . HOH F .  ? 0.1334 0.1600 0.2167 0.0420  -0.0695 -0.0385 143 HOH C O   
673 O O   B HOH F .  ? 0.2665 0.1091 0.1473 -0.0387 -0.0670 -0.0051 144 HOH C O   
674 O O   . HOH F .  ? 0.0730 0.1075 0.0805 -0.0080 0.0083  -0.0017 145 HOH C O   
675 O O   A HOH F .  ? 0.2465 0.0878 0.1042 0.0009  -0.1122 -0.0068 146 HOH C O   
676 O O   . HOH F .  ? 0.0665 0.0880 0.0644 0.0138  -0.0024 -0.0164 147 HOH C O   
677 O O   . HOH F .  ? 0.2074 0.2144 0.1951 0.0649  -0.0194 0.0106  148 HOH C O   
678 O O   . HOH F .  ? 0.1898 0.1997 0.1533 -0.0433 0.0366  0.0075  149 HOH C O   
679 O O   . HOH F .  ? 0.0852 0.1144 0.0672 -0.0022 -0.0082 -0.0225 150 HOH C O   
680 O O   . HOH F .  ? 0.0841 0.0935 0.0662 -0.0150 0.0037  -0.0206 151 HOH C O   
681 O O   A HOH F .  ? 0.3414 0.3450 0.1405 0.2246  0.0522  0.1676  152 HOH C O   
682 O O   . HOH F .  ? 0.1939 0.2189 0.1362 0.0687  0.0101  0.0228  153 HOH C O   
683 O O   . HOH F .  ? 0.2520 0.1854 0.1613 0.0545  -0.0694 -0.0446 154 HOH C O   
684 O O   A HOH F .  ? 0.0657 0.0698 0.1047 0.0289  -0.0319 0.0129  155 HOH C O   
685 O O   . HOH F .  ? 0.4023 0.5403 0.4421 -0.2174 0.0512  -0.0517 156 HOH C O   
686 O O   . HOH F .  ? 0.2424 0.2941 0.3306 0.0568  -0.0172 -0.1380 157 HOH C O   
# 
